data_6BPH
# 
_entry.id   6BPH 
# 
_audit_conform.dict_name       mmcif_pdbx.dic 
_audit_conform.dict_version    5.398 
_audit_conform.dict_location   http://mmcif.pdb.org/dictionaries/ascii/mmcif_pdbx.dic 
# 
loop_
_database_2.database_id 
_database_2.database_code 
_database_2.pdbx_database_accession 
_database_2.pdbx_DOI 
PDB   6BPH         pdb_00006bph 10.2210/pdb6bph/pdb 
WWPDB D_1000231241 ?            ?                   
# 
loop_
_pdbx_audit_revision_history.ordinal 
_pdbx_audit_revision_history.data_content_type 
_pdbx_audit_revision_history.major_revision 
_pdbx_audit_revision_history.minor_revision 
_pdbx_audit_revision_history.revision_date 
1 'Structure model' 1 0 2017-12-20 
2 'Structure model' 1 1 2018-02-21 
3 'Structure model' 1 2 2018-02-28 
4 'Structure model' 1 3 2023-10-04 
5 'Structure model' 1 4 2024-11-06 
# 
_pdbx_audit_revision_details.ordinal             1 
_pdbx_audit_revision_details.revision_ordinal    1 
_pdbx_audit_revision_details.data_content_type   'Structure model' 
_pdbx_audit_revision_details.provider            repository 
_pdbx_audit_revision_details.type                'Initial release' 
_pdbx_audit_revision_details.description         ? 
_pdbx_audit_revision_details.details             ? 
# 
loop_
_pdbx_audit_revision_group.ordinal 
_pdbx_audit_revision_group.revision_ordinal 
_pdbx_audit_revision_group.data_content_type 
_pdbx_audit_revision_group.group 
1 2 'Structure model' 'Database references'    
2 3 'Structure model' 'Database references'    
3 4 'Structure model' 'Data collection'        
4 4 'Structure model' 'Database references'    
5 4 'Structure model' 'Refinement description' 
6 5 'Structure model' 'Structure summary'      
# 
loop_
_pdbx_audit_revision_category.ordinal 
_pdbx_audit_revision_category.revision_ordinal 
_pdbx_audit_revision_category.data_content_type 
_pdbx_audit_revision_category.category 
1 2 'Structure model' citation                      
2 2 'Structure model' citation_author               
3 3 'Structure model' citation                      
4 4 'Structure model' chem_comp_atom                
5 4 'Structure model' chem_comp_bond                
6 4 'Structure model' database_2                    
7 4 'Structure model' pdbx_initial_refinement_model 
8 5 'Structure model' pdbx_entry_details            
9 5 'Structure model' pdbx_modification_feature     
# 
loop_
_pdbx_audit_revision_item.ordinal 
_pdbx_audit_revision_item.revision_ordinal 
_pdbx_audit_revision_item.data_content_type 
_pdbx_audit_revision_item.item 
1  2 'Structure model' '_citation.country'                   
2  2 'Structure model' '_citation.journal_abbrev'            
3  2 'Structure model' '_citation.journal_id_ASTM'           
4  2 'Structure model' '_citation.journal_id_CSD'            
5  2 'Structure model' '_citation.journal_id_ISSN'           
6  2 'Structure model' '_citation.pdbx_database_id_DOI'      
7  2 'Structure model' '_citation.pdbx_database_id_PubMed'   
8  2 'Structure model' '_citation.title'                     
9  2 'Structure model' '_citation.year'                      
10 3 'Structure model' '_citation.journal_volume'            
11 3 'Structure model' '_citation.page_first'                
12 3 'Structure model' '_citation.page_last'                 
13 4 'Structure model' '_database_2.pdbx_DOI'                
14 4 'Structure model' '_database_2.pdbx_database_accession' 
# 
_pdbx_database_status.status_code                     REL 
_pdbx_database_status.status_code_sf                  REL 
_pdbx_database_status.status_code_mr                  ? 
_pdbx_database_status.entry_id                        6BPH 
_pdbx_database_status.recvd_initial_deposition_date   2017-11-23 
_pdbx_database_status.SG_entry                        Y 
_pdbx_database_status.deposit_site                    RCSB 
_pdbx_database_status.process_site                    RCSB 
_pdbx_database_status.status_code_cs                  ? 
_pdbx_database_status.methods_development_category    ? 
_pdbx_database_status.pdb_format_compatible           Y 
_pdbx_database_status.status_code_nmr_data            ? 
# 
loop_
_audit_author.name 
_audit_author.pdbx_ordinal 
_audit_author.identifier_ORCID 
'Liu, Y.'                              1 ? 
'Tempel, W.'                           2 ? 
'Bountra, C.'                          3 ? 
'Arrowsmith, C.H.'                     4 ? 
'Edwards, A.M.'                        5 ? 
'Min, J.'                              6 ? 
'Structural Genomics Consortium (SGC)' 7 ? 
# 
_citation.abstract                  ? 
_citation.abstract_id_CAS           ? 
_citation.book_id_ISBN              ? 
_citation.book_publisher            ? 
_citation.book_publisher_city       ? 
_citation.book_title                ? 
_citation.coordinate_linkage        ? 
_citation.country                   US 
_citation.database_id_Medline       ? 
_citation.details                   ? 
_citation.id                        primary 
_citation.journal_abbrev            'Biochem. Biophys. Res. Commun.' 
_citation.journal_id_ASTM           BBRCA9 
_citation.journal_id_CSD            0146 
_citation.journal_id_ISSN           1090-2104 
_citation.journal_full              ? 
_citation.journal_issue             ? 
_citation.journal_volume            496 
_citation.language                  ? 
_citation.page_first                1344 
_citation.page_last                 1348 
_citation.title                     'Crystal structure of chromo barrel domain of RBBP1.' 
_citation.year                      2018 
_citation.database_id_CSD           ? 
_citation.pdbx_database_id_DOI      10.1016/j.bbrc.2018.02.016 
_citation.pdbx_database_id_PubMed   29408527 
_citation.unpublished_flag          ? 
# 
loop_
_citation_author.citation_id 
_citation_author.name 
_citation_author.ordinal 
_citation_author.identifier_ORCID 
primary 'Lei, M.'     1 ? 
primary 'Feng, Y.'    2 ? 
primary 'Zhou, M.'    3 ? 
primary 'Yang, Y.'    4 ? 
primary 'Loppnau, P.' 5 ? 
primary 'Li, Y.'      6 ? 
primary 'Yang, Y.'    7 ? 
primary 'Liu, Y.'     8 ? 
# 
loop_
_entity.id 
_entity.type 
_entity.src_method 
_entity.pdbx_description 
_entity.formula_weight 
_entity.pdbx_number_of_molecules 
_entity.pdbx_ec 
_entity.pdbx_mutation 
_entity.pdbx_fragment 
_entity.details 
1 polymer     man 'AT-rich interactive domain-containing protein 4A' 8068.156 1  ? ? ? ? 
2 non-polymer syn 'UNKNOWN ATOM OR ION'                              ?        17 ? ? ? ? 
3 water       nat water                                              18.015   24 ? ? ? ? 
# 
_entity_name_com.entity_id   1 
_entity_name_com.name        'ARID domain-containing protein 4A,Retinoblastoma-binding protein 1,RBBP-1' 
# 
_entity_poly.entity_id                      1 
_entity_poly.type                           'polypeptide(L)' 
_entity_poly.nstd_linkage                   no 
_entity_poly.nstd_monomer                   no 
_entity_poly.pdbx_seq_one_letter_code       GEDMEPCLTGTKVKVKYGRGKTQKIYEASIKSTEIDDGEVLYLVHYYGWNVRYDEWVKADRIIWPLDKG 
_entity_poly.pdbx_seq_one_letter_code_can   GEDMEPCLTGTKVKVKYGRGKTQKIYEASIKSTEIDDGEVLYLVHYYGWNVRYDEWVKADRIIWPLDKG 
_entity_poly.pdbx_strand_id                 A 
_entity_poly.pdbx_target_identifier         ? 
# 
loop_
_pdbx_entity_nonpoly.entity_id 
_pdbx_entity_nonpoly.name 
_pdbx_entity_nonpoly.comp_id 
2 'UNKNOWN ATOM OR ION' UNX 
3 water                 HOH 
# 
loop_
_entity_poly_seq.entity_id 
_entity_poly_seq.num 
_entity_poly_seq.mon_id 
_entity_poly_seq.hetero 
1 1  GLY n 
1 2  GLU n 
1 3  ASP n 
1 4  MET n 
1 5  GLU n 
1 6  PRO n 
1 7  CYS n 
1 8  LEU n 
1 9  THR n 
1 10 GLY n 
1 11 THR n 
1 12 LYS n 
1 13 VAL n 
1 14 LYS n 
1 15 VAL n 
1 16 LYS n 
1 17 TYR n 
1 18 GLY n 
1 19 ARG n 
1 20 GLY n 
1 21 LYS n 
1 22 THR n 
1 23 GLN n 
1 24 LYS n 
1 25 ILE n 
1 26 TYR n 
1 27 GLU n 
1 28 ALA n 
1 29 SER n 
1 30 ILE n 
1 31 LYS n 
1 32 SER n 
1 33 THR n 
1 34 GLU n 
1 35 ILE n 
1 36 ASP n 
1 37 ASP n 
1 38 GLY n 
1 39 GLU n 
1 40 VAL n 
1 41 LEU n 
1 42 TYR n 
1 43 LEU n 
1 44 VAL n 
1 45 HIS n 
1 46 TYR n 
1 47 TYR n 
1 48 GLY n 
1 49 TRP n 
1 50 ASN n 
1 51 VAL n 
1 52 ARG n 
1 53 TYR n 
1 54 ASP n 
1 55 GLU n 
1 56 TRP n 
1 57 VAL n 
1 58 LYS n 
1 59 ALA n 
1 60 ASP n 
1 61 ARG n 
1 62 ILE n 
1 63 ILE n 
1 64 TRP n 
1 65 PRO n 
1 66 LEU n 
1 67 ASP n 
1 68 LYS n 
1 69 GLY n 
# 
_entity_src_gen.entity_id                          1 
_entity_src_gen.pdbx_src_id                        1 
_entity_src_gen.pdbx_alt_source_flag               sample 
_entity_src_gen.pdbx_seq_type                      'Biological sequence' 
_entity_src_gen.pdbx_beg_seq_num                   1 
_entity_src_gen.pdbx_end_seq_num                   69 
_entity_src_gen.gene_src_common_name               Human 
_entity_src_gen.gene_src_genus                     ? 
_entity_src_gen.pdbx_gene_src_gene                 'ARID4A, RBBP1, RBP1' 
_entity_src_gen.gene_src_species                   ? 
_entity_src_gen.gene_src_strain                    ? 
_entity_src_gen.gene_src_tissue                    ? 
_entity_src_gen.gene_src_tissue_fraction           ? 
_entity_src_gen.gene_src_details                   ? 
_entity_src_gen.pdbx_gene_src_fragment             ? 
_entity_src_gen.pdbx_gene_src_scientific_name      'Homo sapiens' 
_entity_src_gen.pdbx_gene_src_ncbi_taxonomy_id     9606 
_entity_src_gen.pdbx_gene_src_variant              ? 
_entity_src_gen.pdbx_gene_src_cell_line            ? 
_entity_src_gen.pdbx_gene_src_atcc                 ? 
_entity_src_gen.pdbx_gene_src_organ                ? 
_entity_src_gen.pdbx_gene_src_organelle            ? 
_entity_src_gen.pdbx_gene_src_cell                 ? 
_entity_src_gen.pdbx_gene_src_cellular_location    ? 
_entity_src_gen.host_org_common_name               ? 
_entity_src_gen.pdbx_host_org_scientific_name      'Escherichia coli' 
_entity_src_gen.pdbx_host_org_ncbi_taxonomy_id     562 
_entity_src_gen.host_org_genus                     ? 
_entity_src_gen.pdbx_host_org_gene                 ? 
_entity_src_gen.pdbx_host_org_organ                ? 
_entity_src_gen.host_org_species                   ? 
_entity_src_gen.pdbx_host_org_tissue               ? 
_entity_src_gen.pdbx_host_org_tissue_fraction      ? 
_entity_src_gen.pdbx_host_org_strain               'BL21(DE3)-V2R-pRARE2' 
_entity_src_gen.pdbx_host_org_variant              ? 
_entity_src_gen.pdbx_host_org_cell_line            ? 
_entity_src_gen.pdbx_host_org_atcc                 ? 
_entity_src_gen.pdbx_host_org_culture_collection   ? 
_entity_src_gen.pdbx_host_org_cell                 ? 
_entity_src_gen.pdbx_host_org_organelle            ? 
_entity_src_gen.pdbx_host_org_cellular_location    ? 
_entity_src_gen.pdbx_host_org_vector_type          plasmid 
_entity_src_gen.pdbx_host_org_vector               ? 
_entity_src_gen.host_org_details                   ? 
_entity_src_gen.expression_system_id               ? 
_entity_src_gen.plasmid_name                       pET28-MHL 
_entity_src_gen.plasmid_details                    ? 
_entity_src_gen.pdbx_description                   ? 
# 
loop_
_chem_comp.id 
_chem_comp.type 
_chem_comp.mon_nstd_flag 
_chem_comp.name 
_chem_comp.pdbx_synonyms 
_chem_comp.formula 
_chem_comp.formula_weight 
ALA 'L-peptide linking' y ALANINE               ? 'C3 H7 N O2'     89.093  
ARG 'L-peptide linking' y ARGININE              ? 'C6 H15 N4 O2 1' 175.209 
ASN 'L-peptide linking' y ASPARAGINE            ? 'C4 H8 N2 O3'    132.118 
ASP 'L-peptide linking' y 'ASPARTIC ACID'       ? 'C4 H7 N O4'     133.103 
CYS 'L-peptide linking' y CYSTEINE              ? 'C3 H7 N O2 S'   121.158 
GLN 'L-peptide linking' y GLUTAMINE             ? 'C5 H10 N2 O3'   146.144 
GLU 'L-peptide linking' y 'GLUTAMIC ACID'       ? 'C5 H9 N O4'     147.129 
GLY 'peptide linking'   y GLYCINE               ? 'C2 H5 N O2'     75.067  
HIS 'L-peptide linking' y HISTIDINE             ? 'C6 H10 N3 O2 1' 156.162 
HOH non-polymer         . WATER                 ? 'H2 O'           18.015  
ILE 'L-peptide linking' y ISOLEUCINE            ? 'C6 H13 N O2'    131.173 
LEU 'L-peptide linking' y LEUCINE               ? 'C6 H13 N O2'    131.173 
LYS 'L-peptide linking' y LYSINE                ? 'C6 H15 N2 O2 1' 147.195 
MET 'L-peptide linking' y METHIONINE            ? 'C5 H11 N O2 S'  149.211 
PRO 'L-peptide linking' y PROLINE               ? 'C5 H9 N O2'     115.130 
SER 'L-peptide linking' y SERINE                ? 'C3 H7 N O3'     105.093 
THR 'L-peptide linking' y THREONINE             ? 'C4 H9 N O3'     119.119 
TRP 'L-peptide linking' y TRYPTOPHAN            ? 'C11 H12 N2 O2'  204.225 
TYR 'L-peptide linking' y TYROSINE              ? 'C9 H11 N O3'    181.189 
UNX non-polymer         . 'UNKNOWN ATOM OR ION' ? ?                ?       
VAL 'L-peptide linking' y VALINE                ? 'C5 H11 N O2'    117.146 
# 
loop_
_pdbx_poly_seq_scheme.asym_id 
_pdbx_poly_seq_scheme.entity_id 
_pdbx_poly_seq_scheme.seq_id 
_pdbx_poly_seq_scheme.mon_id 
_pdbx_poly_seq_scheme.ndb_seq_num 
_pdbx_poly_seq_scheme.pdb_seq_num 
_pdbx_poly_seq_scheme.auth_seq_num 
_pdbx_poly_seq_scheme.pdb_mon_id 
_pdbx_poly_seq_scheme.auth_mon_id 
_pdbx_poly_seq_scheme.pdb_strand_id 
_pdbx_poly_seq_scheme.pdb_ins_code 
_pdbx_poly_seq_scheme.hetero 
A 1 1  GLY 1  567 ?   ?   ?   A . n 
A 1 2  GLU 2  568 ?   ?   ?   A . n 
A 1 3  ASP 3  569 ?   ?   ?   A . n 
A 1 4  MET 4  570 570 MET MET A . n 
A 1 5  GLU 5  571 571 GLU GLU A . n 
A 1 6  PRO 6  572 572 PRO PRO A . n 
A 1 7  CYS 7  573 573 CYS CYS A . n 
A 1 8  LEU 8  574 574 LEU LEU A . n 
A 1 9  THR 9  575 575 THR THR A . n 
A 1 10 GLY 10 576 576 GLY GLY A . n 
A 1 11 THR 11 577 577 THR THR A . n 
A 1 12 LYS 12 578 578 LYS LYS A . n 
A 1 13 VAL 13 579 579 VAL VAL A . n 
A 1 14 LYS 14 580 580 LYS LYS A . n 
A 1 15 VAL 15 581 581 VAL VAL A . n 
A 1 16 LYS 16 582 582 LYS LYS A . n 
A 1 17 TYR 17 583 583 TYR TYR A . n 
A 1 18 GLY 18 584 584 GLY GLY A . n 
A 1 19 ARG 19 585 585 ARG ARG A . n 
A 1 20 GLY 20 586 586 GLY GLY A . n 
A 1 21 LYS 21 587 587 LYS LYS A . n 
A 1 22 THR 22 588 588 THR THR A . n 
A 1 23 GLN 23 589 589 GLN GLN A . n 
A 1 24 LYS 24 590 590 LYS LYS A . n 
A 1 25 ILE 25 591 591 ILE ILE A . n 
A 1 26 TYR 26 592 592 TYR TYR A . n 
A 1 27 GLU 27 593 593 GLU GLU A . n 
A 1 28 ALA 28 594 594 ALA ALA A . n 
A 1 29 SER 29 595 595 SER SER A . n 
A 1 30 ILE 30 596 596 ILE ILE A . n 
A 1 31 LYS 31 597 597 LYS LYS A . n 
A 1 32 SER 32 598 598 SER SER A . n 
A 1 33 THR 33 599 599 THR THR A . n 
A 1 34 GLU 34 600 600 GLU GLU A . n 
A 1 35 ILE 35 601 601 ILE ILE A . n 
A 1 36 ASP 36 602 602 ASP ASP A . n 
A 1 37 ASP 37 603 603 ASP ASP A . n 
A 1 38 GLY 38 604 604 GLY GLY A . n 
A 1 39 GLU 39 605 605 GLU GLU A . n 
A 1 40 VAL 40 606 606 VAL VAL A . n 
A 1 41 LEU 41 607 607 LEU LEU A . n 
A 1 42 TYR 42 608 608 TYR TYR A . n 
A 1 43 LEU 43 609 609 LEU LEU A . n 
A 1 44 VAL 44 610 610 VAL VAL A . n 
A 1 45 HIS 45 611 611 HIS HIS A . n 
A 1 46 TYR 46 612 612 TYR TYR A . n 
A 1 47 TYR 47 613 613 TYR TYR A . n 
A 1 48 GLY 48 614 614 GLY GLY A . n 
A 1 49 TRP 49 615 615 TRP TRP A . n 
A 1 50 ASN 50 616 616 ASN ASN A . n 
A 1 51 VAL 51 617 617 VAL VAL A . n 
A 1 52 ARG 52 618 618 ARG ARG A . n 
A 1 53 TYR 53 619 619 TYR TYR A . n 
A 1 54 ASP 54 620 620 ASP ASP A . n 
A 1 55 GLU 55 621 621 GLU GLU A . n 
A 1 56 TRP 56 622 622 TRP TRP A . n 
A 1 57 VAL 57 623 623 VAL VAL A . n 
A 1 58 LYS 58 624 624 LYS LYS A . n 
A 1 59 ALA 59 625 625 ALA ALA A . n 
A 1 60 ASP 60 626 626 ASP ASP A . n 
A 1 61 ARG 61 627 627 ARG ARG A . n 
A 1 62 ILE 62 628 628 ILE ILE A . n 
A 1 63 ILE 63 629 629 ILE ILE A . n 
A 1 64 TRP 64 630 630 TRP TRP A . n 
A 1 65 PRO 65 631 631 PRO PRO A . n 
A 1 66 LEU 66 632 632 LEU LEU A . n 
A 1 67 ASP 67 633 633 ASP ASP A . n 
A 1 68 LYS 68 634 634 LYS LYS A . n 
A 1 69 GLY 69 635 635 GLY GLY A . n 
# 
loop_
_pdbx_nonpoly_scheme.asym_id 
_pdbx_nonpoly_scheme.entity_id 
_pdbx_nonpoly_scheme.mon_id 
_pdbx_nonpoly_scheme.ndb_seq_num 
_pdbx_nonpoly_scheme.pdb_seq_num 
_pdbx_nonpoly_scheme.auth_seq_num 
_pdbx_nonpoly_scheme.pdb_mon_id 
_pdbx_nonpoly_scheme.auth_mon_id 
_pdbx_nonpoly_scheme.pdb_strand_id 
_pdbx_nonpoly_scheme.pdb_ins_code 
B 2 UNX 1  701 8  UNX UNX A . 
C 2 UNX 1  702 1  UNX UNX A . 
D 2 UNX 1  703 2  UNX UNX A . 
E 2 UNX 1  704 3  UNX UNX A . 
F 2 UNX 1  705 5  UNX UNX A . 
G 2 UNX 1  706 6  UNX UNX A . 
H 2 UNX 1  707 7  UNX UNX A . 
I 2 UNX 1  708 8  UNX UNX A . 
J 2 UNX 1  709 9  UNX UNX A . 
K 2 UNX 1  710 10 UNX UNX A . 
L 2 UNX 1  711 11 UNX UNX A . 
M 2 UNX 1  712 12 UNX UNX A . 
N 2 UNX 1  713 13 UNX UNX A . 
O 2 UNX 1  714 15 UNX UNX A . 
P 2 UNX 1  715 16 UNX UNX A . 
Q 2 UNX 1  716 17 UNX UNX A . 
R 2 UNX 1  717 18 UNX UNX A . 
S 3 HOH 1  801 20 HOH HOH A . 
S 3 HOH 2  802 12 HOH HOH A . 
S 3 HOH 3  803 9  HOH HOH A . 
S 3 HOH 4  804 34 HOH HOH A . 
S 3 HOH 5  805 38 HOH HOH A . 
S 3 HOH 6  806 35 HOH HOH A . 
S 3 HOH 7  807 15 HOH HOH A . 
S 3 HOH 8  808 3  HOH HOH A . 
S 3 HOH 9  809 29 HOH HOH A . 
S 3 HOH 10 810 25 HOH HOH A . 
S 3 HOH 11 811 19 HOH HOH A . 
S 3 HOH 12 812 37 HOH HOH A . 
S 3 HOH 13 813 24 HOH HOH A . 
S 3 HOH 14 814 13 HOH HOH A . 
S 3 HOH 15 815 32 HOH HOH A . 
S 3 HOH 16 816 36 HOH HOH A . 
S 3 HOH 17 817 14 HOH HOH A . 
S 3 HOH 18 818 33 HOH HOH A . 
S 3 HOH 19 819 7  HOH HOH A . 
S 3 HOH 20 820 10 HOH HOH A . 
S 3 HOH 21 821 28 HOH HOH A . 
S 3 HOH 22 822 23 HOH HOH A . 
S 3 HOH 23 823 4  HOH HOH A . 
S 3 HOH 24 824 27 HOH HOH A . 
# 
loop_
_pdbx_unobs_or_zero_occ_atoms.id 
_pdbx_unobs_or_zero_occ_atoms.PDB_model_num 
_pdbx_unobs_or_zero_occ_atoms.polymer_flag 
_pdbx_unobs_or_zero_occ_atoms.occupancy_flag 
_pdbx_unobs_or_zero_occ_atoms.auth_asym_id 
_pdbx_unobs_or_zero_occ_atoms.auth_comp_id 
_pdbx_unobs_or_zero_occ_atoms.auth_seq_id 
_pdbx_unobs_or_zero_occ_atoms.PDB_ins_code 
_pdbx_unobs_or_zero_occ_atoms.auth_atom_id 
_pdbx_unobs_or_zero_occ_atoms.label_alt_id 
_pdbx_unobs_or_zero_occ_atoms.label_asym_id 
_pdbx_unobs_or_zero_occ_atoms.label_comp_id 
_pdbx_unobs_or_zero_occ_atoms.label_seq_id 
_pdbx_unobs_or_zero_occ_atoms.label_atom_id 
1  1 Y 1 A MET 570 ? N   ? A MET 4  N   
2  1 Y 1 A MET 570 ? CB  ? A MET 4  CB  
3  1 Y 1 A MET 570 ? CG  ? A MET 4  CG  
4  1 Y 1 A MET 570 ? SD  ? A MET 4  SD  
5  1 Y 1 A MET 570 ? CE  ? A MET 4  CE  
6  1 Y 1 A GLU 571 ? CG  ? A GLU 5  CG  
7  1 Y 1 A GLU 571 ? CD  ? A GLU 5  CD  
8  1 Y 1 A GLU 571 ? OE1 ? A GLU 5  OE1 
9  1 Y 1 A GLU 571 ? OE2 ? A GLU 5  OE2 
10 1 Y 1 A LYS 582 ? NZ  ? A LYS 16 NZ  
11 1 Y 1 A ARG 585 ? CG  ? A ARG 19 CG  
12 1 Y 1 A ARG 585 ? CD  ? A ARG 19 CD  
13 1 Y 1 A ARG 585 ? NE  ? A ARG 19 NE  
14 1 Y 1 A ARG 585 ? CZ  ? A ARG 19 CZ  
15 1 Y 1 A ARG 585 ? NH1 ? A ARG 19 NH1 
16 1 Y 1 A ARG 585 ? NH2 ? A ARG 19 NH2 
17 1 Y 1 A LYS 590 ? CG  ? A LYS 24 CG  
18 1 Y 1 A LYS 590 ? CD  ? A LYS 24 CD  
19 1 Y 1 A LYS 590 ? CE  ? A LYS 24 CE  
20 1 Y 1 A LYS 590 ? NZ  ? A LYS 24 NZ  
21 1 Y 1 A LYS 624 ? CD  ? A LYS 58 CD  
22 1 Y 1 A LYS 624 ? CE  ? A LYS 58 CE  
23 1 Y 1 A LYS 624 ? NZ  ? A LYS 58 NZ  
24 1 Y 1 A GLY 635 ? C   ? A GLY 69 C   
25 1 Y 1 A GLY 635 ? O   ? A GLY 69 O   
# 
loop_
_software.citation_id 
_software.classification 
_software.compiler_name 
_software.compiler_version 
_software.contact_author 
_software.contact_author_email 
_software.date 
_software.description 
_software.dependencies 
_software.hardware 
_software.language 
_software.location 
_software.mods 
_software.name 
_software.os 
_software.os_version 
_software.type 
_software.version 
_software.pdbx_ordinal 
? refinement        ? ? ? ? ? ? ? ? ? ? ? BUSTER      ? ? ? 2.10.2 1 
? 'data scaling'    ? ? ? ? ? ? ? ? ? ? ? Aimless     ? ? ? 0.5.32 2 
? 'data extraction' ? ? ? ? ? ? ? ? ? ? ? PDB_EXTRACT ? ? ? 3.22   3 
? 'data reduction'  ? ? ? ? ? ? ? ? ? ? ? XDS         ? ? ? .      4 
? phasing           ? ? ? ? ? ? ? ? ? ? ? PHASER      ? ? ? .      5 
# 
_cell.angle_alpha                  90.000 
_cell.angle_alpha_esd              ? 
_cell.angle_beta                   90.000 
_cell.angle_beta_esd               ? 
_cell.angle_gamma                  90.000 
_cell.angle_gamma_esd              ? 
_cell.entry_id                     6BPH 
_cell.details                      ? 
_cell.formula_units_Z              ? 
_cell.length_a                     41.493 
_cell.length_a_esd                 ? 
_cell.length_b                     41.493 
_cell.length_b_esd                 ? 
_cell.length_c                     81.349 
_cell.length_c_esd                 ? 
_cell.volume                       ? 
_cell.volume_esd                   ? 
_cell.Z_PDB                        8 
_cell.reciprocal_angle_alpha       ? 
_cell.reciprocal_angle_beta        ? 
_cell.reciprocal_angle_gamma       ? 
_cell.reciprocal_angle_alpha_esd   ? 
_cell.reciprocal_angle_beta_esd    ? 
_cell.reciprocal_angle_gamma_esd   ? 
_cell.reciprocal_length_a          ? 
_cell.reciprocal_length_b          ? 
_cell.reciprocal_length_c          ? 
_cell.reciprocal_length_a_esd      ? 
_cell.reciprocal_length_b_esd      ? 
_cell.reciprocal_length_c_esd      ? 
_cell.pdbx_unique_axis             ? 
# 
_symmetry.entry_id                         6BPH 
_symmetry.cell_setting                     ? 
_symmetry.Int_Tables_number                96 
_symmetry.space_group_name_Hall            ? 
_symmetry.space_group_name_H-M             'P 43 21 2' 
_symmetry.pdbx_full_space_group_name_H-M   ? 
# 
_exptl.absorpt_coefficient_mu     ? 
_exptl.absorpt_correction_T_max   ? 
_exptl.absorpt_correction_T_min   ? 
_exptl.absorpt_correction_type    ? 
_exptl.absorpt_process_details    ? 
_exptl.entry_id                   6BPH 
_exptl.crystals_number            1 
_exptl.details                    ? 
_exptl.method                     'X-RAY DIFFRACTION' 
_exptl.method_details             ? 
# 
_exptl_crystal.colour                      ? 
_exptl_crystal.density_diffrn              ? 
_exptl_crystal.density_Matthews            2.17 
_exptl_crystal.density_method              ? 
_exptl_crystal.density_percent_sol         43.32 
_exptl_crystal.description                 ? 
_exptl_crystal.F_000                       ? 
_exptl_crystal.id                          1 
_exptl_crystal.preparation                 ? 
_exptl_crystal.size_max                    ? 
_exptl_crystal.size_mid                    ? 
_exptl_crystal.size_min                    ? 
_exptl_crystal.size_rad                    ? 
_exptl_crystal.colour_lustre               ? 
_exptl_crystal.colour_modifier             ? 
_exptl_crystal.colour_primary              ? 
_exptl_crystal.density_meas                ? 
_exptl_crystal.density_meas_esd            ? 
_exptl_crystal.density_meas_gt             ? 
_exptl_crystal.density_meas_lt             ? 
_exptl_crystal.density_meas_temp           ? 
_exptl_crystal.density_meas_temp_esd       ? 
_exptl_crystal.density_meas_temp_gt        ? 
_exptl_crystal.density_meas_temp_lt        ? 
_exptl_crystal.pdbx_crystal_image_url      ? 
_exptl_crystal.pdbx_crystal_image_format   ? 
_exptl_crystal.pdbx_mosaicity              ? 
_exptl_crystal.pdbx_mosaicity_esd          ? 
# 
_exptl_crystal_grow.apparatus       ? 
_exptl_crystal_grow.atmosphere      ? 
_exptl_crystal_grow.crystal_id      1 
_exptl_crystal_grow.details         ? 
_exptl_crystal_grow.method          'VAPOR DIFFUSION, SITTING DROP' 
_exptl_crystal_grow.method_ref      ? 
_exptl_crystal_grow.pH              7.5 
_exptl_crystal_grow.pressure        ? 
_exptl_crystal_grow.pressure_esd    ? 
_exptl_crystal_grow.seeding         ? 
_exptl_crystal_grow.seeding_ref     ? 
_exptl_crystal_grow.temp            293 
_exptl_crystal_grow.temp_details    ? 
_exptl_crystal_grow.temp_esd        ? 
_exptl_crystal_grow.time            ? 
_exptl_crystal_grow.pdbx_details    '25% PEG 3350, 0.2M magnesium chloride, 0.1M HEPES, pH 7.5' 
_exptl_crystal_grow.pdbx_pH_range   ? 
# 
_diffrn.ambient_environment    ? 
_diffrn.ambient_temp           100 
_diffrn.ambient_temp_details   ? 
_diffrn.ambient_temp_esd       ? 
_diffrn.crystal_id             1 
_diffrn.crystal_support        ? 
_diffrn.crystal_treatment      ? 
_diffrn.details                ? 
_diffrn.id                     1 
_diffrn.ambient_pressure       ? 
_diffrn.ambient_pressure_esd   ? 
_diffrn.ambient_pressure_gt    ? 
_diffrn.ambient_pressure_lt    ? 
_diffrn.ambient_temp_gt        ? 
_diffrn.ambient_temp_lt        ? 
# 
_diffrn_detector.details                      ? 
_diffrn_detector.detector                     CCD 
_diffrn_detector.diffrn_id                    1 
_diffrn_detector.type                         'RIGAKU SATURN A200' 
_diffrn_detector.area_resol_mean              ? 
_diffrn_detector.dtime                        ? 
_diffrn_detector.pdbx_frames_total            ? 
_diffrn_detector.pdbx_collection_time_total   ? 
_diffrn_detector.pdbx_collection_date         2013-03-18 
# 
_diffrn_radiation.collimation                      ? 
_diffrn_radiation.diffrn_id                        1 
_diffrn_radiation.filter_edge                      ? 
_diffrn_radiation.inhomogeneity                    ? 
_diffrn_radiation.monochromator                    ? 
_diffrn_radiation.polarisn_norm                    ? 
_diffrn_radiation.polarisn_ratio                   ? 
_diffrn_radiation.probe                            ? 
_diffrn_radiation.type                             ? 
_diffrn_radiation.xray_symbol                      ? 
_diffrn_radiation.wavelength_id                    1 
_diffrn_radiation.pdbx_monochromatic_or_laue_m_l   M 
_diffrn_radiation.pdbx_wavelength_list             ? 
_diffrn_radiation.pdbx_wavelength                  ? 
_diffrn_radiation.pdbx_diffrn_protocol             'SINGLE WAVELENGTH' 
_diffrn_radiation.pdbx_analyzer                    ? 
_diffrn_radiation.pdbx_scattering_type             x-ray 
# 
_diffrn_radiation_wavelength.id           1 
_diffrn_radiation_wavelength.wavelength   1.5418 
_diffrn_radiation_wavelength.wt           1.0 
# 
_diffrn_source.current                     ? 
_diffrn_source.details                     ? 
_diffrn_source.diffrn_id                   1 
_diffrn_source.power                       ? 
_diffrn_source.size                        ? 
_diffrn_source.source                      'ROTATING ANODE' 
_diffrn_source.target                      ? 
_diffrn_source.type                        'RIGAKU FR-E SUPERBRIGHT' 
_diffrn_source.voltage                     ? 
_diffrn_source.take-off_angle              ? 
_diffrn_source.pdbx_wavelength_list        1.5418 
_diffrn_source.pdbx_wavelength             ? 
_diffrn_source.pdbx_synchrotron_beamline   ? 
_diffrn_source.pdbx_synchrotron_site       ? 
# 
_reflns.B_iso_Wilson_estimate            25.030 
_reflns.entry_id                         6BPH 
_reflns.data_reduction_details           ? 
_reflns.data_reduction_method            ? 
_reflns.d_resolution_high                1.800 
_reflns.d_resolution_low                 36.970 
_reflns.details                          ? 
_reflns.limit_h_max                      ? 
_reflns.limit_h_min                      ? 
_reflns.limit_k_max                      ? 
_reflns.limit_k_min                      ? 
_reflns.limit_l_max                      ? 
_reflns.limit_l_min                      ? 
_reflns.number_all                       ? 
_reflns.number_obs                       7057 
_reflns.observed_criterion               ? 
_reflns.observed_criterion_F_max         ? 
_reflns.observed_criterion_F_min         ? 
_reflns.observed_criterion_I_max         ? 
_reflns.observed_criterion_I_min         ? 
_reflns.observed_criterion_sigma_F       ? 
_reflns.observed_criterion_sigma_I       ? 
_reflns.percent_possible_obs             99.600 
_reflns.R_free_details                   ? 
_reflns.Rmerge_F_all                     ? 
_reflns.Rmerge_F_obs                     ? 
_reflns.Friedel_coverage                 ? 
_reflns.number_gt                        ? 
_reflns.threshold_expression             ? 
_reflns.pdbx_redundancy                  13.100 
_reflns.pdbx_Rmerge_I_obs                0.072 
_reflns.pdbx_Rmerge_I_all                ? 
_reflns.pdbx_Rsym_value                  ? 
_reflns.pdbx_netI_over_av_sigmaI         ? 
_reflns.pdbx_netI_over_sigmaI            26.200 
_reflns.pdbx_res_netI_over_av_sigmaI_2   ? 
_reflns.pdbx_res_netI_over_sigmaI_2      ? 
_reflns.pdbx_chi_squared                 ? 
_reflns.pdbx_scaling_rejects             2 
_reflns.pdbx_d_res_high_opt              ? 
_reflns.pdbx_d_res_low_opt               ? 
_reflns.pdbx_d_res_opt_method            ? 
_reflns.phase_calculation_details        ? 
_reflns.pdbx_Rrim_I_all                  0.075 
_reflns.pdbx_Rpim_I_all                  0.020 
_reflns.pdbx_d_opt                       ? 
_reflns.pdbx_number_measured_all         92703 
_reflns.pdbx_diffrn_id                   1 
_reflns.pdbx_ordinal                     1 
_reflns.pdbx_CC_half                     1.000 
_reflns.pdbx_R_split                     ? 
# 
loop_
_reflns_shell.d_res_high 
_reflns_shell.d_res_low 
_reflns_shell.meanI_over_sigI_all 
_reflns_shell.meanI_over_sigI_obs 
_reflns_shell.number_measured_all 
_reflns_shell.number_measured_obs 
_reflns_shell.number_possible 
_reflns_shell.number_unique_all 
_reflns_shell.number_unique_obs 
_reflns_shell.percent_possible_all 
_reflns_shell.percent_possible_obs 
_reflns_shell.Rmerge_F_all 
_reflns_shell.Rmerge_F_obs 
_reflns_shell.Rmerge_I_all 
_reflns_shell.Rmerge_I_obs 
_reflns_shell.meanI_over_sigI_gt 
_reflns_shell.meanI_over_uI_all 
_reflns_shell.meanI_over_uI_gt 
_reflns_shell.number_measured_gt 
_reflns_shell.number_unique_gt 
_reflns_shell.percent_possible_gt 
_reflns_shell.Rmerge_F_gt 
_reflns_shell.Rmerge_I_gt 
_reflns_shell.pdbx_redundancy 
_reflns_shell.pdbx_Rsym_value 
_reflns_shell.pdbx_chi_squared 
_reflns_shell.pdbx_netI_over_sigmaI_all 
_reflns_shell.pdbx_netI_over_sigmaI_obs 
_reflns_shell.pdbx_Rrim_I_all 
_reflns_shell.pdbx_Rpim_I_all 
_reflns_shell.pdbx_rejects 
_reflns_shell.pdbx_ordinal 
_reflns_shell.pdbx_diffrn_id 
_reflns_shell.pdbx_CC_half 
_reflns_shell.pdbx_R_split 
1.800 1.840  ? ? 5174 ? ? 390 ? 98.800 ? ? ? ? 1.077 ? ? ? ? ? ? ? ? 13.300 ? ? ? 3.300  1.119 0.300 ? 1 1 0.919 ? 
9.000 36.970 ? ? 728  ? ? 84  ? 99.800 ? ? ? ? 0.026 ? ? ? ? ? ? ? ? 8.700  ? ? ? 69.700 0.027 0.009 ? 2 1 1.000 ? 
# 
_refine.aniso_B[1][1]                            -4.1544 
_refine.aniso_B[1][2]                            0.0000 
_refine.aniso_B[1][3]                            0.0000 
_refine.aniso_B[2][2]                            -4.1544 
_refine.aniso_B[2][3]                            0.0000 
_refine.aniso_B[3][3]                            8.3087 
_refine.B_iso_max                                85.750 
_refine.B_iso_mean                               31.0800 
_refine.B_iso_min                                10.420 
_refine.correlation_coeff_Fo_to_Fc               0.9310 
_refine.correlation_coeff_Fo_to_Fc_free          0.9090 
_refine.details                                  
'ARP/WARP was used for automated model re-building. REFMAC during intermediate iterations of model refinement.' 
_refine.diff_density_max                         ? 
_refine.diff_density_max_esd                     ? 
_refine.diff_density_min                         ? 
_refine.diff_density_min_esd                     ? 
_refine.diff_density_rms                         ? 
_refine.diff_density_rms_esd                     ? 
_refine.entry_id                                 6BPH 
_refine.pdbx_refine_id                           'X-RAY DIFFRACTION' 
_refine.ls_abs_structure_details                 ? 
_refine.ls_abs_structure_Flack                   ? 
_refine.ls_abs_structure_Flack_esd               ? 
_refine.ls_abs_structure_Rogers                  ? 
_refine.ls_abs_structure_Rogers_esd              ? 
_refine.ls_d_res_high                            1.8500 
_refine.ls_d_res_low                             36.9000 
_refine.ls_extinction_coef                       ? 
_refine.ls_extinction_coef_esd                   ? 
_refine.ls_extinction_expression                 ? 
_refine.ls_extinction_method                     ? 
_refine.ls_goodness_of_fit_all                   ? 
_refine.ls_goodness_of_fit_all_esd               ? 
_refine.ls_goodness_of_fit_obs                   ? 
_refine.ls_goodness_of_fit_obs_esd               ? 
_refine.ls_hydrogen_treatment                    ? 
_refine.ls_matrix_type                           ? 
_refine.ls_number_constraints                    ? 
_refine.ls_number_parameters                     ? 
_refine.ls_number_reflns_all                     ? 
_refine.ls_number_reflns_obs                     6508 
_refine.ls_number_reflns_R_free                  312 
_refine.ls_number_reflns_R_work                  ? 
_refine.ls_number_restraints                     ? 
_refine.ls_percent_reflns_obs                    99.5000 
_refine.ls_percent_reflns_R_free                 4.7900 
_refine.ls_R_factor_all                          ? 
_refine.ls_R_factor_obs                          0.2070 
_refine.ls_R_factor_R_free                       0.2260 
_refine.ls_R_factor_R_free_error                 0.0000 
_refine.ls_R_factor_R_free_error_details         ? 
_refine.ls_R_factor_R_work                       0.2060 
_refine.ls_R_Fsqd_factor_obs                     ? 
_refine.ls_R_I_factor_obs                        ? 
_refine.ls_redundancy_reflns_all                 ? 
_refine.ls_redundancy_reflns_obs                 ? 
_refine.ls_restrained_S_all                      ? 
_refine.ls_restrained_S_obs                      ? 
_refine.ls_shift_over_esd_max                    ? 
_refine.ls_shift_over_esd_mean                   ? 
_refine.ls_structure_factor_coef                 ? 
_refine.ls_weighting_details                     ? 
_refine.ls_weighting_scheme                      ? 
_refine.ls_wR_factor_all                         ? 
_refine.ls_wR_factor_obs                         ? 
_refine.ls_wR_factor_R_free                      ? 
_refine.ls_wR_factor_R_work                      ? 
_refine.occupancy_max                            ? 
_refine.occupancy_min                            ? 
_refine.solvent_model_details                    ? 
_refine.solvent_model_param_bsol                 ? 
_refine.solvent_model_param_ksol                 ? 
_refine.ls_R_factor_gt                           ? 
_refine.ls_goodness_of_fit_gt                    ? 
_refine.ls_goodness_of_fit_ref                   ? 
_refine.ls_shift_over_su_max                     ? 
_refine.ls_shift_over_su_max_lt                  ? 
_refine.ls_shift_over_su_mean                    ? 
_refine.ls_shift_over_su_mean_lt                 ? 
_refine.pdbx_ls_sigma_I                          ? 
_refine.pdbx_ls_sigma_F                          0.000 
_refine.pdbx_ls_sigma_Fsqd                       ? 
_refine.pdbx_data_cutoff_high_absF               ? 
_refine.pdbx_data_cutoff_high_rms_absF           ? 
_refine.pdbx_data_cutoff_low_absF                ? 
_refine.pdbx_isotropic_thermal_model             ? 
_refine.pdbx_ls_cross_valid_method               THROUGHOUT 
_refine.pdbx_method_to_determine_struct          'MOLECULAR REPLACEMENT' 
_refine.pdbx_starting_model                      2LCC 
_refine.pdbx_stereochemistry_target_values       ? 
_refine.pdbx_R_Free_selection_details            ? 
_refine.pdbx_stereochem_target_val_spec_case     ? 
_refine.pdbx_overall_ESU_R                       ? 
_refine.pdbx_overall_ESU_R_Free                  ? 
_refine.pdbx_solvent_vdw_probe_radii             ? 
_refine.pdbx_solvent_ion_probe_radii             ? 
_refine.pdbx_solvent_shrinkage_radii             ? 
_refine.pdbx_real_space_R                        ? 
_refine.pdbx_density_correlation                 ? 
_refine.pdbx_pd_number_of_powder_patterns        ? 
_refine.pdbx_pd_number_of_points                 ? 
_refine.pdbx_pd_meas_number_of_points            ? 
_refine.pdbx_pd_proc_ls_prof_R_factor            ? 
_refine.pdbx_pd_proc_ls_prof_wR_factor           ? 
_refine.pdbx_pd_Marquardt_correlation_coeff      ? 
_refine.pdbx_pd_Fsqrd_R_factor                   ? 
_refine.pdbx_pd_ls_matrix_band_width             ? 
_refine.pdbx_overall_phase_error                 ? 
_refine.pdbx_overall_SU_R_free_Cruickshank_DPI   0.1250 
_refine.pdbx_overall_SU_R_free_Blow_DPI          0.1280 
_refine.pdbx_overall_SU_R_Blow_DPI               0.1500 
_refine.pdbx_TLS_residual_ADP_flag               ? 
_refine.pdbx_diffrn_id                           1 
_refine.overall_SU_B                             ? 
_refine.overall_SU_ML                            ? 
_refine.overall_SU_R_Cruickshank_DPI             0.1420 
_refine.overall_SU_R_free                        ? 
_refine.overall_FOM_free_R_set                   ? 
_refine.overall_FOM_work_R_set                   ? 
_refine.pdbx_average_fsc_overall                 ? 
_refine.pdbx_average_fsc_work                    ? 
_refine.pdbx_average_fsc_free                    ? 
# 
_refine_analyze.entry_id                        6BPH 
_refine_analyze.pdbx_refine_id                  'X-RAY DIFFRACTION' 
_refine_analyze.Luzzati_coordinate_error_free   ? 
_refine_analyze.Luzzati_coordinate_error_obs    0.270 
_refine_analyze.Luzzati_d_res_low_free          ? 
_refine_analyze.Luzzati_d_res_low_obs           ? 
_refine_analyze.Luzzati_sigma_a_free            ? 
_refine_analyze.Luzzati_sigma_a_free_details    ? 
_refine_analyze.Luzzati_sigma_a_obs             ? 
_refine_analyze.Luzzati_sigma_a_obs_details     ? 
_refine_analyze.number_disordered_residues      ? 
_refine_analyze.occupancy_sum_hydrogen          ? 
_refine_analyze.occupancy_sum_non_hydrogen      ? 
_refine_analyze.RG_d_res_high                   ? 
_refine_analyze.RG_d_res_low                    ? 
_refine_analyze.RG_free                         ? 
_refine_analyze.RG_work                         ? 
_refine_analyze.RG_free_work_ratio              ? 
_refine_analyze.pdbx_Luzzati_d_res_high_obs     ? 
# 
_refine_hist.cycle_id                         final 
_refine_hist.pdbx_refine_id                   'X-RAY DIFFRACTION' 
_refine_hist.d_res_high                       1.8500 
_refine_hist.d_res_low                        36.9000 
_refine_hist.pdbx_number_atoms_ligand         17 
_refine_hist.number_atoms_solvent             24 
_refine_hist.number_atoms_total               563 
_refine_hist.pdbx_number_residues_total       66 
_refine_hist.pdbx_B_iso_mean_ligand           29.86 
_refine_hist.pdbx_B_iso_mean_solvent          37.93 
_refine_hist.pdbx_number_atoms_protein        522 
_refine_hist.pdbx_number_atoms_nucleic_acid   0 
# 
loop_
_refine_ls_restr.pdbx_refine_id 
_refine_ls_restr.criterion 
_refine_ls_restr.dev_ideal 
_refine_ls_restr.dev_ideal_target 
_refine_ls_restr.number 
_refine_ls_restr.rejects 
_refine_ls_restr.type 
_refine_ls_restr.weight 
_refine_ls_restr.pdbx_restraint_function 
'X-RAY DIFFRACTION' ? ?      ? 184 ? t_dihedral_angle_d        2.000  SINUSOIDAL   
'X-RAY DIFFRACTION' ? ?      ? 11  ? t_trig_c_planes           2.000  HARMONIC     
'X-RAY DIFFRACTION' ? ?      ? 82  ? t_gen_planes              5.000  HARMONIC     
'X-RAY DIFFRACTION' ? ?      ? 556 ? t_it                      20.000 HARMONIC     
'X-RAY DIFFRACTION' ? ?      ? ?   ? t_nbd                     ?      ?            
'X-RAY DIFFRACTION' ? ?      ? ?   ? t_improper_torsion        ?      ?            
'X-RAY DIFFRACTION' ? ?      ? ?   ? t_pseud_angle             ?      ?            
'X-RAY DIFFRACTION' ? ?      ? 70  ? t_chiral_improper_torsion 5.000  SEMIHARMONIC 
'X-RAY DIFFRACTION' ? ?      ? ?   ? t_sum_occupancies         ?      ?            
'X-RAY DIFFRACTION' ? ?      ? ?   ? t_utility_distance        ?      ?            
'X-RAY DIFFRACTION' ? ?      ? ?   ? t_utility_angle           ?      ?            
'X-RAY DIFFRACTION' ? ?      ? ?   ? t_utility_torsion         ?      ?            
'X-RAY DIFFRACTION' ? ?      ? 627 ? t_ideal_dist_contact      4.000  SEMIHARMONIC 
'X-RAY DIFFRACTION' ? 0.010  ? 556 ? t_bond_d                  2.000  HARMONIC     
'X-RAY DIFFRACTION' ? 0.950  ? 763 ? t_angle_deg               2.000  HARMONIC     
'X-RAY DIFFRACTION' ? 3.490  ? ?   ? t_omega_torsion           ?      ?            
'X-RAY DIFFRACTION' ? 16.250 ? ?   ? t_other_torsion           ?      ?            
# 
_refine_ls_shell.pdbx_refine_id                   'X-RAY DIFFRACTION' 
_refine_ls_shell.d_res_high                       1.8500 
_refine_ls_shell.d_res_low                        2.0700 
_refine_ls_shell.number_reflns_all                1788 
_refine_ls_shell.number_reflns_obs                ? 
_refine_ls_shell.number_reflns_R_free             85 
_refine_ls_shell.number_reflns_R_work             1703 
_refine_ls_shell.percent_reflns_obs               98.9500 
_refine_ls_shell.percent_reflns_R_free            4.7500 
_refine_ls_shell.R_factor_all                     ? 
_refine_ls_shell.R_factor_obs                     ? 
_refine_ls_shell.R_factor_R_free                  0.2220 
_refine_ls_shell.R_factor_R_free_error            ? 
_refine_ls_shell.R_factor_R_work                  0.1820 
_refine_ls_shell.redundancy_reflns_all            ? 
_refine_ls_shell.redundancy_reflns_obs            ? 
_refine_ls_shell.wR_factor_all                    ? 
_refine_ls_shell.wR_factor_obs                    ? 
_refine_ls_shell.wR_factor_R_free                 ? 
_refine_ls_shell.wR_factor_R_work                 ? 
_refine_ls_shell.pdbx_total_number_of_bins_used   5 
_refine_ls_shell.pdbx_phase_error                 ? 
_refine_ls_shell.pdbx_fsc_work                    ? 
_refine_ls_shell.pdbx_fsc_free                    ? 
# 
_struct.entry_id                     6BPH 
_struct.title                        'Crystal structure of the chromodomain of RBBP1' 
_struct.pdbx_model_details           ? 
_struct.pdbx_formula_weight          ? 
_struct.pdbx_formula_weight_method   ? 
_struct.pdbx_model_type_details      ? 
_struct.pdbx_CASP_flag               N 
# 
_struct_keywords.entry_id        6BPH 
_struct_keywords.text            
'Crystal structure of the chromodomain of RBBP1, Structural Genomics, Structural Genomics Consortium, SGC, UNKNOWN FUNCTION' 
_struct_keywords.pdbx_keywords   'UNKNOWN FUNCTION' 
# 
loop_
_struct_asym.id 
_struct_asym.pdbx_blank_PDB_chainid_flag 
_struct_asym.pdbx_modified 
_struct_asym.entity_id 
_struct_asym.details 
A N N 1 ? 
B N N 2 ? 
C N N 2 ? 
D N N 2 ? 
E N N 2 ? 
F N N 2 ? 
G N N 2 ? 
H N N 2 ? 
I N N 2 ? 
J N N 2 ? 
K N N 2 ? 
L N N 2 ? 
M N N 2 ? 
N N N 2 ? 
O N N 2 ? 
P N N 2 ? 
Q N N 2 ? 
R N N 2 ? 
S N N 3 ? 
# 
_struct_ref.id                         1 
_struct_ref.db_name                    UNP 
_struct_ref.db_code                    ARI4A_HUMAN 
_struct_ref.pdbx_db_accession          P29374 
_struct_ref.pdbx_db_isoform            ? 
_struct_ref.entity_id                  1 
_struct_ref.pdbx_seq_one_letter_code   EDMEPCLTGTKVKVKYGRGKTQKIYEASIKSTEIDDGEVLYLVHYYGWNVRYDEWVKADRIIWPLDKG 
_struct_ref.pdbx_align_begin           568 
# 
_struct_ref_seq.align_id                      1 
_struct_ref_seq.ref_id                        1 
_struct_ref_seq.pdbx_PDB_id_code              6BPH 
_struct_ref_seq.pdbx_strand_id                A 
_struct_ref_seq.seq_align_beg                 2 
_struct_ref_seq.pdbx_seq_align_beg_ins_code   ? 
_struct_ref_seq.seq_align_end                 69 
_struct_ref_seq.pdbx_seq_align_end_ins_code   ? 
_struct_ref_seq.pdbx_db_accession             P29374 
_struct_ref_seq.db_align_beg                  568 
_struct_ref_seq.pdbx_db_align_beg_ins_code    ? 
_struct_ref_seq.db_align_end                  635 
_struct_ref_seq.pdbx_db_align_end_ins_code    ? 
_struct_ref_seq.pdbx_auth_seq_align_beg       568 
_struct_ref_seq.pdbx_auth_seq_align_end       635 
# 
_struct_ref_seq_dif.align_id                     1 
_struct_ref_seq_dif.pdbx_pdb_id_code             6BPH 
_struct_ref_seq_dif.mon_id                       GLY 
_struct_ref_seq_dif.pdbx_pdb_strand_id           A 
_struct_ref_seq_dif.seq_num                      1 
_struct_ref_seq_dif.pdbx_pdb_ins_code            ? 
_struct_ref_seq_dif.pdbx_seq_db_name             UNP 
_struct_ref_seq_dif.pdbx_seq_db_accession_code   P29374 
_struct_ref_seq_dif.db_mon_id                    ? 
_struct_ref_seq_dif.pdbx_seq_db_seq_num          ? 
_struct_ref_seq_dif.details                      'expression tag' 
_struct_ref_seq_dif.pdbx_auth_seq_num            567 
_struct_ref_seq_dif.pdbx_ordinal                 1 
# 
_pdbx_struct_assembly.id                   1 
_pdbx_struct_assembly.details              software_defined_assembly 
_pdbx_struct_assembly.method_details       PISA 
_pdbx_struct_assembly.oligomeric_details   dimeric 
_pdbx_struct_assembly.oligomeric_count     2 
# 
loop_
_pdbx_struct_assembly_prop.biol_id 
_pdbx_struct_assembly_prop.type 
_pdbx_struct_assembly_prop.value 
_pdbx_struct_assembly_prop.details 
1 'ABSA (A^2)' 1670 ? 
1 MORE         -12  ? 
1 'SSA (A^2)'  8110 ? 
# 
_pdbx_struct_assembly_gen.assembly_id       1 
_pdbx_struct_assembly_gen.oper_expression   1,2 
_pdbx_struct_assembly_gen.asym_id_list      A,B,C,D,E,F,G,H,I,J,K,L,M,N,O,P,Q,R,S 
# 
_pdbx_struct_assembly_auth_evidence.id                     1 
_pdbx_struct_assembly_auth_evidence.assembly_id            1 
_pdbx_struct_assembly_auth_evidence.experimental_support   none 
_pdbx_struct_assembly_auth_evidence.details                ? 
# 
loop_
_pdbx_struct_oper_list.id 
_pdbx_struct_oper_list.type 
_pdbx_struct_oper_list.name 
_pdbx_struct_oper_list.symmetry_operation 
_pdbx_struct_oper_list.matrix[1][1] 
_pdbx_struct_oper_list.matrix[1][2] 
_pdbx_struct_oper_list.matrix[1][3] 
_pdbx_struct_oper_list.vector[1] 
_pdbx_struct_oper_list.matrix[2][1] 
_pdbx_struct_oper_list.matrix[2][2] 
_pdbx_struct_oper_list.matrix[2][3] 
_pdbx_struct_oper_list.vector[2] 
_pdbx_struct_oper_list.matrix[3][1] 
_pdbx_struct_oper_list.matrix[3][2] 
_pdbx_struct_oper_list.matrix[3][3] 
_pdbx_struct_oper_list.vector[3] 
1 'identity operation'         1_555 x,y,z  1.0000000000  0.0000000000 0.0000000000 0.0000000000  0.0000000000 1.0000000000  0.0000000000 0.0000000000  0.0000000000 0.0000000000 1.0000000000 0.0000000000  
2 'crystal symmetry operation' 7_555 y,x,-z -0.7442884448 0.2251138308 0.6287753765 20.0422958498 0.2251138308 -0.8018226561 0.5535378861 -1.5141191460 0.6287753765 0.5535378861 0.5461111009 -7.6087545073 
# 
loop_
_struct_conf.conf_type_id 
_struct_conf.id 
_struct_conf.pdbx_PDB_helix_id 
_struct_conf.beg_label_comp_id 
_struct_conf.beg_label_asym_id 
_struct_conf.beg_label_seq_id 
_struct_conf.pdbx_beg_PDB_ins_code 
_struct_conf.end_label_comp_id 
_struct_conf.end_label_asym_id 
_struct_conf.end_label_seq_id 
_struct_conf.pdbx_end_PDB_ins_code 
_struct_conf.beg_auth_comp_id 
_struct_conf.beg_auth_asym_id 
_struct_conf.beg_auth_seq_id 
_struct_conf.end_auth_comp_id 
_struct_conf.end_auth_asym_id 
_struct_conf.end_auth_seq_id 
_struct_conf.pdbx_PDB_helix_class 
_struct_conf.details 
_struct_conf.pdbx_PDB_helix_length 
HELX_P HELX_P1 AA1 ARG A 19 ? GLN A 23 ? ARG A 585 GLN A 589 5 ? 5 
HELX_P HELX_P2 AA2 ASN A 50 ? ASP A 54 ? ASN A 616 ASP A 620 5 ? 5 
# 
_struct_conf_type.id          HELX_P 
_struct_conf_type.criteria    ? 
_struct_conf_type.reference   ? 
# 
_struct_conn.id                            disulf1 
_struct_conn.conn_type_id                  disulf 
_struct_conn.pdbx_leaving_atom_flag        ? 
_struct_conn.pdbx_PDB_id                   ? 
_struct_conn.ptnr1_label_asym_id           A 
_struct_conn.ptnr1_label_comp_id           CYS 
_struct_conn.ptnr1_label_seq_id            7 
_struct_conn.ptnr1_label_atom_id           SG 
_struct_conn.pdbx_ptnr1_label_alt_id       ? 
_struct_conn.pdbx_ptnr1_PDB_ins_code       ? 
_struct_conn.pdbx_ptnr1_standard_comp_id   ? 
_struct_conn.ptnr1_symmetry                1_555 
_struct_conn.ptnr2_label_asym_id           A 
_struct_conn.ptnr2_label_comp_id           CYS 
_struct_conn.ptnr2_label_seq_id            7 
_struct_conn.ptnr2_label_atom_id           SG 
_struct_conn.pdbx_ptnr2_label_alt_id       ? 
_struct_conn.pdbx_ptnr2_PDB_ins_code       ? 
_struct_conn.ptnr1_auth_asym_id            A 
_struct_conn.ptnr1_auth_comp_id            CYS 
_struct_conn.ptnr1_auth_seq_id             573 
_struct_conn.ptnr2_auth_asym_id            A 
_struct_conn.ptnr2_auth_comp_id            CYS 
_struct_conn.ptnr2_auth_seq_id             573 
_struct_conn.ptnr2_symmetry                7_555 
_struct_conn.pdbx_ptnr3_label_atom_id      ? 
_struct_conn.pdbx_ptnr3_label_seq_id       ? 
_struct_conn.pdbx_ptnr3_label_comp_id      ? 
_struct_conn.pdbx_ptnr3_label_asym_id      ? 
_struct_conn.pdbx_ptnr3_label_alt_id       ? 
_struct_conn.pdbx_ptnr3_PDB_ins_code       ? 
_struct_conn.details                       ? 
_struct_conn.pdbx_dist_value               2.026 
_struct_conn.pdbx_value_order              ? 
_struct_conn.pdbx_role                     ? 
# 
_struct_conn_type.id          disulf 
_struct_conn_type.criteria    ? 
_struct_conn_type.reference   ? 
# 
_pdbx_modification_feature.ordinal                            1 
_pdbx_modification_feature.label_comp_id                      CYS 
_pdbx_modification_feature.label_asym_id                      A 
_pdbx_modification_feature.label_seq_id                       7 
_pdbx_modification_feature.label_alt_id                       ? 
_pdbx_modification_feature.modified_residue_label_comp_id     CYS 
_pdbx_modification_feature.modified_residue_label_asym_id     A 
_pdbx_modification_feature.modified_residue_label_seq_id      7 
_pdbx_modification_feature.modified_residue_label_alt_id      ? 
_pdbx_modification_feature.auth_comp_id                       CYS 
_pdbx_modification_feature.auth_asym_id                       A 
_pdbx_modification_feature.auth_seq_id                        573 
_pdbx_modification_feature.PDB_ins_code                       ? 
_pdbx_modification_feature.symmetry                           1_555 
_pdbx_modification_feature.modified_residue_auth_comp_id      CYS 
_pdbx_modification_feature.modified_residue_auth_asym_id      A 
_pdbx_modification_feature.modified_residue_auth_seq_id       573 
_pdbx_modification_feature.modified_residue_PDB_ins_code      ? 
_pdbx_modification_feature.modified_residue_symmetry          7_555 
_pdbx_modification_feature.comp_id_linking_atom               SG 
_pdbx_modification_feature.modified_residue_id_linking_atom   SG 
_pdbx_modification_feature.modified_residue_id                . 
_pdbx_modification_feature.ref_pcm_id                         . 
_pdbx_modification_feature.ref_comp_id                        . 
_pdbx_modification_feature.type                               None 
_pdbx_modification_feature.category                           'Disulfide bridge' 
# 
_struct_sheet.id               AA1 
_struct_sheet.type             ? 
_struct_sheet.number_strands   5 
_struct_sheet.details          ? 
# 
loop_
_struct_sheet_order.sheet_id 
_struct_sheet_order.range_id_1 
_struct_sheet_order.range_id_2 
_struct_sheet_order.offset 
_struct_sheet_order.sense 
AA1 1 2 ? anti-parallel 
AA1 2 3 ? anti-parallel 
AA1 3 4 ? anti-parallel 
AA1 4 5 ? anti-parallel 
# 
loop_
_struct_sheet_range.sheet_id 
_struct_sheet_range.id 
_struct_sheet_range.beg_label_comp_id 
_struct_sheet_range.beg_label_asym_id 
_struct_sheet_range.beg_label_seq_id 
_struct_sheet_range.pdbx_beg_PDB_ins_code 
_struct_sheet_range.end_label_comp_id 
_struct_sheet_range.end_label_asym_id 
_struct_sheet_range.end_label_seq_id 
_struct_sheet_range.pdbx_end_PDB_ins_code 
_struct_sheet_range.beg_auth_comp_id 
_struct_sheet_range.beg_auth_asym_id 
_struct_sheet_range.beg_auth_seq_id 
_struct_sheet_range.end_auth_comp_id 
_struct_sheet_range.end_auth_asym_id 
_struct_sheet_range.end_auth_seq_id 
AA1 1 GLU A 55 ? LYS A 58 ? GLU A 621 LYS A 624 
AA1 2 GLU A 39 ? TYR A 46 ? GLU A 605 TYR A 612 
AA1 3 LYS A 24 ? ASP A 36 ? LYS A 590 ASP A 602 
AA1 4 LYS A 12 ? TYR A 17 ? LYS A 578 TYR A 583 
AA1 5 ILE A 62 ? ILE A 63 ? ILE A 628 ILE A 629 
# 
loop_
_pdbx_struct_sheet_hbond.sheet_id 
_pdbx_struct_sheet_hbond.range_id_1 
_pdbx_struct_sheet_hbond.range_id_2 
_pdbx_struct_sheet_hbond.range_1_label_atom_id 
_pdbx_struct_sheet_hbond.range_1_label_comp_id 
_pdbx_struct_sheet_hbond.range_1_label_asym_id 
_pdbx_struct_sheet_hbond.range_1_label_seq_id 
_pdbx_struct_sheet_hbond.range_1_PDB_ins_code 
_pdbx_struct_sheet_hbond.range_1_auth_atom_id 
_pdbx_struct_sheet_hbond.range_1_auth_comp_id 
_pdbx_struct_sheet_hbond.range_1_auth_asym_id 
_pdbx_struct_sheet_hbond.range_1_auth_seq_id 
_pdbx_struct_sheet_hbond.range_2_label_atom_id 
_pdbx_struct_sheet_hbond.range_2_label_comp_id 
_pdbx_struct_sheet_hbond.range_2_label_asym_id 
_pdbx_struct_sheet_hbond.range_2_label_seq_id 
_pdbx_struct_sheet_hbond.range_2_PDB_ins_code 
_pdbx_struct_sheet_hbond.range_2_auth_atom_id 
_pdbx_struct_sheet_hbond.range_2_auth_comp_id 
_pdbx_struct_sheet_hbond.range_2_auth_asym_id 
_pdbx_struct_sheet_hbond.range_2_auth_seq_id 
AA1 1 2 O GLU A 55 ? O GLU A 621 N VAL A 44 ? N VAL A 610 
AA1 2 3 O LEU A 43 ? O LEU A 609 N LYS A 31 ? N LYS A 597 
AA1 3 4 O ALA A 28 ? O ALA A 594 N VAL A 13 ? N VAL A 579 
AA1 4 5 N LYS A 14 ? N LYS A 580 O ILE A 63 ? O ILE A 629 
# 
_pdbx_entry_details.entry_id                   6BPH 
_pdbx_entry_details.compound_details           ? 
_pdbx_entry_details.source_details             ? 
_pdbx_entry_details.nonpolymer_details         ? 
_pdbx_entry_details.sequence_details           ? 
_pdbx_entry_details.has_ligand_of_interest     ? 
_pdbx_entry_details.has_protein_modification   Y 
# 
_pdbx_SG_project.id                    1 
_pdbx_SG_project.project_name          ? 
_pdbx_SG_project.full_name_of_center   'Structural Genomics Consortium' 
_pdbx_SG_project.initial_of_center     SGC 
# 
_pdbx_struct_special_symmetry.id              1 
_pdbx_struct_special_symmetry.PDB_model_num   1 
_pdbx_struct_special_symmetry.auth_asym_id    A 
_pdbx_struct_special_symmetry.auth_comp_id    UNX 
_pdbx_struct_special_symmetry.auth_seq_id     702 
_pdbx_struct_special_symmetry.PDB_ins_code    ? 
_pdbx_struct_special_symmetry.label_asym_id   C 
_pdbx_struct_special_symmetry.label_comp_id   UNX 
_pdbx_struct_special_symmetry.label_seq_id    . 
# 
_pdbx_refine_tls.pdbx_refine_id   'X-RAY DIFFRACTION' 
_pdbx_refine_tls.id               1 
_pdbx_refine_tls.details          ? 
_pdbx_refine_tls.method           refined 
_pdbx_refine_tls.origin_x         -0.5989 
_pdbx_refine_tls.origin_y         0.4076 
_pdbx_refine_tls.origin_z         0.3796 
_pdbx_refine_tls.T[1][1]          -0.0477 
_pdbx_refine_tls.T[2][2]          -0.0622 
_pdbx_refine_tls.T[3][3]          0.0157 
_pdbx_refine_tls.T[1][2]          -0.0102 
_pdbx_refine_tls.T[1][3]          -0.0061 
_pdbx_refine_tls.T[2][3]          -0.0051 
_pdbx_refine_tls.L[1][1]          1.8446 
_pdbx_refine_tls.L[2][2]          3.2652 
_pdbx_refine_tls.L[3][3]          1.0034 
_pdbx_refine_tls.L[1][2]          0.4619 
_pdbx_refine_tls.L[1][3]          -0.3829 
_pdbx_refine_tls.L[2][3]          0.0842 
_pdbx_refine_tls.S[1][1]          0.0232 
_pdbx_refine_tls.S[2][2]          -0.0285 
_pdbx_refine_tls.S[3][3]          0.0054 
_pdbx_refine_tls.S[1][2]          -0.0576 
_pdbx_refine_tls.S[1][3]          0.1485 
_pdbx_refine_tls.S[2][3]          0.2739 
_pdbx_refine_tls.S[2][1]          0.0747 
_pdbx_refine_tls.S[3][1]          -0.0094 
_pdbx_refine_tls.S[3][2]          -0.0420 
# 
_pdbx_refine_tls_group.pdbx_refine_id      'X-RAY DIFFRACTION' 
_pdbx_refine_tls_group.id                  1 
_pdbx_refine_tls_group.refine_tls_id       1 
_pdbx_refine_tls_group.beg_auth_asym_id    A 
_pdbx_refine_tls_group.beg_auth_seq_id     570 
_pdbx_refine_tls_group.end_auth_asym_id    A 
_pdbx_refine_tls_group.end_auth_seq_id     635 
_pdbx_refine_tls_group.selection_details   '{ A|570 - A|635 }' 
_pdbx_refine_tls_group.beg_label_asym_id   ? 
_pdbx_refine_tls_group.beg_label_seq_id    ? 
_pdbx_refine_tls_group.end_label_asym_id   ? 
_pdbx_refine_tls_group.end_label_seq_id    ? 
_pdbx_refine_tls_group.selection           ? 
# 
loop_
_pdbx_unobs_or_zero_occ_residues.id 
_pdbx_unobs_or_zero_occ_residues.PDB_model_num 
_pdbx_unobs_or_zero_occ_residues.polymer_flag 
_pdbx_unobs_or_zero_occ_residues.occupancy_flag 
_pdbx_unobs_or_zero_occ_residues.auth_asym_id 
_pdbx_unobs_or_zero_occ_residues.auth_comp_id 
_pdbx_unobs_or_zero_occ_residues.auth_seq_id 
_pdbx_unobs_or_zero_occ_residues.PDB_ins_code 
_pdbx_unobs_or_zero_occ_residues.label_asym_id 
_pdbx_unobs_or_zero_occ_residues.label_comp_id 
_pdbx_unobs_or_zero_occ_residues.label_seq_id 
1 1 Y 1 A GLY 567 ? A GLY 1 
2 1 Y 1 A GLU 568 ? A GLU 2 
3 1 Y 1 A ASP 569 ? A ASP 3 
# 
loop_
_chem_comp_atom.comp_id 
_chem_comp_atom.atom_id 
_chem_comp_atom.type_symbol 
_chem_comp_atom.pdbx_aromatic_flag 
_chem_comp_atom.pdbx_stereo_config 
_chem_comp_atom.pdbx_ordinal 
ALA N    N N N 1   
ALA CA   C N S 2   
ALA C    C N N 3   
ALA O    O N N 4   
ALA CB   C N N 5   
ALA OXT  O N N 6   
ALA H    H N N 7   
ALA H2   H N N 8   
ALA HA   H N N 9   
ALA HB1  H N N 10  
ALA HB2  H N N 11  
ALA HB3  H N N 12  
ALA HXT  H N N 13  
ARG N    N N N 14  
ARG CA   C N S 15  
ARG C    C N N 16  
ARG O    O N N 17  
ARG CB   C N N 18  
ARG CG   C N N 19  
ARG CD   C N N 20  
ARG NE   N N N 21  
ARG CZ   C N N 22  
ARG NH1  N N N 23  
ARG NH2  N N N 24  
ARG OXT  O N N 25  
ARG H    H N N 26  
ARG H2   H N N 27  
ARG HA   H N N 28  
ARG HB2  H N N 29  
ARG HB3  H N N 30  
ARG HG2  H N N 31  
ARG HG3  H N N 32  
ARG HD2  H N N 33  
ARG HD3  H N N 34  
ARG HE   H N N 35  
ARG HH11 H N N 36  
ARG HH12 H N N 37  
ARG HH21 H N N 38  
ARG HH22 H N N 39  
ARG HXT  H N N 40  
ASN N    N N N 41  
ASN CA   C N S 42  
ASN C    C N N 43  
ASN O    O N N 44  
ASN CB   C N N 45  
ASN CG   C N N 46  
ASN OD1  O N N 47  
ASN ND2  N N N 48  
ASN OXT  O N N 49  
ASN H    H N N 50  
ASN H2   H N N 51  
ASN HA   H N N 52  
ASN HB2  H N N 53  
ASN HB3  H N N 54  
ASN HD21 H N N 55  
ASN HD22 H N N 56  
ASN HXT  H N N 57  
ASP N    N N N 58  
ASP CA   C N S 59  
ASP C    C N N 60  
ASP O    O N N 61  
ASP CB   C N N 62  
ASP CG   C N N 63  
ASP OD1  O N N 64  
ASP OD2  O N N 65  
ASP OXT  O N N 66  
ASP H    H N N 67  
ASP H2   H N N 68  
ASP HA   H N N 69  
ASP HB2  H N N 70  
ASP HB3  H N N 71  
ASP HD2  H N N 72  
ASP HXT  H N N 73  
CYS N    N N N 74  
CYS CA   C N R 75  
CYS C    C N N 76  
CYS O    O N N 77  
CYS CB   C N N 78  
CYS SG   S N N 79  
CYS OXT  O N N 80  
CYS H    H N N 81  
CYS H2   H N N 82  
CYS HA   H N N 83  
CYS HB2  H N N 84  
CYS HB3  H N N 85  
CYS HG   H N N 86  
CYS HXT  H N N 87  
GLN N    N N N 88  
GLN CA   C N S 89  
GLN C    C N N 90  
GLN O    O N N 91  
GLN CB   C N N 92  
GLN CG   C N N 93  
GLN CD   C N N 94  
GLN OE1  O N N 95  
GLN NE2  N N N 96  
GLN OXT  O N N 97  
GLN H    H N N 98  
GLN H2   H N N 99  
GLN HA   H N N 100 
GLN HB2  H N N 101 
GLN HB3  H N N 102 
GLN HG2  H N N 103 
GLN HG3  H N N 104 
GLN HE21 H N N 105 
GLN HE22 H N N 106 
GLN HXT  H N N 107 
GLU N    N N N 108 
GLU CA   C N S 109 
GLU C    C N N 110 
GLU O    O N N 111 
GLU CB   C N N 112 
GLU CG   C N N 113 
GLU CD   C N N 114 
GLU OE1  O N N 115 
GLU OE2  O N N 116 
GLU OXT  O N N 117 
GLU H    H N N 118 
GLU H2   H N N 119 
GLU HA   H N N 120 
GLU HB2  H N N 121 
GLU HB3  H N N 122 
GLU HG2  H N N 123 
GLU HG3  H N N 124 
GLU HE2  H N N 125 
GLU HXT  H N N 126 
GLY N    N N N 127 
GLY CA   C N N 128 
GLY C    C N N 129 
GLY O    O N N 130 
GLY OXT  O N N 131 
GLY H    H N N 132 
GLY H2   H N N 133 
GLY HA2  H N N 134 
GLY HA3  H N N 135 
GLY HXT  H N N 136 
HIS N    N N N 137 
HIS CA   C N S 138 
HIS C    C N N 139 
HIS O    O N N 140 
HIS CB   C N N 141 
HIS CG   C Y N 142 
HIS ND1  N Y N 143 
HIS CD2  C Y N 144 
HIS CE1  C Y N 145 
HIS NE2  N Y N 146 
HIS OXT  O N N 147 
HIS H    H N N 148 
HIS H2   H N N 149 
HIS HA   H N N 150 
HIS HB2  H N N 151 
HIS HB3  H N N 152 
HIS HD1  H N N 153 
HIS HD2  H N N 154 
HIS HE1  H N N 155 
HIS HE2  H N N 156 
HIS HXT  H N N 157 
HOH O    O N N 158 
HOH H1   H N N 159 
HOH H2   H N N 160 
ILE N    N N N 161 
ILE CA   C N S 162 
ILE C    C N N 163 
ILE O    O N N 164 
ILE CB   C N S 165 
ILE CG1  C N N 166 
ILE CG2  C N N 167 
ILE CD1  C N N 168 
ILE OXT  O N N 169 
ILE H    H N N 170 
ILE H2   H N N 171 
ILE HA   H N N 172 
ILE HB   H N N 173 
ILE HG12 H N N 174 
ILE HG13 H N N 175 
ILE HG21 H N N 176 
ILE HG22 H N N 177 
ILE HG23 H N N 178 
ILE HD11 H N N 179 
ILE HD12 H N N 180 
ILE HD13 H N N 181 
ILE HXT  H N N 182 
LEU N    N N N 183 
LEU CA   C N S 184 
LEU C    C N N 185 
LEU O    O N N 186 
LEU CB   C N N 187 
LEU CG   C N N 188 
LEU CD1  C N N 189 
LEU CD2  C N N 190 
LEU OXT  O N N 191 
LEU H    H N N 192 
LEU H2   H N N 193 
LEU HA   H N N 194 
LEU HB2  H N N 195 
LEU HB3  H N N 196 
LEU HG   H N N 197 
LEU HD11 H N N 198 
LEU HD12 H N N 199 
LEU HD13 H N N 200 
LEU HD21 H N N 201 
LEU HD22 H N N 202 
LEU HD23 H N N 203 
LEU HXT  H N N 204 
LYS N    N N N 205 
LYS CA   C N S 206 
LYS C    C N N 207 
LYS O    O N N 208 
LYS CB   C N N 209 
LYS CG   C N N 210 
LYS CD   C N N 211 
LYS CE   C N N 212 
LYS NZ   N N N 213 
LYS OXT  O N N 214 
LYS H    H N N 215 
LYS H2   H N N 216 
LYS HA   H N N 217 
LYS HB2  H N N 218 
LYS HB3  H N N 219 
LYS HG2  H N N 220 
LYS HG3  H N N 221 
LYS HD2  H N N 222 
LYS HD3  H N N 223 
LYS HE2  H N N 224 
LYS HE3  H N N 225 
LYS HZ1  H N N 226 
LYS HZ2  H N N 227 
LYS HZ3  H N N 228 
LYS HXT  H N N 229 
MET N    N N N 230 
MET CA   C N S 231 
MET C    C N N 232 
MET O    O N N 233 
MET CB   C N N 234 
MET CG   C N N 235 
MET SD   S N N 236 
MET CE   C N N 237 
MET OXT  O N N 238 
MET H    H N N 239 
MET H2   H N N 240 
MET HA   H N N 241 
MET HB2  H N N 242 
MET HB3  H N N 243 
MET HG2  H N N 244 
MET HG3  H N N 245 
MET HE1  H N N 246 
MET HE2  H N N 247 
MET HE3  H N N 248 
MET HXT  H N N 249 
PRO N    N N N 250 
PRO CA   C N S 251 
PRO C    C N N 252 
PRO O    O N N 253 
PRO CB   C N N 254 
PRO CG   C N N 255 
PRO CD   C N N 256 
PRO OXT  O N N 257 
PRO H    H N N 258 
PRO HA   H N N 259 
PRO HB2  H N N 260 
PRO HB3  H N N 261 
PRO HG2  H N N 262 
PRO HG3  H N N 263 
PRO HD2  H N N 264 
PRO HD3  H N N 265 
PRO HXT  H N N 266 
SER N    N N N 267 
SER CA   C N S 268 
SER C    C N N 269 
SER O    O N N 270 
SER CB   C N N 271 
SER OG   O N N 272 
SER OXT  O N N 273 
SER H    H N N 274 
SER H2   H N N 275 
SER HA   H N N 276 
SER HB2  H N N 277 
SER HB3  H N N 278 
SER HG   H N N 279 
SER HXT  H N N 280 
THR N    N N N 281 
THR CA   C N S 282 
THR C    C N N 283 
THR O    O N N 284 
THR CB   C N R 285 
THR OG1  O N N 286 
THR CG2  C N N 287 
THR OXT  O N N 288 
THR H    H N N 289 
THR H2   H N N 290 
THR HA   H N N 291 
THR HB   H N N 292 
THR HG1  H N N 293 
THR HG21 H N N 294 
THR HG22 H N N 295 
THR HG23 H N N 296 
THR HXT  H N N 297 
TRP N    N N N 298 
TRP CA   C N S 299 
TRP C    C N N 300 
TRP O    O N N 301 
TRP CB   C N N 302 
TRP CG   C Y N 303 
TRP CD1  C Y N 304 
TRP CD2  C Y N 305 
TRP NE1  N Y N 306 
TRP CE2  C Y N 307 
TRP CE3  C Y N 308 
TRP CZ2  C Y N 309 
TRP CZ3  C Y N 310 
TRP CH2  C Y N 311 
TRP OXT  O N N 312 
TRP H    H N N 313 
TRP H2   H N N 314 
TRP HA   H N N 315 
TRP HB2  H N N 316 
TRP HB3  H N N 317 
TRP HD1  H N N 318 
TRP HE1  H N N 319 
TRP HE3  H N N 320 
TRP HZ2  H N N 321 
TRP HZ3  H N N 322 
TRP HH2  H N N 323 
TRP HXT  H N N 324 
TYR N    N N N 325 
TYR CA   C N S 326 
TYR C    C N N 327 
TYR O    O N N 328 
TYR CB   C N N 329 
TYR CG   C Y N 330 
TYR CD1  C Y N 331 
TYR CD2  C Y N 332 
TYR CE1  C Y N 333 
TYR CE2  C Y N 334 
TYR CZ   C Y N 335 
TYR OH   O N N 336 
TYR OXT  O N N 337 
TYR H    H N N 338 
TYR H2   H N N 339 
TYR HA   H N N 340 
TYR HB2  H N N 341 
TYR HB3  H N N 342 
TYR HD1  H N N 343 
TYR HD2  H N N 344 
TYR HE1  H N N 345 
TYR HE2  H N N 346 
TYR HH   H N N 347 
TYR HXT  H N N 348 
VAL N    N N N 349 
VAL CA   C N S 350 
VAL C    C N N 351 
VAL O    O N N 352 
VAL CB   C N N 353 
VAL CG1  C N N 354 
VAL CG2  C N N 355 
VAL OXT  O N N 356 
VAL H    H N N 357 
VAL H2   H N N 358 
VAL HA   H N N 359 
VAL HB   H N N 360 
VAL HG11 H N N 361 
VAL HG12 H N N 362 
VAL HG13 H N N 363 
VAL HG21 H N N 364 
VAL HG22 H N N 365 
VAL HG23 H N N 366 
VAL HXT  H N N 367 
# 
loop_
_chem_comp_bond.comp_id 
_chem_comp_bond.atom_id_1 
_chem_comp_bond.atom_id_2 
_chem_comp_bond.value_order 
_chem_comp_bond.pdbx_aromatic_flag 
_chem_comp_bond.pdbx_stereo_config 
_chem_comp_bond.pdbx_ordinal 
ALA N   CA   sing N N 1   
ALA N   H    sing N N 2   
ALA N   H2   sing N N 3   
ALA CA  C    sing N N 4   
ALA CA  CB   sing N N 5   
ALA CA  HA   sing N N 6   
ALA C   O    doub N N 7   
ALA C   OXT  sing N N 8   
ALA CB  HB1  sing N N 9   
ALA CB  HB2  sing N N 10  
ALA CB  HB3  sing N N 11  
ALA OXT HXT  sing N N 12  
ARG N   CA   sing N N 13  
ARG N   H    sing N N 14  
ARG N   H2   sing N N 15  
ARG CA  C    sing N N 16  
ARG CA  CB   sing N N 17  
ARG CA  HA   sing N N 18  
ARG C   O    doub N N 19  
ARG C   OXT  sing N N 20  
ARG CB  CG   sing N N 21  
ARG CB  HB2  sing N N 22  
ARG CB  HB3  sing N N 23  
ARG CG  CD   sing N N 24  
ARG CG  HG2  sing N N 25  
ARG CG  HG3  sing N N 26  
ARG CD  NE   sing N N 27  
ARG CD  HD2  sing N N 28  
ARG CD  HD3  sing N N 29  
ARG NE  CZ   sing N N 30  
ARG NE  HE   sing N N 31  
ARG CZ  NH1  sing N N 32  
ARG CZ  NH2  doub N N 33  
ARG NH1 HH11 sing N N 34  
ARG NH1 HH12 sing N N 35  
ARG NH2 HH21 sing N N 36  
ARG NH2 HH22 sing N N 37  
ARG OXT HXT  sing N N 38  
ASN N   CA   sing N N 39  
ASN N   H    sing N N 40  
ASN N   H2   sing N N 41  
ASN CA  C    sing N N 42  
ASN CA  CB   sing N N 43  
ASN CA  HA   sing N N 44  
ASN C   O    doub N N 45  
ASN C   OXT  sing N N 46  
ASN CB  CG   sing N N 47  
ASN CB  HB2  sing N N 48  
ASN CB  HB3  sing N N 49  
ASN CG  OD1  doub N N 50  
ASN CG  ND2  sing N N 51  
ASN ND2 HD21 sing N N 52  
ASN ND2 HD22 sing N N 53  
ASN OXT HXT  sing N N 54  
ASP N   CA   sing N N 55  
ASP N   H    sing N N 56  
ASP N   H2   sing N N 57  
ASP CA  C    sing N N 58  
ASP CA  CB   sing N N 59  
ASP CA  HA   sing N N 60  
ASP C   O    doub N N 61  
ASP C   OXT  sing N N 62  
ASP CB  CG   sing N N 63  
ASP CB  HB2  sing N N 64  
ASP CB  HB3  sing N N 65  
ASP CG  OD1  doub N N 66  
ASP CG  OD2  sing N N 67  
ASP OD2 HD2  sing N N 68  
ASP OXT HXT  sing N N 69  
CYS N   CA   sing N N 70  
CYS N   H    sing N N 71  
CYS N   H2   sing N N 72  
CYS CA  C    sing N N 73  
CYS CA  CB   sing N N 74  
CYS CA  HA   sing N N 75  
CYS C   O    doub N N 76  
CYS C   OXT  sing N N 77  
CYS CB  SG   sing N N 78  
CYS CB  HB2  sing N N 79  
CYS CB  HB3  sing N N 80  
CYS SG  HG   sing N N 81  
CYS OXT HXT  sing N N 82  
GLN N   CA   sing N N 83  
GLN N   H    sing N N 84  
GLN N   H2   sing N N 85  
GLN CA  C    sing N N 86  
GLN CA  CB   sing N N 87  
GLN CA  HA   sing N N 88  
GLN C   O    doub N N 89  
GLN C   OXT  sing N N 90  
GLN CB  CG   sing N N 91  
GLN CB  HB2  sing N N 92  
GLN CB  HB3  sing N N 93  
GLN CG  CD   sing N N 94  
GLN CG  HG2  sing N N 95  
GLN CG  HG3  sing N N 96  
GLN CD  OE1  doub N N 97  
GLN CD  NE2  sing N N 98  
GLN NE2 HE21 sing N N 99  
GLN NE2 HE22 sing N N 100 
GLN OXT HXT  sing N N 101 
GLU N   CA   sing N N 102 
GLU N   H    sing N N 103 
GLU N   H2   sing N N 104 
GLU CA  C    sing N N 105 
GLU CA  CB   sing N N 106 
GLU CA  HA   sing N N 107 
GLU C   O    doub N N 108 
GLU C   OXT  sing N N 109 
GLU CB  CG   sing N N 110 
GLU CB  HB2  sing N N 111 
GLU CB  HB3  sing N N 112 
GLU CG  CD   sing N N 113 
GLU CG  HG2  sing N N 114 
GLU CG  HG3  sing N N 115 
GLU CD  OE1  doub N N 116 
GLU CD  OE2  sing N N 117 
GLU OE2 HE2  sing N N 118 
GLU OXT HXT  sing N N 119 
GLY N   CA   sing N N 120 
GLY N   H    sing N N 121 
GLY N   H2   sing N N 122 
GLY CA  C    sing N N 123 
GLY CA  HA2  sing N N 124 
GLY CA  HA3  sing N N 125 
GLY C   O    doub N N 126 
GLY C   OXT  sing N N 127 
GLY OXT HXT  sing N N 128 
HIS N   CA   sing N N 129 
HIS N   H    sing N N 130 
HIS N   H2   sing N N 131 
HIS CA  C    sing N N 132 
HIS CA  CB   sing N N 133 
HIS CA  HA   sing N N 134 
HIS C   O    doub N N 135 
HIS C   OXT  sing N N 136 
HIS CB  CG   sing N N 137 
HIS CB  HB2  sing N N 138 
HIS CB  HB3  sing N N 139 
HIS CG  ND1  sing Y N 140 
HIS CG  CD2  doub Y N 141 
HIS ND1 CE1  doub Y N 142 
HIS ND1 HD1  sing N N 143 
HIS CD2 NE2  sing Y N 144 
HIS CD2 HD2  sing N N 145 
HIS CE1 NE2  sing Y N 146 
HIS CE1 HE1  sing N N 147 
HIS NE2 HE2  sing N N 148 
HIS OXT HXT  sing N N 149 
HOH O   H1   sing N N 150 
HOH O   H2   sing N N 151 
ILE N   CA   sing N N 152 
ILE N   H    sing N N 153 
ILE N   H2   sing N N 154 
ILE CA  C    sing N N 155 
ILE CA  CB   sing N N 156 
ILE CA  HA   sing N N 157 
ILE C   O    doub N N 158 
ILE C   OXT  sing N N 159 
ILE CB  CG1  sing N N 160 
ILE CB  CG2  sing N N 161 
ILE CB  HB   sing N N 162 
ILE CG1 CD1  sing N N 163 
ILE CG1 HG12 sing N N 164 
ILE CG1 HG13 sing N N 165 
ILE CG2 HG21 sing N N 166 
ILE CG2 HG22 sing N N 167 
ILE CG2 HG23 sing N N 168 
ILE CD1 HD11 sing N N 169 
ILE CD1 HD12 sing N N 170 
ILE CD1 HD13 sing N N 171 
ILE OXT HXT  sing N N 172 
LEU N   CA   sing N N 173 
LEU N   H    sing N N 174 
LEU N   H2   sing N N 175 
LEU CA  C    sing N N 176 
LEU CA  CB   sing N N 177 
LEU CA  HA   sing N N 178 
LEU C   O    doub N N 179 
LEU C   OXT  sing N N 180 
LEU CB  CG   sing N N 181 
LEU CB  HB2  sing N N 182 
LEU CB  HB3  sing N N 183 
LEU CG  CD1  sing N N 184 
LEU CG  CD2  sing N N 185 
LEU CG  HG   sing N N 186 
LEU CD1 HD11 sing N N 187 
LEU CD1 HD12 sing N N 188 
LEU CD1 HD13 sing N N 189 
LEU CD2 HD21 sing N N 190 
LEU CD2 HD22 sing N N 191 
LEU CD2 HD23 sing N N 192 
LEU OXT HXT  sing N N 193 
LYS N   CA   sing N N 194 
LYS N   H    sing N N 195 
LYS N   H2   sing N N 196 
LYS CA  C    sing N N 197 
LYS CA  CB   sing N N 198 
LYS CA  HA   sing N N 199 
LYS C   O    doub N N 200 
LYS C   OXT  sing N N 201 
LYS CB  CG   sing N N 202 
LYS CB  HB2  sing N N 203 
LYS CB  HB3  sing N N 204 
LYS CG  CD   sing N N 205 
LYS CG  HG2  sing N N 206 
LYS CG  HG3  sing N N 207 
LYS CD  CE   sing N N 208 
LYS CD  HD2  sing N N 209 
LYS CD  HD3  sing N N 210 
LYS CE  NZ   sing N N 211 
LYS CE  HE2  sing N N 212 
LYS CE  HE3  sing N N 213 
LYS NZ  HZ1  sing N N 214 
LYS NZ  HZ2  sing N N 215 
LYS NZ  HZ3  sing N N 216 
LYS OXT HXT  sing N N 217 
MET N   CA   sing N N 218 
MET N   H    sing N N 219 
MET N   H2   sing N N 220 
MET CA  C    sing N N 221 
MET CA  CB   sing N N 222 
MET CA  HA   sing N N 223 
MET C   O    doub N N 224 
MET C   OXT  sing N N 225 
MET CB  CG   sing N N 226 
MET CB  HB2  sing N N 227 
MET CB  HB3  sing N N 228 
MET CG  SD   sing N N 229 
MET CG  HG2  sing N N 230 
MET CG  HG3  sing N N 231 
MET SD  CE   sing N N 232 
MET CE  HE1  sing N N 233 
MET CE  HE2  sing N N 234 
MET CE  HE3  sing N N 235 
MET OXT HXT  sing N N 236 
PRO N   CA   sing N N 237 
PRO N   CD   sing N N 238 
PRO N   H    sing N N 239 
PRO CA  C    sing N N 240 
PRO CA  CB   sing N N 241 
PRO CA  HA   sing N N 242 
PRO C   O    doub N N 243 
PRO C   OXT  sing N N 244 
PRO CB  CG   sing N N 245 
PRO CB  HB2  sing N N 246 
PRO CB  HB3  sing N N 247 
PRO CG  CD   sing N N 248 
PRO CG  HG2  sing N N 249 
PRO CG  HG3  sing N N 250 
PRO CD  HD2  sing N N 251 
PRO CD  HD3  sing N N 252 
PRO OXT HXT  sing N N 253 
SER N   CA   sing N N 254 
SER N   H    sing N N 255 
SER N   H2   sing N N 256 
SER CA  C    sing N N 257 
SER CA  CB   sing N N 258 
SER CA  HA   sing N N 259 
SER C   O    doub N N 260 
SER C   OXT  sing N N 261 
SER CB  OG   sing N N 262 
SER CB  HB2  sing N N 263 
SER CB  HB3  sing N N 264 
SER OG  HG   sing N N 265 
SER OXT HXT  sing N N 266 
THR N   CA   sing N N 267 
THR N   H    sing N N 268 
THR N   H2   sing N N 269 
THR CA  C    sing N N 270 
THR CA  CB   sing N N 271 
THR CA  HA   sing N N 272 
THR C   O    doub N N 273 
THR C   OXT  sing N N 274 
THR CB  OG1  sing N N 275 
THR CB  CG2  sing N N 276 
THR CB  HB   sing N N 277 
THR OG1 HG1  sing N N 278 
THR CG2 HG21 sing N N 279 
THR CG2 HG22 sing N N 280 
THR CG2 HG23 sing N N 281 
THR OXT HXT  sing N N 282 
TRP N   CA   sing N N 283 
TRP N   H    sing N N 284 
TRP N   H2   sing N N 285 
TRP CA  C    sing N N 286 
TRP CA  CB   sing N N 287 
TRP CA  HA   sing N N 288 
TRP C   O    doub N N 289 
TRP C   OXT  sing N N 290 
TRP CB  CG   sing N N 291 
TRP CB  HB2  sing N N 292 
TRP CB  HB3  sing N N 293 
TRP CG  CD1  doub Y N 294 
TRP CG  CD2  sing Y N 295 
TRP CD1 NE1  sing Y N 296 
TRP CD1 HD1  sing N N 297 
TRP CD2 CE2  doub Y N 298 
TRP CD2 CE3  sing Y N 299 
TRP NE1 CE2  sing Y N 300 
TRP NE1 HE1  sing N N 301 
TRP CE2 CZ2  sing Y N 302 
TRP CE3 CZ3  doub Y N 303 
TRP CE3 HE3  sing N N 304 
TRP CZ2 CH2  doub Y N 305 
TRP CZ2 HZ2  sing N N 306 
TRP CZ3 CH2  sing Y N 307 
TRP CZ3 HZ3  sing N N 308 
TRP CH2 HH2  sing N N 309 
TRP OXT HXT  sing N N 310 
TYR N   CA   sing N N 311 
TYR N   H    sing N N 312 
TYR N   H2   sing N N 313 
TYR CA  C    sing N N 314 
TYR CA  CB   sing N N 315 
TYR CA  HA   sing N N 316 
TYR C   O    doub N N 317 
TYR C   OXT  sing N N 318 
TYR CB  CG   sing N N 319 
TYR CB  HB2  sing N N 320 
TYR CB  HB3  sing N N 321 
TYR CG  CD1  doub Y N 322 
TYR CG  CD2  sing Y N 323 
TYR CD1 CE1  sing Y N 324 
TYR CD1 HD1  sing N N 325 
TYR CD2 CE2  doub Y N 326 
TYR CD2 HD2  sing N N 327 
TYR CE1 CZ   doub Y N 328 
TYR CE1 HE1  sing N N 329 
TYR CE2 CZ   sing Y N 330 
TYR CE2 HE2  sing N N 331 
TYR CZ  OH   sing N N 332 
TYR OH  HH   sing N N 333 
TYR OXT HXT  sing N N 334 
VAL N   CA   sing N N 335 
VAL N   H    sing N N 336 
VAL N   H2   sing N N 337 
VAL CA  C    sing N N 338 
VAL CA  CB   sing N N 339 
VAL CA  HA   sing N N 340 
VAL C   O    doub N N 341 
VAL C   OXT  sing N N 342 
VAL CB  CG1  sing N N 343 
VAL CB  CG2  sing N N 344 
VAL CB  HB   sing N N 345 
VAL CG1 HG11 sing N N 346 
VAL CG1 HG12 sing N N 347 
VAL CG1 HG13 sing N N 348 
VAL CG2 HG21 sing N N 349 
VAL CG2 HG22 sing N N 350 
VAL CG2 HG23 sing N N 351 
VAL OXT HXT  sing N N 352 
# 
_pdbx_initial_refinement_model.id               1 
_pdbx_initial_refinement_model.entity_id_list   ? 
_pdbx_initial_refinement_model.type             'experimental model' 
_pdbx_initial_refinement_model.source_name      PDB 
_pdbx_initial_refinement_model.accession_code   2LCC 
_pdbx_initial_refinement_model.details          ? 
# 
_atom_sites.entry_id                    6BPH 
_atom_sites.fract_transf_matrix[1][1]   0.02093787 
_atom_sites.fract_transf_matrix[1][2]   -0.00233554 
_atom_sites.fract_transf_matrix[1][3]   0.01170303 
_atom_sites.fract_transf_matrix[2][1]   -0.00875100 
_atom_sites.fract_transf_matrix[2][2]   0.01306416 
_atom_sites.fract_transf_matrix[2][3]   0.01826356 
_atom_sites.fract_transf_matrix[3][1]   -0.00413877 
_atom_sites.fract_transf_matrix[3][2]   -0.01026120 
_atom_sites.fract_transf_matrix[3][3]   0.00535687 
_atom_sites.fract_transf_vector[1]      0.123203 
_atom_sites.fract_transf_vector[2]      0.457337 
_atom_sites.fract_transf_vector[3]      0.054086 
# 
loop_
_atom_type.symbol 
C 
N 
O 
S 
X 
# 
loop_
_atom_site.group_PDB 
_atom_site.id 
_atom_site.type_symbol 
_atom_site.label_atom_id 
_atom_site.label_alt_id 
_atom_site.label_comp_id 
_atom_site.label_asym_id 
_atom_site.label_entity_id 
_atom_site.label_seq_id 
_atom_site.pdbx_PDB_ins_code 
_atom_site.Cartn_x 
_atom_site.Cartn_y 
_atom_site.Cartn_z 
_atom_site.occupancy 
_atom_site.B_iso_or_equiv 
_atom_site.pdbx_formal_charge 
_atom_site.auth_seq_id 
_atom_site.auth_comp_id 
_atom_site.auth_asym_id 
_atom_site.auth_atom_id 
_atom_site.pdbx_PDB_model_num 
ATOM   1   C CA  . MET A 1 4  ? 4.621   -8.006  -14.615 1.00 51.99 ? 570 MET A CA  1 
ATOM   2   C C   . MET A 1 4  ? 5.256   -8.739  -13.428 1.00 53.36 ? 570 MET A C   1 
ATOM   3   O O   . MET A 1 4  ? 5.228   -8.228  -12.300 1.00 51.75 ? 570 MET A O   1 
ATOM   4   N N   . GLU A 1 5  ? 5.841   -9.932  -13.692 1.00 47.84 ? 571 GLU A N   1 
ATOM   5   C CA  . GLU A 1 5  ? 6.492   -10.781 -12.679 1.00 45.81 ? 571 GLU A CA  1 
ATOM   6   C C   . GLU A 1 5  ? 7.656   -10.075 -11.912 1.00 44.03 ? 571 GLU A C   1 
ATOM   7   O O   . GLU A 1 5  ? 7.710   -10.236 -10.696 1.00 43.52 ? 571 GLU A O   1 
ATOM   8   C CB  . GLU A 1 5  ? 6.956   -12.123 -13.283 1.00 48.31 ? 571 GLU A CB  1 
ATOM   9   N N   . PRO A 1 6  ? 8.560   -9.283  -12.538 1.00 37.79 ? 572 PRO A N   1 
ATOM   10  C CA  . PRO A 1 6  ? 9.623   -8.628  -11.744 1.00 36.23 ? 572 PRO A CA  1 
ATOM   11  C C   . PRO A 1 6  ? 9.161   -7.442  -10.886 1.00 36.34 ? 572 PRO A C   1 
ATOM   12  O O   . PRO A 1 6  ? 9.971   -6.851  -10.170 1.00 32.94 ? 572 PRO A O   1 
ATOM   13  C CB  . PRO A 1 6  ? 10.624  -8.151  -12.809 1.00 39.38 ? 572 PRO A CB  1 
ATOM   14  C CG  . PRO A 1 6  ? 10.161  -8.712  -14.104 1.00 46.23 ? 572 PRO A CG  1 
ATOM   15  C CD  . PRO A 1 6  ? 8.707   -8.956  -13.969 1.00 40.72 ? 572 PRO A CD  1 
ATOM   16  N N   . CYS A 1 7  ? 7.878   -7.075  -10.980 1.00 32.54 ? 573 CYS A N   1 
ATOM   17  C CA  . CYS A 1 7  ? 7.292   -5.916  -10.291 1.00 31.45 ? 573 CYS A CA  1 
ATOM   18  C C   . CYS A 1 7  ? 6.732   -6.205  -8.912  1.00 30.24 ? 573 CYS A C   1 
ATOM   19  O O   . CYS A 1 7  ? 6.359   -7.337  -8.622  1.00 29.86 ? 573 CYS A O   1 
ATOM   20  C CB  . CYS A 1 7  ? 6.210   -5.319  -11.180 1.00 32.51 ? 573 CYS A CB  1 
ATOM   21  S SG  . CYS A 1 7  ? 6.764   -4.927  -12.847 1.00 37.76 ? 573 CYS A SG  1 
ATOM   22  N N   . LEU A 1 8  ? 6.540   -5.138  -8.101  1.00 25.68 ? 574 LEU A N   1 
ATOM   23  C CA  . LEU A 1 8  ? 5.920   -5.275  -6.776  1.00 24.91 ? 574 LEU A CA  1 
ATOM   24  C C   . LEU A 1 8  ? 4.406   -5.175  -6.930  1.00 27.61 ? 574 LEU A C   1 
ATOM   25  O O   . LEU A 1 8  ? 3.672   -5.506  -6.010  1.00 24.10 ? 574 LEU A O   1 
ATOM   26  C CB  . LEU A 1 8  ? 6.425   -4.171  -5.815  1.00 24.82 ? 574 LEU A CB  1 
ATOM   27  C CG  . LEU A 1 8  ? 7.873   -4.307  -5.341  1.00 29.82 ? 574 LEU A CG  1 
ATOM   28  C CD1 . LEU A 1 8  ? 8.257   -3.149  -4.437  1.00 29.89 ? 574 LEU A CD1 1 
ATOM   29  C CD2 . LEU A 1 8  ? 8.083   -5.639  -4.651  1.00 32.09 ? 574 LEU A CD2 1 
ATOM   30  N N   . THR A 1 9  ? 3.932   -4.681  -8.084  1.00 26.27 ? 575 THR A N   1 
ATOM   31  C CA  . THR A 1 9  ? 2.491   -4.556  -8.305  1.00 26.55 ? 575 THR A CA  1 
ATOM   32  C C   . THR A 1 9  ? 1.811   -5.891  -8.098  1.00 29.07 ? 575 THR A C   1 
ATOM   33  O O   . THR A 1 9  ? 2.342   -6.944  -8.471  1.00 28.50 ? 575 THR A O   1 
ATOM   34  C CB  . THR A 1 9  ? 2.170   -3.897  -9.650  1.00 36.05 ? 575 THR A CB  1 
ATOM   35  O OG1 . THR A 1 9  ? 2.832   -4.617  -10.681 1.00 40.49 ? 575 THR A OG1 1 
ATOM   36  C CG2 . THR A 1 9  ? 2.572   -2.425  -9.686  1.00 35.67 ? 575 THR A CG2 1 
ATOM   37  N N   . GLY A 1 10 ? 0.684   -5.858  -7.415  1.00 23.41 ? 576 GLY A N   1 
ATOM   38  C CA  . GLY A 1 10 ? -0.036  -7.084  -7.095  1.00 23.21 ? 576 GLY A CA  1 
ATOM   39  C C   . GLY A 1 10 ? 0.345   -7.669  -5.752  1.00 27.41 ? 576 GLY A C   1 
ATOM   40  O O   . GLY A 1 10 ? -0.380  -8.518  -5.237  1.00 27.37 ? 576 GLY A O   1 
ATOM   41  N N   . THR A 1 11 ? 1.486   -7.241  -5.166  1.00 23.54 ? 577 THR A N   1 
ATOM   42  C CA  . THR A 1 11 ? 1.873   -7.764  -3.846  1.00 22.39 ? 577 THR A CA  1 
ATOM   43  C C   . THR A 1 11 ? 0.773   -7.427  -2.839  1.00 23.49 ? 577 THR A C   1 
ATOM   44  O O   . THR A 1 11 ? 0.276   -6.303  -2.811  1.00 22.46 ? 577 THR A O   1 
ATOM   45  C CB  . THR A 1 11 ? 3.206   -7.184  -3.359  1.00 26.32 ? 577 THR A CB  1 
ATOM   46  O OG1 . THR A 1 11 ? 4.196   -7.424  -4.356  1.00 24.70 ? 577 THR A OG1 1 
ATOM   47  C CG2 . THR A 1 11 ? 3.652   -7.795  -2.003  1.00 24.94 ? 577 THR A CG2 1 
ATOM   48  N N   . LYS A 1 12 ? 0.389   -8.425  -2.040  1.00 20.84 ? 578 LYS A N   1 
ATOM   49  C CA  . LYS A 1 12 ? -0.598  -8.279  -0.999  1.00 19.63 ? 578 LYS A CA  1 
ATOM   50  C C   . LYS A 1 12 ? 0.124   -7.813  0.255   1.00 21.84 ? 578 LYS A C   1 
ATOM   51  O O   . LYS A 1 12 ? 0.917   -8.572  0.821   1.00 22.65 ? 578 LYS A O   1 
ATOM   52  C CB  . LYS A 1 12 ? -1.262  -9.641  -0.769  1.00 21.37 ? 578 LYS A CB  1 
ATOM   53  C CG  . LYS A 1 12 ? -2.288  -9.585  0.307   1.00 27.86 ? 578 LYS A CG  1 
ATOM   54  C CD  . LYS A 1 12 ? -3.107  -10.857 0.214   1.00 36.32 ? 578 LYS A CD  1 
ATOM   55  C CE  . LYS A 1 12 ? -4.111  -10.889 1.300   1.00 30.29 ? 578 LYS A CE  1 
ATOM   56  N NZ  . LYS A 1 12 ? -3.473  -11.202 2.611   1.00 33.17 ? 578 LYS A NZ  1 
ATOM   57  N N   . VAL A 1 13 ? -0.209  -6.609  0.742   1.00 18.18 ? 579 VAL A N   1 
ATOM   58  C CA  . VAL A 1 13 ? 0.488   -6.020  1.896   1.00 17.91 ? 579 VAL A CA  1 
ATOM   59  C C   . VAL A 1 13 ? -0.475  -5.577  2.993   1.00 21.55 ? 579 VAL A C   1 
ATOM   60  O O   . VAL A 1 13 ? -1.688  -5.711  2.853   1.00 21.90 ? 579 VAL A O   1 
ATOM   61  C CB  . VAL A 1 13 ? 1.361   -4.809  1.439   1.00 20.54 ? 579 VAL A CB  1 
ATOM   62  C CG1 . VAL A 1 13 ? 2.366   -5.228  0.376   1.00 19.35 ? 579 VAL A CG1 1 
ATOM   63  C CG2 . VAL A 1 13 ? 0.491   -3.621  0.957   1.00 20.20 ? 579 VAL A CG2 1 
ATOM   64  N N   . LYS A 1 14 ? 0.079   -5.028  4.078   1.00 19.39 ? 580 LYS A N   1 
ATOM   65  C CA  . LYS A 1 14 ? -0.746  -4.388  5.103   1.00 19.43 ? 580 LYS A CA  1 
ATOM   66  C C   . LYS A 1 14 ? -0.302  -2.932  5.144   1.00 22.83 ? 580 LYS A C   1 
ATOM   67  O O   . LYS A 1 14 ? 0.860   -2.643  4.841   1.00 23.18 ? 580 LYS A O   1 
ATOM   68  C CB  . LYS A 1 14 ? -0.620  -5.073  6.454   1.00 23.24 ? 580 LYS A CB  1 
ATOM   69  C CG  . LYS A 1 14 ? -1.284  -6.436  6.457   1.00 26.23 ? 580 LYS A CG  1 
ATOM   70  C CD  . LYS A 1 14 ? -0.951  -7.226  7.692   1.00 29.90 ? 580 LYS A CD  1 
ATOM   71  C CE  . LYS A 1 14 ? -1.673  -8.561  7.635   1.00 42.65 ? 580 LYS A CE  1 
ATOM   72  N NZ  . LYS A 1 14 ? -1.796  -9.190  8.980   1.00 52.89 ? 580 LYS A NZ  1 
ATOM   73  N N   . VAL A 1 15 ? -1.237  -2.007  5.404   1.00 19.66 ? 581 VAL A N   1 
ATOM   74  C CA  . VAL A 1 15 ? -0.945  -0.570  5.348   1.00 19.09 ? 581 VAL A CA  1 
ATOM   75  C C   . VAL A 1 15 ? -1.414  0.106   6.633   1.00 23.96 ? 581 VAL A C   1 
ATOM   76  O O   . VAL A 1 15 ? -2.563  -0.062  7.022   1.00 23.54 ? 581 VAL A O   1 
ATOM   77  C CB  . VAL A 1 15 ? -1.590  0.108   4.081   1.00 21.40 ? 581 VAL A CB  1 
ATOM   78  C CG1 . VAL A 1 15 ? -1.262  1.602   4.001   1.00 20.37 ? 581 VAL A CG1 1 
ATOM   79  C CG2 . VAL A 1 15 ? -1.168  -0.583  2.793   1.00 21.04 ? 581 VAL A CG2 1 
ATOM   80  N N   . LYS A 1 16 ? -0.546  0.911   7.250   1.00 24.58 ? 582 LYS A N   1 
ATOM   81  C CA  . LYS A 1 16 ? -0.890  1.701   8.444   1.00 26.73 ? 582 LYS A CA  1 
ATOM   82  C C   . LYS A 1 16 ? -1.836  2.832   8.013   1.00 34.00 ? 582 LYS A C   1 
ATOM   83  O O   . LYS A 1 16 ? -1.594  3.470   6.975   1.00 31.19 ? 582 LYS A O   1 
ATOM   84  C CB  . LYS A 1 16 ? 0.387   2.285   9.074   1.00 29.00 ? 582 LYS A CB  1 
ATOM   85  C CG  . LYS A 1 16 ? 1.298   1.220   9.654   1.00 34.46 ? 582 LYS A CG  1 
ATOM   86  C CD  . LYS A 1 16 ? 2.511   1.823   10.346  1.00 46.36 ? 582 LYS A CD  1 
ATOM   87  C CE  . LYS A 1 16 ? 3.568   0.776   10.624  1.00 56.43 ? 582 LYS A CE  1 
ATOM   88  N N   . TYR A 1 17 ? -2.937  3.038   8.758   1.00 34.06 ? 583 TYR A N   1 
ATOM   89  C CA  . TYR A 1 17 ? -3.896  4.090   8.406   1.00 36.73 ? 583 TYR A CA  1 
ATOM   90  C C   . TYR A 1 17 ? -4.322  4.858   9.638   1.00 42.51 ? 583 TYR A C   1 
ATOM   91  O O   . TYR A 1 17 ? -4.828  4.264   10.589  1.00 41.73 ? 583 TYR A O   1 
ATOM   92  C CB  . TYR A 1 17 ? -5.124  3.521   7.661   1.00 40.59 ? 583 TYR A CB  1 
ATOM   93  C CG  . TYR A 1 17 ? -6.120  4.582   7.235   1.00 46.93 ? 583 TYR A CG  1 
ATOM   94  C CD1 . TYR A 1 17 ? -5.938  5.308   6.060   1.00 49.63 ? 583 TYR A CD1 1 
ATOM   95  C CD2 . TYR A 1 17 ? -7.230  4.882   8.021   1.00 49.70 ? 583 TYR A CD2 1 
ATOM   96  C CE1 . TYR A 1 17 ? -6.833  6.310   5.681   1.00 52.72 ? 583 TYR A CE1 1 
ATOM   97  C CE2 . TYR A 1 17 ? -8.136  5.875   7.646   1.00 51.96 ? 583 TYR A CE2 1 
ATOM   98  C CZ  . TYR A 1 17 ? -7.936  6.584   6.474   1.00 61.62 ? 583 TYR A CZ  1 
ATOM   99  O OH  . TYR A 1 17 ? -8.830  7.558   6.096   1.00 66.53 ? 583 TYR A OH  1 
ATOM   100 N N   . GLY A 1 18 ? -4.171  6.173   9.580   1.00 41.12 ? 584 GLY A N   1 
ATOM   101 C CA  . GLY A 1 18 ? -4.519  7.044   10.696  1.00 42.59 ? 584 GLY A CA  1 
ATOM   102 C C   . GLY A 1 18 ? -3.339  7.189   11.637  1.00 46.71 ? 584 GLY A C   1 
ATOM   103 O O   . GLY A 1 18 ? -2.248  6.688   11.352  1.00 45.18 ? 584 GLY A O   1 
ATOM   104 N N   . ARG A 1 19 ? -3.550  7.861   12.770  1.00 45.50 ? 585 ARG A N   1 
ATOM   105 C CA  . ARG A 1 19 ? -2.485  8.110   13.740  1.00 45.23 ? 585 ARG A CA  1 
ATOM   106 C C   . ARG A 1 19 ? -2.954  7.880   15.169  1.00 47.44 ? 585 ARG A C   1 
ATOM   107 O O   . ARG A 1 19 ? -4.159  7.820   15.420  1.00 46.63 ? 585 ARG A O   1 
ATOM   108 C CB  . ARG A 1 19 ? -1.970  9.557   13.586  1.00 46.66 ? 585 ARG A CB  1 
ATOM   109 N N   . GLY A 1 20 ? -1.985  7.787   16.085  1.00 44.05 ? 586 GLY A N   1 
ATOM   110 C CA  . GLY A 1 20 ? -2.192  7.646   17.521  1.00 45.09 ? 586 GLY A CA  1 
ATOM   111 C C   . GLY A 1 20 ? -3.033  6.459   17.928  1.00 48.68 ? 586 GLY A C   1 
ATOM   112 O O   . GLY A 1 20 ? -2.918  5.383   17.338  1.00 48.44 ? 586 GLY A O   1 
ATOM   113 N N   . LYS A 1 21 ? -3.909  6.676   18.921  1.00 45.68 ? 587 LYS A N   1 
ATOM   114 C CA  . LYS A 1 21 ? -4.827  5.699   19.514  1.00 46.49 ? 587 LYS A CA  1 
ATOM   115 C C   . LYS A 1 21 ? -5.788  5.020   18.503  1.00 50.31 ? 587 LYS A C   1 
ATOM   116 O O   . LYS A 1 21 ? -6.252  3.900   18.760  1.00 50.94 ? 587 LYS A O   1 
ATOM   117 C CB  . LYS A 1 21 ? -5.649  6.357   20.633  1.00 50.73 ? 587 LYS A CB  1 
ATOM   118 C CG  . LYS A 1 21 ? -4.824  6.792   21.840  1.00 57.82 ? 587 LYS A CG  1 
ATOM   119 C CD  . LYS A 1 21 ? -5.683  7.277   22.981  1.00 59.08 ? 587 LYS A CD  1 
ATOM   120 C CE  . LYS A 1 21 ? -4.858  7.702   24.176  1.00 60.12 ? 587 LYS A CE  1 
ATOM   121 N NZ  . LYS A 1 21 ? -5.696  7.858   25.390  1.00 70.71 ? 587 LYS A NZ  1 
ATOM   122 N N   . THR A 1 22 ? -6.098  5.698   17.382  1.00 44.54 ? 588 THR A N   1 
ATOM   123 C CA  . THR A 1 22 ? -7.076  5.209   16.413  1.00 43.92 ? 588 THR A CA  1 
ATOM   124 C C   . THR A 1 22 ? -6.444  4.638   15.131  1.00 45.71 ? 588 THR A C   1 
ATOM   125 O O   . THR A 1 22 ? -7.186  4.259   14.214  1.00 44.90 ? 588 THR A O   1 
ATOM   126 C CB  . THR A 1 22 ? -8.129  6.294   16.114  1.00 55.93 ? 588 THR A CB  1 
ATOM   127 O OG1 . THR A 1 22 ? -7.468  7.477   15.674  1.00 57.40 ? 588 THR A OG1 1 
ATOM   128 C CG2 . THR A 1 22 ? -9.014  6.604   17.321  1.00 57.99 ? 588 THR A CG2 1 
ATOM   129 N N   . GLN A 1 23 ? -5.091  4.522   15.082  1.00 39.51 ? 589 GLN A N   1 
ATOM   130 C CA  . GLN A 1 23 ? -4.402  3.931   13.933  1.00 36.05 ? 589 GLN A CA  1 
ATOM   131 C C   . GLN A 1 23 ? -4.861  2.483   13.767  1.00 38.19 ? 589 GLN A C   1 
ATOM   132 O O   . GLN A 1 23 ? -5.023  1.750   14.763  1.00 38.08 ? 589 GLN A O   1 
ATOM   133 C CB  . GLN A 1 23 ? -2.868  3.974   14.089  1.00 36.88 ? 589 GLN A CB  1 
ATOM   134 C CG  . GLN A 1 23 ? -2.136  3.651   12.777  1.00 47.45 ? 589 GLN A CG  1 
ATOM   135 C CD  . GLN A 1 23 ? -0.636  3.753   12.863  1.00 65.06 ? 589 GLN A CD  1 
ATOM   136 O OE1 . GLN A 1 23 ? 0.063   2.786   13.189  1.00 56.85 ? 589 GLN A OE1 1 
ATOM   137 N NE2 . GLN A 1 23 ? -0.105  4.911   12.499  1.00 58.25 ? 589 GLN A NE2 1 
ATOM   138 N N   . LYS A 1 24 ? -5.100  2.088   12.510  1.00 32.72 ? 590 LYS A N   1 
ATOM   139 C CA  . LYS A 1 24 ? -5.523  0.734   12.181  1.00 32.00 ? 590 LYS A CA  1 
ATOM   140 C C   . LYS A 1 24 ? -4.629  0.213   11.060  1.00 32.68 ? 590 LYS A C   1 
ATOM   141 O O   . LYS A 1 24 ? -3.934  0.996   10.431  1.00 31.09 ? 590 LYS A O   1 
ATOM   142 C CB  . LYS A 1 24 ? -6.996  0.737   11.722  1.00 36.68 ? 590 LYS A CB  1 
ATOM   143 N N   . ILE A 1 25 ? -4.624  -1.104  10.843  1.00 28.54 ? 591 ILE A N   1 
ATOM   144 C CA  . ILE A 1 25 ? -3.857  -1.731  9.766   1.00 27.64 ? 591 ILE A CA  1 
ATOM   145 C C   . ILE A 1 25 ? -4.899  -2.321  8.814   1.00 29.69 ? 591 ILE A C   1 
ATOM   146 O O   . ILE A 1 25 ? -5.817  -3.015  9.269   1.00 27.94 ? 591 ILE A O   1 
ATOM   147 C CB  . ILE A 1 25 ? -2.898  -2.831  10.300  1.00 31.87 ? 591 ILE A CB  1 
ATOM   148 C CG1 . ILE A 1 25 ? -1.912  -2.320  11.401  1.00 34.75 ? 591 ILE A CG1 1 
ATOM   149 C CG2 . ILE A 1 25 ? -2.165  -3.517  9.165   1.00 30.77 ? 591 ILE A CG2 1 
ATOM   150 C CD1 . ILE A 1 25 ? -1.076  -1.090  11.146  1.00 40.33 ? 591 ILE A CD1 1 
ATOM   151 N N   . TYR A 1 26 ? -4.787  -2.015  7.515   1.00 25.77 ? 592 TYR A N   1 
ATOM   152 C CA  . TYR A 1 26 ? -5.716  -2.521  6.507   1.00 24.71 ? 592 TYR A CA  1 
ATOM   153 C C   . TYR A 1 26 ? -4.952  -3.308  5.477   1.00 25.12 ? 592 TYR A C   1 
ATOM   154 O O   . TYR A 1 26 ? -3.815  -2.971  5.163   1.00 22.50 ? 592 TYR A O   1 
ATOM   155 C CB  . TYR A 1 26 ? -6.437  -1.358  5.811   1.00 26.76 ? 592 TYR A CB  1 
ATOM   156 C CG  . TYR A 1 26 ? -7.438  -0.664  6.710   1.00 33.67 ? 592 TYR A CG  1 
ATOM   157 C CD1 . TYR A 1 26 ? -8.640  -1.277  7.052   1.00 37.62 ? 592 TYR A CD1 1 
ATOM   158 C CD2 . TYR A 1 26 ? -7.162  0.586   7.261   1.00 36.09 ? 592 TYR A CD2 1 
ATOM   159 C CE1 . TYR A 1 26 ? -9.552  -0.661  7.913   1.00 41.82 ? 592 TYR A CE1 1 
ATOM   160 C CE2 . TYR A 1 26 ? -8.080  1.226   8.104   1.00 39.48 ? 592 TYR A CE2 1 
ATOM   161 C CZ  . TYR A 1 26 ? -9.278  0.598   8.417   1.00 49.85 ? 592 TYR A CZ  1 
ATOM   162 O OH  . TYR A 1 26 ? -10.196 1.196   9.250   1.00 53.17 ? 592 TYR A OH  1 
ATOM   163 N N   . GLU A 1 27 ? -5.574  -4.337  4.945   1.00 21.53 ? 593 GLU A N   1 
ATOM   164 C CA  . GLU A 1 27 ? -4.954  -5.156  3.907   1.00 19.33 ? 593 GLU A CA  1 
ATOM   165 C C   . GLU A 1 27 ? -5.178  -4.458  2.573   1.00 23.02 ? 593 GLU A C   1 
ATOM   166 O O   . GLU A 1 27 ? -6.268  -3.930  2.298   1.00 21.51 ? 593 GLU A O   1 
ATOM   167 C CB  . GLU A 1 27 ? -5.544  -6.545  3.909   1.00 20.33 ? 593 GLU A CB  1 
ATOM   168 C CG  . GLU A 1 27 ? -5.349  -7.226  5.252   1.00 24.46 ? 593 GLU A CG  1 
ATOM   169 C CD  . GLU A 1 27 ? -5.743  -8.679  5.171   1.00 32.39 ? 593 GLU A CD  1 
ATOM   170 O OE1 . GLU A 1 27 ? -4.918  -9.476  4.678   1.00 37.17 ? 593 GLU A OE1 1 
ATOM   171 O OE2 . GLU A 1 27 ? -6.912  -8.997  5.476   1.00 24.72 ? 593 GLU A OE2 1 
ATOM   172 N N   . ALA A 1 28 ? -4.140  -4.461  1.742   1.00 19.17 ? 594 ALA A N   1 
ATOM   173 C CA  . ALA A 1 28 ? -4.168  -3.729  0.487   1.00 17.93 ? 594 ALA A CA  1 
ATOM   174 C C   . ALA A 1 28 ? -3.278  -4.363  -0.540  1.00 20.27 ? 594 ALA A C   1 
ATOM   175 O O   . ALA A 1 28 ? -2.428  -5.182  -0.204  1.00 18.71 ? 594 ALA A O   1 
ATOM   176 C CB  . ALA A 1 28 ? -3.697  -2.287  0.729   1.00 17.39 ? 594 ALA A CB  1 
ATOM   177 N N   . SER A 1 29 ? -3.455  -3.971  -1.801  1.00 19.41 ? 595 SER A N   1 
ATOM   178 C CA  . SER A 1 29 ? -2.520  -4.409  -2.823  1.00 18.27 ? 595 SER A CA  1 
ATOM   179 C C   . SER A 1 29 ? -1.718  -3.209  -3.276  1.00 21.39 ? 595 SER A C   1 
ATOM   180 O O   . SER A 1 29 ? -2.183  -2.078  -3.154  1.00 20.09 ? 595 SER A O   1 
ATOM   181 C CB  . SER A 1 29 ? -3.245  -4.953  -4.036  1.00 20.97 ? 595 SER A CB  1 
ATOM   182 O OG  . SER A 1 29 ? -3.975  -3.930  -4.685  1.00 25.45 ? 595 SER A OG  1 
ATOM   183 N N   . ILE A 1 30 ? -0.539  -3.465  -3.844  1.00 19.17 ? 596 ILE A N   1 
ATOM   184 C CA  . ILE A 1 30 ? 0.288   -2.420  -4.450  1.00 18.46 ? 596 ILE A CA  1 
ATOM   185 C C   . ILE A 1 30 ? -0.226  -2.304  -5.889  1.00 21.89 ? 596 ILE A C   1 
ATOM   186 O O   . ILE A 1 30 ? -0.190  -3.300  -6.649  1.00 20.59 ? 596 ILE A O   1 
ATOM   187 C CB  . ILE A 1 30 ? 1.797   -2.821  -4.473  1.00 20.81 ? 596 ILE A CB  1 
ATOM   188 C CG1 . ILE A 1 30 ? 2.373   -3.074  -3.047  1.00 20.96 ? 596 ILE A CG1 1 
ATOM   189 C CG2 . ILE A 1 30 ? 2.635   -1.727  -5.278  1.00 19.80 ? 596 ILE A CG2 1 
ATOM   190 C CD1 . ILE A 1 30 ? 2.470   -1.797  -2.099  1.00 23.36 ? 596 ILE A CD1 1 
ATOM   191 N N   . LYS A 1 31 ? -0.706  -1.110  -6.269  1.00 20.08 ? 597 LYS A N   1 
ATOM   192 C CA  . LYS A 1 31 ? -1.228  -0.892  -7.621  1.00 20.11 ? 597 LYS A CA  1 
ATOM   193 C C   . LYS A 1 31 ? -0.185  -0.260  -8.539  1.00 25.57 ? 597 LYS A C   1 
ATOM   194 O O   . LYS A 1 31 ? -0.233  -0.457  -9.745  1.00 23.81 ? 597 LYS A O   1 
ATOM   195 C CB  . LYS A 1 31 ? -2.486  0.007   -7.605  1.00 22.07 ? 597 LYS A CB  1 
ATOM   196 C CG  . LYS A 1 31 ? -3.745  -0.698  -7.176  1.00 28.96 ? 597 LYS A CG  1 
ATOM   197 C CD  . LYS A 1 31 ? -4.196  -1.621  -8.298  1.00 33.47 ? 597 LYS A CD  1 
ATOM   198 C CE  . LYS A 1 31 ? -5.380  -2.451  -7.965  1.00 44.22 ? 597 LYS A CE  1 
ATOM   199 N NZ  . LYS A 1 31 ? -5.530  -3.500  -9.001  1.00 36.66 ? 597 LYS A NZ  1 
ATOM   200 N N   . SER A 1 32 ? 0.685   0.583   -7.981  1.00 19.82 ? 598 SER A N   1 
ATOM   201 C CA  . SER A 1 32 ? 1.657   1.335   -8.753  1.00 19.39 ? 598 SER A CA  1 
ATOM   202 C C   . SER A 1 32 ? 2.701   1.868   -7.803  1.00 23.97 ? 598 SER A C   1 
ATOM   203 O O   . SER A 1 32 ? 2.512   1.843   -6.581  1.00 22.63 ? 598 SER A O   1 
ATOM   204 C CB  . SER A 1 32 ? 0.974   2.503   -9.482  1.00 21.64 ? 598 SER A CB  1 
ATOM   205 O OG  . SER A 1 32 ? 1.815   3.016   -10.496 1.00 26.64 ? 598 SER A OG  1 
ATOM   206 N N   . THR A 1 33 ? 3.807   2.348   -8.375  1.00 20.59 ? 599 THR A N   1 
ATOM   207 C CA  . THR A 1 33 ? 4.928   2.889   -7.621  1.00 19.57 ? 599 THR A CA  1 
ATOM   208 C C   . THR A 1 33 ? 5.331   4.224   -8.214  1.00 22.49 ? 599 THR A C   1 
ATOM   209 O O   . THR A 1 33 ? 5.176   4.463   -9.416  1.00 23.94 ? 599 THR A O   1 
ATOM   210 C CB  . THR A 1 33 ? 6.139   1.935   -7.735  1.00 28.32 ? 599 THR A CB  1 
ATOM   211 O OG1 . THR A 1 33 ? 6.521   1.862   -9.127  1.00 28.51 ? 599 THR A OG1 1 
ATOM   212 C CG2 . THR A 1 33 ? 5.864   0.528   -7.146  1.00 22.48 ? 599 THR A CG2 1 
ATOM   213 N N   . GLU A 1 34 ? 5.844   5.102   -7.359  1.00 19.03 ? 600 GLU A N   1 
ATOM   214 C CA  . GLU A 1 34 ? 6.374   6.393   -7.766  1.00 18.78 ? 600 GLU A CA  1 
ATOM   215 C C   . GLU A 1 34 ? 7.714   6.596   -7.100  1.00 22.75 ? 600 GLU A C   1 
ATOM   216 O O   . GLU A 1 34 ? 7.958   6.033   -6.053  1.00 22.58 ? 600 GLU A O   1 
ATOM   217 C CB  . GLU A 1 34 ? 5.444   7.541   -7.349  1.00 20.56 ? 600 GLU A CB  1 
ATOM   218 C CG  . GLU A 1 34 ? 4.559   8.036   -8.473  1.00 26.30 ? 600 GLU A CG  1 
ATOM   219 C CD  . GLU A 1 34 ? 5.240   8.938   -9.479  1.00 35.88 ? 600 GLU A CD  1 
ATOM   220 O OE1 . GLU A 1 34 ? 4.516   9.736   -10.110 1.00 25.85 ? 600 GLU A OE1 1 
ATOM   221 O OE2 . GLU A 1 34 ? 6.481   8.877   -9.622  1.00 27.29 ? 600 GLU A OE2 1 
ATOM   222 N N   . ILE A 1 35 ? 8.577   7.396   -7.712  1.00 22.61 ? 601 ILE A N   1 
ATOM   223 C CA  . ILE A 1 35 ? 9.849   7.795   -7.119  1.00 22.42 ? 601 ILE A CA  1 
ATOM   224 C C   . ILE A 1 35 ? 9.734   9.290   -7.068  1.00 25.26 ? 601 ILE A C   1 
ATOM   225 O O   . ILE A 1 35 ? 9.404   9.941   -8.075  1.00 23.30 ? 601 ILE A O   1 
ATOM   226 C CB  . ILE A 1 35 ? 11.126  7.355   -7.905  1.00 26.21 ? 601 ILE A CB  1 
ATOM   227 C CG1 . ILE A 1 35 ? 11.216  5.809   -8.094  1.00 26.15 ? 601 ILE A CG1 1 
ATOM   228 C CG2 . ILE A 1 35 ? 12.427  7.927   -7.245  1.00 24.99 ? 601 ILE A CG2 1 
ATOM   229 C CD1 . ILE A 1 35 ? 11.162  5.017   -6.806  1.00 31.24 ? 601 ILE A CD1 1 
ATOM   230 N N   . ASP A 1 36 ? 9.999   9.840   -5.889  1.00 22.67 ? 602 ASP A N   1 
ATOM   231 C CA  . ASP A 1 36 ? 9.955   11.274  -5.718  1.00 22.89 ? 602 ASP A CA  1 
ATOM   232 C C   . ASP A 1 36 ? 10.942  11.712  -4.653  1.00 24.64 ? 602 ASP A C   1 
ATOM   233 O O   . ASP A 1 36 ? 10.888  11.233  -3.515  1.00 23.35 ? 602 ASP A O   1 
ATOM   234 C CB  . ASP A 1 36 ? 8.528   11.690  -5.343  1.00 24.62 ? 602 ASP A CB  1 
ATOM   235 C CG  . ASP A 1 36 ? 8.373   13.176  -5.432  1.00 35.99 ? 602 ASP A CG  1 
ATOM   236 O OD1 . ASP A 1 36 ? 8.641   13.846  -4.428  1.00 33.45 ? 602 ASP A OD1 1 
ATOM   237 O OD2 . ASP A 1 36 ? 8.037   13.672  -6.538  1.00 45.35 ? 602 ASP A OD2 1 
ATOM   238 N N   . ASP A 1 37 ? 11.862  12.607  -5.033  1.00 23.00 ? 603 ASP A N   1 
ATOM   239 C CA  . ASP A 1 37 ? 12.877  13.179  -4.148  1.00 24.09 ? 603 ASP A CA  1 
ATOM   240 C C   . ASP A 1 37 ? 13.682  12.121  -3.356  1.00 27.81 ? 603 ASP A C   1 
ATOM   241 O O   . ASP A 1 37 ? 13.938  12.291  -2.156  1.00 26.12 ? 603 ASP A O   1 
ATOM   242 C CB  . ASP A 1 37 ? 12.218  14.226  -3.218  1.00 26.02 ? 603 ASP A CB  1 
ATOM   243 C CG  . ASP A 1 37 ? 13.178  15.183  -2.557  1.00 39.12 ? 603 ASP A CG  1 
ATOM   244 O OD1 . ASP A 1 37 ? 14.148  15.609  -3.227  1.00 43.28 ? 603 ASP A OD1 1 
ATOM   245 O OD2 . ASP A 1 37 ? 12.942  15.535  -1.381  1.00 45.19 ? 603 ASP A OD2 1 
ATOM   246 N N   . GLY A 1 38 ? 14.108  11.056  -4.047  1.00 23.65 ? 604 GLY A N   1 
ATOM   247 C CA  . GLY A 1 38 ? 14.927  10.022  -3.423  1.00 23.21 ? 604 GLY A CA  1 
ATOM   248 C C   . GLY A 1 38 ? 14.184  9.000   -2.584  1.00 25.41 ? 604 GLY A C   1 
ATOM   249 O O   . GLY A 1 38 ? 14.816  8.225   -1.860  1.00 25.19 ? 604 GLY A O   1 
ATOM   250 N N   . GLU A 1 39 ? 12.848  8.981   -2.668  1.00 21.15 ? 605 GLU A N   1 
ATOM   251 C CA  . GLU A 1 39 ? 12.018  8.056   -1.896  1.00 21.09 ? 605 GLU A CA  1 
ATOM   252 C C   . GLU A 1 39 ? 11.035  7.355   -2.808  1.00 24.32 ? 605 GLU A C   1 
ATOM   253 O O   . GLU A 1 39 ? 10.678  7.897   -3.858  1.00 24.24 ? 605 GLU A O   1 
ATOM   254 C CB  . GLU A 1 39 ? 11.204  8.837   -0.844  1.00 23.64 ? 605 GLU A CB  1 
ATOM   255 C CG  . GLU A 1 39 ? 12.024  9.370   0.323   1.00 37.21 ? 605 GLU A CG  1 
ATOM   256 C CD  . GLU A 1 39 ? 11.140  9.753   1.497   1.00 64.97 ? 605 GLU A CD  1 
ATOM   257 O OE1 . GLU A 1 39 ? 10.261  8.941   1.875   1.00 67.62 ? 605 GLU A OE1 1 
ATOM   258 O OE2 . GLU A 1 39 ? 11.299  10.879  2.017   1.00 61.78 ? 605 GLU A OE2 1 
ATOM   259 N N   . VAL A 1 40 ? 10.549  6.178   -2.379  1.00 21.08 ? 606 VAL A N   1 
ATOM   260 C CA  . VAL A 1 40 ? 9.551   5.412   -3.125  1.00 20.40 ? 606 VAL A CA  1 
ATOM   261 C C   . VAL A 1 40 ? 8.186   5.654   -2.494  1.00 22.21 ? 606 VAL A C   1 
ATOM   262 O O   . VAL A 1 40 ? 8.072   5.665   -1.272  1.00 22.68 ? 606 VAL A O   1 
ATOM   263 C CB  . VAL A 1 40 ? 9.887   3.893   -3.129  1.00 24.47 ? 606 VAL A CB  1 
ATOM   264 C CG1 . VAL A 1 40 ? 8.901   3.093   -3.986  1.00 22.11 ? 606 VAL A CG1 1 
ATOM   265 C CG2 . VAL A 1 40 ? 11.321  3.654   -3.578  1.00 25.28 ? 606 VAL A CG2 1 
ATOM   266 N N   . LEU A 1 41 ? 7.144   5.802   -3.315  1.00 18.27 ? 607 LEU A N   1 
ATOM   267 C CA  . LEU A 1 41 ? 5.746   5.909   -2.853  1.00 17.80 ? 607 LEU A CA  1 
ATOM   268 C C   . LEU A 1 41 ? 4.971   4.834   -3.541  1.00 22.73 ? 607 LEU A C   1 
ATOM   269 O O   . LEU A 1 41 ? 5.341   4.419   -4.642  1.00 21.17 ? 607 LEU A O   1 
ATOM   270 C CB  . LEU A 1 41 ? 5.115   7.275   -3.176  1.00 18.70 ? 607 LEU A CB  1 
ATOM   271 C CG  . LEU A 1 41 ? 5.764   8.434   -2.408  1.00 24.94 ? 607 LEU A CG  1 
ATOM   272 C CD1 . LEU A 1 41 ? 6.812   9.131   -3.266  1.00 24.40 ? 607 LEU A CD1 1 
ATOM   273 C CD2 . LEU A 1 41 ? 4.696   9.426   -1.935  1.00 27.31 ? 607 LEU A CD2 1 
ATOM   274 N N   . TYR A 1 42 ? 3.892   4.373   -2.907  1.00 18.78 ? 608 TYR A N   1 
ATOM   275 C CA  . TYR A 1 42 ? 3.103   3.294   -3.483  1.00 18.15 ? 608 TYR A CA  1 
ATOM   276 C C   . TYR A 1 42 ? 1.668   3.683   -3.546  1.00 20.31 ? 608 TYR A C   1 
ATOM   277 O O   . TYR A 1 42 ? 1.135   4.202   -2.568  1.00 20.30 ? 608 TYR A O   1 
ATOM   278 C CB  . TYR A 1 42 ? 3.212   2.042   -2.605  1.00 19.29 ? 608 TYR A CB  1 
ATOM   279 C CG  . TYR A 1 42 ? 4.626   1.530   -2.453  1.00 19.35 ? 608 TYR A CG  1 
ATOM   280 C CD1 . TYR A 1 42 ? 5.175   0.662   -3.388  1.00 20.44 ? 608 TYR A CD1 1 
ATOM   281 C CD2 . TYR A 1 42 ? 5.424   1.939   -1.390  1.00 21.09 ? 608 TYR A CD2 1 
ATOM   282 C CE1 . TYR A 1 42 ? 6.483   0.205   -3.270  1.00 22.54 ? 608 TYR A CE1 1 
ATOM   283 C CE2 . TYR A 1 42 ? 6.728   1.471   -1.248  1.00 22.41 ? 608 TYR A CE2 1 
ATOM   284 C CZ  . TYR A 1 42 ? 7.246   0.596   -2.187  1.00 25.06 ? 608 TYR A CZ  1 
ATOM   285 O OH  . TYR A 1 42 ? 8.534   0.152   -2.076  1.00 26.98 ? 608 TYR A OH  1 
ATOM   286 N N   . LEU A 1 43 ? 1.020   3.392   -4.658  1.00 17.17 ? 609 LEU A N   1 
ATOM   287 C CA  . LEU A 1 43 ? -0.426  3.590   -4.752  1.00 17.36 ? 609 LEU A CA  1 
ATOM   288 C C   . LEU A 1 43 ? -1.013  2.269   -4.251  1.00 21.92 ? 609 LEU A C   1 
ATOM   289 O O   . LEU A 1 43 ? -0.667  1.210   -4.766  1.00 21.85 ? 609 LEU A O   1 
ATOM   290 C CB  . LEU A 1 43 ? -0.863  3.835   -6.204  1.00 18.31 ? 609 LEU A CB  1 
ATOM   291 C CG  . LEU A 1 43 ? -2.367  3.903   -6.478  1.00 22.45 ? 609 LEU A CG  1 
ATOM   292 C CD1 . LEU A 1 43 ? -3.050  5.123   -5.738  1.00 23.38 ? 609 LEU A CD1 1 
ATOM   293 C CD2 . LEU A 1 43 ? -2.614  4.026   -7.984  1.00 23.70 ? 609 LEU A CD2 1 
ATOM   294 N N   . VAL A 1 44 ? -1.861  2.330   -3.232  1.00 19.30 ? 610 VAL A N   1 
ATOM   295 C CA  . VAL A 1 44 ? -2.434  1.104   -2.651  1.00 17.83 ? 610 VAL A CA  1 
ATOM   296 C C   . VAL A 1 44 ? -3.921  1.065   -2.872  1.00 21.55 ? 610 VAL A C   1 
ATOM   297 O O   . VAL A 1 44 ? -4.581  2.107   -2.854  1.00 21.42 ? 610 VAL A O   1 
ATOM   298 C CB  . VAL A 1 44 ? -2.085  0.907   -1.145  1.00 20.36 ? 610 VAL A CB  1 
ATOM   299 C CG1 . VAL A 1 44 ? -0.575  0.810   -0.931  1.00 19.55 ? 610 VAL A CG1 1 
ATOM   300 C CG2 . VAL A 1 44 ? -2.695  2.026   -0.267  1.00 19.89 ? 610 VAL A CG2 1 
ATOM   301 N N   . HIS A 1 45 ? -4.450  -0.142  -3.057  1.00 17.35 ? 611 HIS A N   1 
ATOM   302 C CA  . HIS A 1 45 ? -5.889  -0.339  -3.179  1.00 18.74 ? 611 HIS A CA  1 
ATOM   303 C C   . HIS A 1 45 ? -6.300  -1.178  -1.958  1.00 23.10 ? 611 HIS A C   1 
ATOM   304 O O   . HIS A 1 45 ? -5.798  -2.281  -1.799  1.00 21.59 ? 611 HIS A O   1 
ATOM   305 C CB  . HIS A 1 45 ? -6.233  -1.129  -4.452  1.00 19.11 ? 611 HIS A CB  1 
ATOM   306 C CG  . HIS A 1 45 ? -7.652  -1.640  -4.406  1.00 22.99 ? 611 HIS A CG  1 
ATOM   307 N ND1 . HIS A 1 45 ? -8.725  -0.768  -4.383  1.00 24.67 ? 611 HIS A ND1 1 
ATOM   308 C CD2 . HIS A 1 45 ? -8.114  -2.904  -4.253  1.00 23.60 ? 611 HIS A CD2 1 
ATOM   309 C CE1 . HIS A 1 45 ? -9.808  -1.526  -4.258  1.00 25.30 ? 611 HIS A CE1 1 
ATOM   310 N NE2 . HIS A 1 45 ? -9.488  -2.823  -4.206  1.00 24.62 ? 611 HIS A NE2 1 
ATOM   311 N N   . TYR A 1 46 ? -7.209  -0.664  -1.111  1.00 21.62 ? 612 TYR A N   1 
ATOM   312 C CA  . TYR A 1 46 ? -7.635  -1.396  0.076   1.00 21.04 ? 612 TYR A CA  1 
ATOM   313 C C   . TYR A 1 46 ? -8.663  -2.421  -0.320  1.00 24.08 ? 612 TYR A C   1 
ATOM   314 O O   . TYR A 1 46 ? -9.706  -2.058  -0.861  1.00 25.13 ? 612 TYR A O   1 
ATOM   315 C CB  . TYR A 1 46 ? -8.191  -0.420  1.128   1.00 22.38 ? 612 TYR A CB  1 
ATOM   316 C CG  . TYR A 1 46 ? -7.150  0.563   1.607   1.00 21.29 ? 612 TYR A CG  1 
ATOM   317 C CD1 . TYR A 1 46 ? -6.226  0.211   2.592   1.00 22.99 ? 612 TYR A CD1 1 
ATOM   318 C CD2 . TYR A 1 46 ? -7.085  1.852   1.079   1.00 21.69 ? 612 TYR A CD2 1 
ATOM   319 C CE1 . TYR A 1 46 ? -5.273  1.126   3.052   1.00 22.31 ? 612 TYR A CE1 1 
ATOM   320 C CE2 . TYR A 1 46 ? -6.124  2.763   1.512   1.00 23.44 ? 612 TYR A CE2 1 
ATOM   321 C CZ  . TYR A 1 46 ? -5.215  2.392   2.493   1.00 27.50 ? 612 TYR A CZ  1 
ATOM   322 O OH  . TYR A 1 46 ? -4.317  3.321   2.954   1.00 24.51 ? 612 TYR A OH  1 
ATOM   323 N N   . TYR A 1 47 ? -8.362  -3.710  -0.131  1.00 19.60 ? 613 TYR A N   1 
ATOM   324 C CA  . TYR A 1 47 ? -9.315  -4.755  -0.571  1.00 19.19 ? 613 TYR A CA  1 
ATOM   325 C C   . TYR A 1 47 ? -10.703 -4.568  0.003   1.00 24.72 ? 613 TYR A C   1 
ATOM   326 O O   . TYR A 1 47 ? -10.826 -4.284  1.192   1.00 23.77 ? 613 TYR A O   1 
ATOM   327 C CB  . TYR A 1 47 ? -8.828  -6.144  -0.186  1.00 18.58 ? 613 TYR A CB  1 
ATOM   328 C CG  . TYR A 1 47 ? -7.487  -6.521  -0.748  1.00 18.84 ? 613 TYR A CG  1 
ATOM   329 C CD1 . TYR A 1 47 ? -7.316  -6.738  -2.112  1.00 20.66 ? 613 TYR A CD1 1 
ATOM   330 C CD2 . TYR A 1 47 ? -6.396  -6.735  0.094   1.00 18.97 ? 613 TYR A CD2 1 
ATOM   331 C CE1 . TYR A 1 47 ? -6.074  -7.101  -2.634  1.00 20.29 ? 613 TYR A CE1 1 
ATOM   332 C CE2 . TYR A 1 47 ? -5.168  -7.159  -0.411  1.00 17.60 ? 613 TYR A CE2 1 
ATOM   333 C CZ  . TYR A 1 47 ? -5.015  -7.335  -1.773  1.00 20.34 ? 613 TYR A CZ  1 
ATOM   334 O OH  . TYR A 1 47 ? -3.805  -7.767  -2.224  1.00 20.32 ? 613 TYR A OH  1 
ATOM   335 N N   . GLY A 1 48 ? -11.726 -4.692  -0.849  1.00 25.42 ? 614 GLY A N   1 
ATOM   336 C CA  . GLY A 1 48 ? -13.132 -4.567  -0.449  1.00 27.61 ? 614 GLY A CA  1 
ATOM   337 C C   . GLY A 1 48 ? -13.615 -3.147  -0.201  1.00 34.43 ? 614 GLY A C   1 
ATOM   338 O O   . GLY A 1 48 ? -14.754 -2.948  0.242   1.00 34.96 ? 614 GLY A O   1 
ATOM   339 N N   . TRP A 1 49 ? -12.746 -2.155  -0.467  1.00 31.59 ? 615 TRP A N   1 
ATOM   340 C CA  A TRP A 1 49 ? -13.100 -0.748  -0.316  0.50 31.90 ? 615 TRP A CA  1 
ATOM   341 C CA  B TRP A 1 49 ? -13.061 -0.731  -0.304  0.50 33.14 ? 615 TRP A CA  1 
ATOM   342 C C   . TRP A 1 49 ? -13.260 -0.114  -1.676  1.00 35.79 ? 615 TRP A C   1 
ATOM   343 O O   . TRP A 1 49 ? -12.629 -0.546  -2.651  1.00 33.21 ? 615 TRP A O   1 
ATOM   344 C CB  A TRP A 1 49 ? -12.054 0.009   0.507   0.50 29.51 ? 615 TRP A CB  1 
ATOM   345 C CB  B TRP A 1 49 ? -11.904 0.028   0.368   0.50 31.80 ? 615 TRP A CB  1 
ATOM   346 C CG  A TRP A 1 49 ? -12.085 -0.353  1.954   0.50 30.81 ? 615 TRP A CG  1 
ATOM   347 C CG  B TRP A 1 49 ? -11.746 -0.107  1.853   0.50 33.82 ? 615 TRP A CG  1 
ATOM   348 C CD1 A TRP A 1 49 ? -11.462 -1.410  2.544   0.50 33.07 ? 615 TRP A CD1 1 
ATOM   349 C CD1 B TRP A 1 49 ? -12.027 -1.200  2.618   0.50 37.26 ? 615 TRP A CD1 1 
ATOM   350 C CD2 A TRP A 1 49 ? -12.825 0.308   2.988   0.50 32.27 ? 615 TRP A CD2 1 
ATOM   351 C CD2 B TRP A 1 49 ? -11.082 0.827   2.717   0.50 34.12 ? 615 TRP A CD2 1 
ATOM   352 N NE1 A TRP A 1 49 ? -11.751 -1.439  3.887   0.50 33.80 ? 615 TRP A NE1 1 
ATOM   353 N NE1 B TRP A 1 49 ? -11.655 -0.971  3.924   0.50 37.49 ? 615 TRP A NE1 1 
ATOM   354 C CE2 A TRP A 1 49 ? -12.582 -0.393  4.189   0.50 36.42 ? 615 TRP A CE2 1 
ATOM   355 C CE2 B TRP A 1 49 ? -11.049 0.257   4.007   0.50 38.80 ? 615 TRP A CE2 1 
ATOM   356 C CE3 A TRP A 1 49 ? -13.636 1.456   3.025   0.50 35.20 ? 615 TRP A CE3 1 
ATOM   357 C CE3 B TRP A 1 49 ? -10.511 2.098   2.525   0.50 35.39 ? 615 TRP A CE3 1 
ATOM   358 C CZ2 A TRP A 1 49 ? -13.126 0.010   5.413   0.50 37.06 ? 615 TRP A CZ2 1 
ATOM   359 C CZ2 B TRP A 1 49 ? -10.503 0.930   5.106   0.50 38.42 ? 615 TRP A CZ2 1 
ATOM   360 C CZ3 A TRP A 1 49 ? -14.183 1.848   4.238   0.50 38.01 ? 615 TRP A CZ3 1 
ATOM   361 C CZ3 B TRP A 1 49 ? -9.968  2.762   3.613   0.50 37.13 ? 615 TRP A CZ3 1 
ATOM   362 C CH2 A TRP A 1 49 ? -13.931 1.129   5.412   0.50 38.70 ? 615 TRP A CH2 1 
ATOM   363 C CH2 B TRP A 1 49 ? -9.961  2.177   4.885   0.50 38.18 ? 615 TRP A CH2 1 
ATOM   364 N N   . ASN A 1 50 ? -14.082 0.922   -1.742  1.00 34.25 ? 616 ASN A N   1 
ATOM   365 C CA  . ASN A 1 50 ? -14.321 1.658   -2.959  1.00 34.63 ? 616 ASN A CA  1 
ATOM   366 C C   . ASN A 1 50 ? -12.979 2.256   -3.433  1.00 38.78 ? 616 ASN A C   1 
ATOM   367 O O   . ASN A 1 50 ? -12.155 2.680   -2.604  1.00 35.88 ? 616 ASN A O   1 
ATOM   368 C CB  . ASN A 1 50 ? -15.358 2.760   -2.671  1.00 37.67 ? 616 ASN A CB  1 
ATOM   369 C CG  . ASN A 1 50 ? -15.910 3.408   -3.907  1.00 58.04 ? 616 ASN A CG  1 
ATOM   370 O OD1 . ASN A 1 50 ? -15.242 4.214   -4.558  1.00 48.77 ? 616 ASN A OD1 1 
ATOM   371 N ND2 . ASN A 1 50 ? -17.140 3.055   -4.263  1.00 52.59 ? 616 ASN A ND2 1 
ATOM   372 N N   . VAL A 1 51 ? -12.763 2.236   -4.768  1.00 36.50 ? 617 VAL A N   1 
ATOM   373 C CA  A VAL A 1 51 ? -11.562 2.747   -5.440  0.50 36.02 ? 617 VAL A CA  1 
ATOM   374 C CA  B VAL A 1 51 ? -11.567 2.748   -5.437  0.50 36.07 ? 617 VAL A CA  1 
ATOM   375 C C   . VAL A 1 51 ? -11.306 4.237   -5.064  1.00 40.28 ? 617 VAL A C   1 
ATOM   376 O O   . VAL A 1 51 ? -10.170 4.704   -5.143  1.00 38.10 ? 617 VAL A O   1 
ATOM   377 C CB  A VAL A 1 51 ? -11.651 2.486   -6.977  0.50 41.12 ? 617 VAL A CB  1 
ATOM   378 C CB  B VAL A 1 51 ? -11.639 2.479   -6.973  0.50 41.21 ? 617 VAL A CB  1 
ATOM   379 C CG1 A VAL A 1 51 ? -10.467 3.079   -7.743  0.50 40.49 ? 617 VAL A CG1 1 
ATOM   380 C CG1 B VAL A 1 51 ? -12.651 3.388   -7.677  0.50 42.85 ? 617 VAL A CG1 1 
ATOM   381 C CG2 A VAL A 1 51 ? -11.771 0.993   -7.268  0.50 40.71 ? 617 VAL A CG2 1 
ATOM   382 C CG2 B VAL A 1 51 ? -10.265 2.565   -7.633  0.50 40.13 ? 617 VAL A CG2 1 
ATOM   383 N N   . ARG A 1 52 ? -12.352 4.968   -4.589  1.00 39.14 ? 618 ARG A N   1 
ATOM   384 C CA  . ARG A 1 52 ? -12.186 6.368   -4.174  1.00 39.23 ? 618 ARG A CA  1 
ATOM   385 C C   . ARG A 1 52 ? -11.222 6.462   -2.978  1.00 39.56 ? 618 ARG A C   1 
ATOM   386 O O   . ARG A 1 52 ? -10.696 7.541   -2.711  1.00 39.03 ? 618 ARG A O   1 
ATOM   387 C CB  . ARG A 1 52 ? -13.542 7.047   -3.861  1.00 39.30 ? 618 ARG A CB  1 
ATOM   388 C CG  . ARG A 1 52 ? -14.098 6.780   -2.461  1.00 49.01 ? 618 ARG A CG  1 
ATOM   389 C CD  . ARG A 1 52 ? -15.379 7.557   -2.200  1.00 61.84 ? 618 ARG A CD  1 
ATOM   390 N NE  . ARG A 1 52 ? -16.546 6.866   -2.754  1.00 71.36 ? 618 ARG A NE  1 
ATOM   391 C CZ  . ARG A 1 52 ? -17.374 6.099   -2.048  1.00 85.75 ? 618 ARG A CZ  1 
ATOM   392 N NH1 . ARG A 1 52 ? -18.405 5.508   -2.638  1.00 71.30 ? 618 ARG A NH1 1 
ATOM   393 N NH2 . ARG A 1 52 ? -17.180 5.921   -0.746  1.00 72.04 ? 618 ARG A NH2 1 
ATOM   394 N N   . TYR A 1 53 ? -10.975 5.324   -2.280  1.00 32.80 ? 619 TYR A N   1 
ATOM   395 C CA  . TYR A 1 53 ? -10.085 5.305   -1.123  1.00 30.34 ? 619 TYR A CA  1 
ATOM   396 C C   . TYR A 1 53 ? -8.674  4.884   -1.462  1.00 28.62 ? 619 TYR A C   1 
ATOM   397 O O   . TYR A 1 53 ? -7.813  4.940   -0.566  1.00 25.67 ? 619 TYR A O   1 
ATOM   398 C CB  . TYR A 1 53 ? -10.657 4.446   0.013   1.00 32.60 ? 619 TYR A CB  1 
ATOM   399 C CG  . TYR A 1 53 ? -12.003 4.933   0.509   1.00 37.40 ? 619 TYR A CG  1 
ATOM   400 C CD1 . TYR A 1 53 ? -12.104 6.066   1.311   1.00 40.54 ? 619 TYR A CD1 1 
ATOM   401 C CD2 . TYR A 1 53 ? -13.173 4.258   0.178   1.00 39.44 ? 619 TYR A CD2 1 
ATOM   402 C CE1 . TYR A 1 53 ? -13.341 6.519   1.771   1.00 45.31 ? 619 TYR A CE1 1 
ATOM   403 C CE2 . TYR A 1 53 ? -14.416 4.692   0.645   1.00 42.52 ? 619 TYR A CE2 1 
ATOM   404 C CZ  . TYR A 1 53 ? -14.495 5.829   1.435   1.00 53.35 ? 619 TYR A CZ  1 
ATOM   405 O OH  . TYR A 1 53 ? -15.712 6.273   1.896   1.00 57.75 ? 619 TYR A OH  1 
ATOM   406 N N   . ASP A 1 54 ? -8.413  4.506   -2.750  1.00 23.21 ? 620 ASP A N   1 
ATOM   407 C CA  . ASP A 1 54 ? -7.054  4.163   -3.206  1.00 22.37 ? 620 ASP A CA  1 
ATOM   408 C C   . ASP A 1 54 ? -6.181  5.374   -2.937  1.00 27.75 ? 620 ASP A C   1 
ATOM   409 O O   . ASP A 1 54 ? -6.667  6.494   -3.080  1.00 27.26 ? 620 ASP A O   1 
ATOM   410 C CB  . ASP A 1 54 ? -7.029  3.834   -4.703  1.00 23.88 ? 620 ASP A CB  1 
ATOM   411 C CG  . ASP A 1 54 ? -7.587  2.468   -5.061  1.00 31.36 ? 620 ASP A CG  1 
ATOM   412 O OD1 . ASP A 1 54 ? -8.330  1.904   -4.243  1.00 30.04 ? 620 ASP A OD1 1 
ATOM   413 O OD2 . ASP A 1 54 ? -7.214  1.937   -6.124  1.00 34.93 ? 620 ASP A OD2 1 
ATOM   414 N N   . GLU A 1 55 ? -4.967  5.175   -2.425  1.00 24.04 ? 621 GLU A N   1 
ATOM   415 C CA  . GLU A 1 55 ? -4.153  6.327   -2.065  1.00 25.04 ? 621 GLU A CA  1 
ATOM   416 C C   . GLU A 1 55 ? -2.686  6.092   -2.217  1.00 23.31 ? 621 GLU A C   1 
ATOM   417 O O   . GLU A 1 55 ? -2.240  4.957   -2.171  1.00 22.20 ? 621 GLU A O   1 
ATOM   418 C CB  . GLU A 1 55 ? -4.472  6.849   -0.644  1.00 27.69 ? 621 GLU A CB  1 
ATOM   419 C CG  . GLU A 1 55 ? -4.110  5.899   0.474   1.00 31.23 ? 621 GLU A CG  1 
ATOM   420 C CD  . GLU A 1 55 ? -4.112  6.507   1.866   1.00 37.46 ? 621 GLU A CD  1 
ATOM   421 O OE1 . GLU A 1 55 ? -3.417  7.521   2.106   1.00 39.19 ? 621 GLU A OE1 1 
ATOM   422 O OE2 . GLU A 1 55 ? -4.805  5.942   2.734   1.00 33.66 ? 621 GLU A OE2 1 
ATOM   423 N N   . TRP A 1 56 ? -1.939  7.183   -2.398  1.00 19.47 ? 622 TRP A N   1 
ATOM   424 C CA  . TRP A 1 56 ? -0.493  7.141   -2.485  1.00 18.79 ? 622 TRP A CA  1 
ATOM   425 C C   . TRP A 1 56 ? 0.009   7.228   -1.063  1.00 22.56 ? 622 TRP A C   1 
ATOM   426 O O   . TRP A 1 56 ? -0.456  8.062   -0.282  1.00 22.93 ? 622 TRP A O   1 
ATOM   427 C CB  . TRP A 1 56 ? 0.027   8.311   -3.331  1.00 18.24 ? 622 TRP A CB  1 
ATOM   428 C CG  . TRP A 1 56 ? -0.230  8.104   -4.793  1.00 19.97 ? 622 TRP A CG  1 
ATOM   429 C CD1 . TRP A 1 56 ? -1.272  8.595   -5.527  1.00 23.58 ? 622 TRP A CD1 1 
ATOM   430 C CD2 . TRP A 1 56 ? 0.573   7.331   -5.696  1.00 19.48 ? 622 TRP A CD2 1 
ATOM   431 N NE1 . TRP A 1 56 ? -1.175  8.160   -6.830  1.00 23.05 ? 622 TRP A NE1 1 
ATOM   432 C CE2 . TRP A 1 56 ? -0.059  7.372   -6.957  1.00 22.74 ? 622 TRP A CE2 1 
ATOM   433 C CE3 . TRP A 1 56 ? 1.782   6.617   -5.563  1.00 20.06 ? 622 TRP A CE3 1 
ATOM   434 C CZ2 . TRP A 1 56 ? 0.487   6.759   -8.085  1.00 22.15 ? 622 TRP A CZ2 1 
ATOM   435 C CZ3 . TRP A 1 56 ? 2.275   5.931   -6.669  1.00 20.81 ? 622 TRP A CZ3 1 
ATOM   436 C CH2 . TRP A 1 56 ? 1.648   6.041   -7.923  1.00 21.40 ? 622 TRP A CH2 1 
ATOM   437 N N   . VAL A 1 57 ? 0.889   6.318   -0.703  1.00 19.06 ? 623 VAL A N   1 
ATOM   438 C CA  . VAL A 1 57 ? 1.414   6.272   0.649   1.00 19.23 ? 623 VAL A CA  1 
ATOM   439 C C   . VAL A 1 57 ? 2.924   6.233   0.604   1.00 21.85 ? 623 VAL A C   1 
ATOM   440 O O   . VAL A 1 57 ? 3.510   5.662   -0.304  1.00 20.23 ? 623 VAL A O   1 
ATOM   441 C CB  . VAL A 1 57 ? 0.836   5.091   1.502   1.00 21.87 ? 623 VAL A CB  1 
ATOM   442 C CG1 . VAL A 1 57 ? -0.698  5.041   1.456   1.00 22.10 ? 623 VAL A CG1 1 
ATOM   443 C CG2 . VAL A 1 57 ? 1.427   3.743   1.087   1.00 20.37 ? 623 VAL A CG2 1 
ATOM   444 N N   . LYS A 1 58 ? 3.547   6.770   1.646   1.00 20.88 ? 624 LYS A N   1 
ATOM   445 C CA  . LYS A 1 58 ? 4.972   6.710   1.825   1.00 21.07 ? 624 LYS A CA  1 
ATOM   446 C C   . LYS A 1 58 ? 5.341   5.278   2.211   1.00 26.44 ? 624 LYS A C   1 
ATOM   447 O O   . LYS A 1 58 ? 4.535   4.538   2.797   1.00 22.83 ? 624 LYS A O   1 
ATOM   448 C CB  . LYS A 1 58 ? 5.431   7.694   2.923   1.00 24.57 ? 624 LYS A CB  1 
ATOM   449 C CG  . LYS A 1 58 ? 5.426   9.149   2.472   1.00 44.64 ? 624 LYS A CG  1 
ATOM   450 N N   . ALA A 1 59 ? 6.573   4.896   1.875   1.00 26.02 ? 625 ALA A N   1 
ATOM   451 C CA  . ALA A 1 59 ? 7.119   3.569   2.121   1.00 26.31 ? 625 ALA A CA  1 
ATOM   452 C C   . ALA A 1 59 ? 6.978   3.082   3.566   1.00 30.24 ? 625 ALA A C   1 
ATOM   453 O O   . ALA A 1 59 ? 6.683   1.901   3.760   1.00 29.35 ? 625 ALA A O   1 
ATOM   454 C CB  . ALA A 1 59 ? 8.583   3.520   1.681   1.00 27.60 ? 625 ALA A CB  1 
ATOM   455 N N   . ASP A 1 60 ? 7.120   3.981   4.575   1.00 27.95 ? 626 ASP A N   1 
ATOM   456 C CA  . ASP A 1 60 ? 7.034   3.611   5.995   1.00 28.86 ? 626 ASP A CA  1 
ATOM   457 C C   . ASP A 1 60 ? 5.640   3.165   6.457   1.00 30.56 ? 626 ASP A C   1 
ATOM   458 O O   . ASP A 1 60 ? 5.504   2.647   7.563   1.00 30.20 ? 626 ASP A O   1 
ATOM   459 C CB  . ASP A 1 60 ? 7.581   4.729   6.912   1.00 33.02 ? 626 ASP A CB  1 
ATOM   460 C CG  . ASP A 1 60 ? 6.878   6.078   6.834   1.00 48.85 ? 626 ASP A CG  1 
ATOM   461 O OD1 . ASP A 1 60 ? 5.774   6.146   6.243   1.00 47.25 ? 626 ASP A OD1 1 
ATOM   462 O OD2 . ASP A 1 60 ? 7.431   7.065   7.367   1.00 59.69 ? 626 ASP A OD2 1 
ATOM   463 N N   . ARG A 1 61 ? 4.612   3.339   5.616   1.00 26.83 ? 627 ARG A N   1 
ATOM   464 C CA  . ARG A 1 61 ? 3.256   2.904   5.951   1.00 25.38 ? 627 ARG A CA  1 
ATOM   465 C C   . ARG A 1 61 ? 2.993   1.476   5.513   1.00 24.73 ? 627 ARG A C   1 
ATOM   466 O O   . ARG A 1 61 ? 1.977   0.915   5.909   1.00 24.31 ? 627 ARG A O   1 
ATOM   467 C CB  . ARG A 1 61 ? 2.195   3.852   5.366   1.00 24.28 ? 627 ARG A CB  1 
ATOM   468 C CG  . ARG A 1 61 ? 2.119   5.165   6.182   1.00 30.79 ? 627 ARG A CG  1 
ATOM   469 C CD  . ARG A 1 61 ? 1.119   6.132   5.601   1.00 32.36 ? 627 ARG A CD  1 
ATOM   470 N NE  . ARG A 1 61 ? -0.242  5.592   5.571   1.00 29.88 ? 627 ARG A NE  1 
ATOM   471 C CZ  . ARG A 1 61 ? -1.237  6.119   4.865   1.00 42.10 ? 627 ARG A CZ  1 
ATOM   472 N NH1 . ARG A 1 61 ? -1.038  7.216   4.137   1.00 26.65 ? 627 ARG A NH1 1 
ATOM   473 N NH2 . ARG A 1 61 ? -2.443  5.563   4.891   1.00 31.88 ? 627 ARG A NH2 1 
ATOM   474 N N   . ILE A 1 62 ? 3.874   0.905   4.689   1.00 21.16 ? 628 ILE A N   1 
ATOM   475 C CA  . ILE A 1 62 ? 3.727   -0.463  4.168   1.00 20.15 ? 628 ILE A CA  1 
ATOM   476 C C   . ILE A 1 62 ? 4.360   -1.504  5.118   1.00 23.69 ? 628 ILE A C   1 
ATOM   477 O O   . ILE A 1 62 ? 5.506   -1.338  5.578   1.00 21.37 ? 628 ILE A O   1 
ATOM   478 C CB  . ILE A 1 62 ? 4.331   -0.642  2.723   1.00 21.60 ? 628 ILE A CB  1 
ATOM   479 C CG1 . ILE A 1 62 ? 3.821   0.439   1.689   1.00 21.31 ? 628 ILE A CG1 1 
ATOM   480 C CG2 . ILE A 1 62 ? 4.092   -2.084  2.197   1.00 19.92 ? 628 ILE A CG2 1 
ATOM   481 C CD1 . ILE A 1 62 ? 2.336   0.325   1.347   1.00 23.55 ? 628 ILE A CD1 1 
ATOM   482 N N   . ILE A 1 63 ? 3.599   -2.571  5.389   1.00 19.48 ? 629 ILE A N   1 
ATOM   483 C CA  . ILE A 1 63 ? 4.075   -3.730  6.140   1.00 20.37 ? 629 ILE A CA  1 
ATOM   484 C C   . ILE A 1 63 ? 4.144   -4.832  5.099   1.00 22.48 ? 629 ILE A C   1 
ATOM   485 O O   . ILE A 1 63 ? 3.112   -5.325  4.636   1.00 20.51 ? 629 ILE A O   1 
ATOM   486 C CB  . ILE A 1 63 ? 3.207   -4.111  7.355   1.00 24.12 ? 629 ILE A CB  1 
ATOM   487 C CG1 . ILE A 1 63 ? 3.102   -2.937  8.344   1.00 25.10 ? 629 ILE A CG1 1 
ATOM   488 C CG2 . ILE A 1 63 ? 3.766   -5.390  8.046   1.00 25.31 ? 629 ILE A CG2 1 
ATOM   489 C CD1 . ILE A 1 63 ? 1.808   -2.947  9.163   1.00 31.97 ? 629 ILE A CD1 1 
ATOM   490 N N   . TRP A 1 64 ? 5.371   -5.171  4.671   1.00 20.06 ? 630 TRP A N   1 
ATOM   491 C CA  . TRP A 1 64 ? 5.536   -6.193  3.637   1.00 19.50 ? 630 TRP A CA  1 
ATOM   492 C C   . TRP A 1 64 ? 5.346   -7.602  4.173   1.00 22.86 ? 630 TRP A C   1 
ATOM   493 O O   . TRP A 1 64 ? 5.716   -7.876  5.309   1.00 21.73 ? 630 TRP A O   1 
ATOM   494 C CB  . TRP A 1 64 ? 6.917   -6.066  2.956   1.00 18.95 ? 630 TRP A CB  1 
ATOM   495 C CG  . TRP A 1 64 ? 7.124   -4.733  2.306   1.00 20.20 ? 630 TRP A CG  1 
ATOM   496 C CD1 . TRP A 1 64 ? 7.781   -3.658  2.837   1.00 23.61 ? 630 TRP A CD1 1 
ATOM   497 C CD2 . TRP A 1 64 ? 6.635   -4.315  1.025   1.00 19.33 ? 630 TRP A CD2 1 
ATOM   498 N NE1 . TRP A 1 64 ? 7.715   -2.595  1.969   1.00 22.83 ? 630 TRP A NE1 1 
ATOM   499 C CE2 . TRP A 1 64 ? 7.062   -2.983  0.827   1.00 23.62 ? 630 TRP A CE2 1 
ATOM   500 C CE3 . TRP A 1 64 ? 5.913   -4.950  -0.003  1.00 21.04 ? 630 TRP A CE3 1 
ATOM   501 C CZ2 . TRP A 1 64 ? 6.713   -2.243  -0.321  1.00 22.82 ? 630 TRP A CZ2 1 
ATOM   502 C CZ3 . TRP A 1 64 ? 5.573   -4.215  -1.140  1.00 21.85 ? 630 TRP A CZ3 1 
ATOM   503 C CH2 . TRP A 1 64 ? 6.018   -2.898  -1.311  1.00 22.22 ? 630 TRP A CH2 1 
ATOM   504 N N   . PRO A 1 65 ? 4.873   -8.529  3.314   1.00 19.89 ? 631 PRO A N   1 
ATOM   505 C CA  . PRO A 1 65 ? 4.704   -9.925  3.753   1.00 20.33 ? 631 PRO A CA  1 
ATOM   506 C C   . PRO A 1 65 ? 6.043   -10.679 3.807   1.00 24.21 ? 631 PRO A C   1 
ATOM   507 O O   . PRO A 1 65 ? 7.116   -10.081 3.631   1.00 22.69 ? 631 PRO A O   1 
ATOM   508 C CB  . PRO A 1 65 ? 3.728   -10.496 2.702   1.00 21.65 ? 631 PRO A CB  1 
ATOM   509 C CG  . PRO A 1 65 ? 4.105   -9.762  1.436   1.00 23.86 ? 631 PRO A CG  1 
ATOM   510 C CD  . PRO A 1 65 ? 4.365   -8.333  1.932   1.00 19.92 ? 631 PRO A CD  1 
ATOM   511 N N   . LEU A 1 66 ? 5.988   -11.992 4.078   1.00 22.90 ? 632 LEU A N   1 
ATOM   512 C CA  . LEU A 1 66 ? 7.210   -12.817 4.191   1.00 23.76 ? 632 LEU A CA  1 
ATOM   513 C C   . LEU A 1 66 ? 7.841   -13.143 2.839   1.00 28.44 ? 632 LEU A C   1 
ATOM   514 O O   . LEU A 1 66 ? 9.046   -13.417 2.749   1.00 27.83 ? 632 LEU A O   1 
ATOM   515 C CB  . LEU A 1 66 ? 6.887   -14.130 4.946   1.00 25.67 ? 632 LEU A CB  1 
ATOM   516 C CG  . LEU A 1 66 ? 6.470   -14.004 6.393   1.00 32.10 ? 632 LEU A CG  1 
ATOM   517 C CD1 . LEU A 1 66 ? 6.104   -15.386 6.960   1.00 34.80 ? 632 LEU A CD1 1 
ATOM   518 C CD2 . LEU A 1 66 ? 7.580   -13.362 7.246   1.00 36.65 ? 632 LEU A CD2 1 
ATOM   519 N N   . ASP A 1 67 ? 7.015   -13.224 1.810   1.00 27.92 ? 633 ASP A N   1 
ATOM   520 C CA  . ASP A 1 67 ? 7.481   -13.527 0.463   1.00 29.96 ? 633 ASP A CA  1 
ATOM   521 C C   . ASP A 1 67 ? 6.668   -12.763 -0.567  1.00 35.36 ? 633 ASP A C   1 
ATOM   522 O O   . ASP A 1 67 ? 5.593   -12.238 -0.248  1.00 31.07 ? 633 ASP A O   1 
ATOM   523 C CB  . ASP A 1 67 ? 7.428   -15.025 0.182   1.00 33.48 ? 633 ASP A CB  1 
ATOM   524 C CG  . ASP A 1 67 ? 6.079   -15.630 0.473   1.00 44.68 ? 633 ASP A CG  1 
ATOM   525 O OD1 . ASP A 1 67 ? 5.136   -15.386 -0.316  1.00 43.28 ? 633 ASP A OD1 1 
ATOM   526 O OD2 . ASP A 1 67 ? 5.966   -16.360 1.479   1.00 53.51 ? 633 ASP A OD2 1 
ATOM   527 N N   . LYS A 1 68 ? 7.169   -12.740 -1.815  1.00 36.66 ? 634 LYS A N   1 
ATOM   528 C CA  . LYS A 1 68 ? 6.540   -12.006 -2.911  1.00 38.46 ? 634 LYS A CA  1 
ATOM   529 C C   . LYS A 1 68 ? 5.206   -12.584 -3.362  1.00 45.18 ? 634 LYS A C   1 
ATOM   530 O O   . LYS A 1 68 ? 4.322   -11.819 -3.761  1.00 45.48 ? 634 LYS A O   1 
ATOM   531 C CB  . LYS A 1 68 ? 7.503   -11.866 -4.089  1.00 41.50 ? 634 LYS A CB  1 
ATOM   532 C CG  . LYS A 1 68 ? 7.332   -10.558 -4.832  1.00 39.73 ? 634 LYS A CG  1 
ATOM   533 C CD  . LYS A 1 68 ? 8.267   -10.525 -6.015  1.00 41.48 ? 634 LYS A CD  1 
ATOM   534 C CE  . LYS A 1 68 ? 7.951   -9.362  -6.892  1.00 41.08 ? 634 LYS A CE  1 
ATOM   535 N NZ  . LYS A 1 68 ? 8.621   -9.481  -8.202  1.00 43.04 ? 634 LYS A NZ  1 
ATOM   536 N N   . GLY A 1 69 ? 5.068   -13.908 -3.279  1.00 42.77 ? 635 GLY A N   1 
ATOM   537 C CA  . GLY A 1 69 ? 3.851   -14.618 -3.661  1.00 63.91 ? 635 GLY A CA  1 
HETATM 538 X UNK . UNX B 2 .  ? -15.957 1.262   0.697   1.00 36.59 ? 701 UNX A UNK 1 
HETATM 539 X UNK . UNX C 2 .  ? 7.953   -2.578  -8.890  0.50 13.91 ? 702 UNX A UNK 1 
HETATM 540 X UNK . UNX D 2 .  ? -3.796  -11.617 5.678   1.00 30.56 ? 703 UNX A UNK 1 
HETATM 541 X UNK . UNX E 2 .  ? 11.826  5.098   0.025   1.00 27.17 ? 704 UNX A UNK 1 
HETATM 542 X UNK A UNX F 2 .  ? -9.697  3.204   4.121   0.50 47.20 ? 705 UNX A UNK 1 
HETATM 543 X UNK . UNX G 2 .  ? 1.710   8.877   3.416   1.00 10.42 ? 706 UNX A UNK 1 
HETATM 544 X UNK . UNX H 2 .  ? -3.096  7.789   7.415   1.00 41.22 ? 707 UNX A UNK 1 
HETATM 545 X UNK . UNX I 2 .  ? 2.109   -7.848  5.348   1.00 21.51 ? 708 UNX A UNK 1 
HETATM 546 X UNK . UNX J 2 .  ? 9.718   16.339  -4.963  1.00 23.62 ? 709 UNX A UNK 1 
HETATM 547 X UNK . UNX K 2 .  ? -3.144  -8.458  -4.649  1.00 21.02 ? 710 UNX A UNK 1 
HETATM 548 X UNK . UNX L 2 .  ? -9.313  1.557   -1.733  1.00 19.77 ? 711 UNX A UNK 1 
HETATM 549 X UNK . UNX M 2 .  ? 11.860  13.699  0.423   1.00 43.26 ? 712 UNX A UNK 1 
HETATM 550 X UNK . UNX N 2 .  ? 3.284   -12.989 5.071   1.00 23.77 ? 713 UNX A UNK 1 
HETATM 551 X UNK . UNX O 2 .  ? 8.501   0.096   2.624   1.00 40.31 ? 714 UNX A UNK 1 
HETATM 552 X UNK B UNX P 2 .  ? -14.936 0.681   -6.272  0.50 20.26 ? 715 UNX A UNK 1 
HETATM 553 X UNK . UNX Q 2 .  ? 3.628   5.845   -11.273 1.00 33.11 ? 716 UNX A UNK 1 
HETATM 554 X UNK . UNX R 2 .  ? -15.371 -5.393  2.229   1.00 49.76 ? 717 UNX A UNK 1 
HETATM 555 O O   . HOH S 3 .  ? -1.601  -2.160  -11.271 1.00 34.82 ? 801 HOH A O   1 
HETATM 556 O O   . HOH S 3 .  ? 17.386  7.480   -1.909  1.00 25.19 ? 802 HOH A O   1 
HETATM 557 O O   . HOH S 3 .  ? 8.284   7.175   0.938   1.00 30.46 ? 803 HOH A O   1 
HETATM 558 O O   . HOH S 3 .  ? 0.321   -11.110 -4.927  1.00 45.30 ? 804 HOH A O   1 
HETATM 559 O O   . HOH S 3 .  ? -7.905  -0.108  -7.752  1.00 45.72 ? 805 HOH A O   1 
HETATM 560 O O   . HOH S 3 .  ? 0.899   5.064   -12.006 1.00 49.33 ? 806 HOH A O   1 
HETATM 561 O O   . HOH S 3 .  ? -8.805  -7.349  6.486   1.00 45.85 ? 807 HOH A O   1 
HETATM 562 O O   . HOH S 3 .  ? -8.826  -3.729  3.187   1.00 27.27 ? 808 HOH A O   1 
HETATM 563 O O   . HOH S 3 .  ? 8.166   10.577  -10.911 1.00 32.71 ? 809 HOH A O   1 
HETATM 564 O O   . HOH S 3 .  ? 9.323   11.894  -1.386  1.00 44.40 ? 810 HOH A O   1 
HETATM 565 O O   . HOH S 3 .  ? 10.113  0.819   0.045   1.00 35.00 ? 811 HOH A O   1 
HETATM 566 O O   . HOH S 3 .  ? 8.088   10.057  0.661   1.00 42.35 ? 812 HOH A O   1 
HETATM 567 O O   A HOH S 3 .  ? -11.292 -3.346  5.814   0.50 25.84 ? 813 HOH A O   1 
HETATM 568 O O   . HOH S 3 .  ? -2.543  -8.516  3.661   1.00 32.85 ? 814 HOH A O   1 
HETATM 569 O O   . HOH S 3 .  ? 6.149   -9.870  7.226   1.00 45.16 ? 815 HOH A O   1 
HETATM 570 O O   . HOH S 3 .  ? -2.598  8.543   -9.233  1.00 44.10 ? 816 HOH A O   1 
HETATM 571 O O   . HOH S 3 .  ? -7.665  6.127   1.989   1.00 37.30 ? 817 HOH A O   1 
HETATM 572 O O   . HOH S 3 .  ? 0.863   -11.403 1.102   1.00 41.13 ? 818 HOH A O   1 
HETATM 573 O O   . HOH S 3 .  ? -8.231  -4.793  5.869   1.00 27.34 ? 819 HOH A O   1 
HETATM 574 O O   . HOH S 3 .  ? 1.705   -11.120 -2.609  1.00 34.94 ? 820 HOH A O   1 
HETATM 575 O O   . HOH S 3 .  ? -3.142  -4.392  -10.480 1.00 45.12 ? 821 HOH A O   1 
HETATM 576 O O   . HOH S 3 .  ? -5.794  -2.667  13.086  1.00 43.55 ? 822 HOH A O   1 
HETATM 577 O O   . HOH S 3 .  ? 0.220   -9.049  3.804   1.00 29.75 ? 823 HOH A O   1 
HETATM 578 O O   . HOH S 3 .  ? 2.557   -9.222  7.665   1.00 38.88 ? 824 HOH A O   1 
# 
loop_
_atom_site_anisotrop.id 
_atom_site_anisotrop.type_symbol 
_atom_site_anisotrop.pdbx_label_atom_id 
_atom_site_anisotrop.pdbx_label_alt_id 
_atom_site_anisotrop.pdbx_label_comp_id 
_atom_site_anisotrop.pdbx_label_asym_id 
_atom_site_anisotrop.pdbx_label_seq_id 
_atom_site_anisotrop.pdbx_PDB_ins_code 
_atom_site_anisotrop.U[1][1] 
_atom_site_anisotrop.U[2][2] 
_atom_site_anisotrop.U[3][3] 
_atom_site_anisotrop.U[1][2] 
_atom_site_anisotrop.U[1][3] 
_atom_site_anisotrop.U[2][3] 
_atom_site_anisotrop.pdbx_auth_seq_id 
_atom_site_anisotrop.pdbx_auth_comp_id 
_atom_site_anisotrop.pdbx_auth_asym_id 
_atom_site_anisotrop.pdbx_auth_atom_id 
1   C CA  . MET A 4  ? 0.7521 0.6192 0.6042 -0.0387 0.0155  -0.0322 570 MET A CA  
2   C C   . MET A 4  ? 0.7544 0.6325 0.6407 -0.0327 0.0239  -0.0336 570 MET A C   
3   O O   . MET A 4  ? 0.7204 0.6142 0.6319 -0.0280 0.0192  -0.0270 570 MET A O   
4   N N   . GLU A 5  ? 0.6877 0.5561 0.5738 -0.0330 0.0363  -0.0422 571 GLU A N   
5   C CA  . GLU A 5  ? 0.6490 0.5248 0.5667 -0.0270 0.0440  -0.0429 571 GLU A CA  
6   C C   . GLU A 5  ? 0.6140 0.5029 0.5562 -0.0207 0.0507  -0.0361 571 GLU A C   
7   O O   . GLU A 5  ? 0.5947 0.4961 0.5625 -0.0157 0.0458  -0.0314 571 GLU A O   
8   C CB  . GLU A 5  ? 0.6876 0.5477 0.6003 -0.0283 0.0575  -0.0537 571 GLU A CB  
9   N N   . PRO A 6  ? 0.5380 0.4244 0.4734 -0.0212 0.0611  -0.0352 572 PRO A N   
10  C CA  . PRO A 6  ? 0.5041 0.4049 0.4677 -0.0160 0.0656  -0.0294 572 PRO A CA  
11  C C   . PRO A 6  ? 0.4981 0.4128 0.4698 -0.0150 0.0519  -0.0209 572 PRO A C   
12  O O   . PRO A 6  ? 0.4437 0.3702 0.4377 -0.0118 0.0533  -0.0168 572 PRO A O   
13  C CB  . PRO A 6  ? 0.5505 0.4423 0.5033 -0.0186 0.0827  -0.0319 572 PRO A CB  
14  C CG  . PRO A 6  ? 0.6565 0.5274 0.5726 -0.0246 0.0885  -0.0397 572 PRO A CG  
15  C CD  . PRO A 6  ? 0.5919 0.4617 0.4934 -0.0271 0.0699  -0.0393 572 PRO A CD  
16  N N   . CYS A 7  ? 0.4560 0.3691 0.4113 -0.0180 0.0388  -0.0189 573 CYS A N   
17  C CA  . CYS A 7  ? 0.4366 0.3602 0.3980 -0.0174 0.0272  -0.0120 573 CYS A CA  
18  C C   . CYS A 7  ? 0.4109 0.3462 0.3918 -0.0141 0.0181  -0.0098 573 CYS A C   
19  O O   . CYS A 7  ? 0.4056 0.3391 0.3899 -0.0136 0.0170  -0.0128 573 CYS A O   
20  C CB  . CYS A 7  ? 0.4610 0.3766 0.3976 -0.0218 0.0184  -0.0103 573 CYS A CB  
21  S SG  . CYS A 7  ? 0.5446 0.4420 0.4480 -0.0268 0.0285  -0.0113 573 CYS A SG  
22  N N   . LEU A 8  ? 0.3465 0.2918 0.3374 -0.0129 0.0117  -0.0049 574 LEU A N   
23  C CA  . LEU A 8  ? 0.3294 0.2835 0.3335 -0.0109 0.0043  -0.0031 574 LEU A CA  
24  C C   . LEU A 8  ? 0.3663 0.3192 0.3636 -0.0132 -0.0043 -0.0030 574 LEU A C   
25  O O   . LEU A 8  ? 0.3172 0.2750 0.3232 -0.0126 -0.0082 -0.0026 574 LEU A O   
26  C CB  . LEU A 8  ? 0.3208 0.2845 0.3377 -0.0092 0.0025  0.0001  574 LEU A CB  
27  C CG  . LEU A 8  ? 0.3775 0.3465 0.4089 -0.0068 0.0076  0.0003  574 LEU A CG  
28  C CD1 . LEU A 8  ? 0.3721 0.3496 0.4140 -0.0067 0.0037  0.0022  574 LEU A CD1 
29  C CD2 . LEU A 8  ? 0.4031 0.3733 0.4428 -0.0038 0.0073  0.0001  574 LEU A CD2 
30  N N   . THR A 9  ? 0.3567 0.3028 0.3385 -0.0161 -0.0074 -0.0027 575 THR A N   
31  C CA  . THR A 9  ? 0.3608 0.3073 0.3405 -0.0182 -0.0180 -0.0022 575 THR A CA  
32  C C   . THR A 9  ? 0.3919 0.3374 0.3752 -0.0198 -0.0197 -0.0066 575 THR A C   
33  O O   . THR A 9  ? 0.3894 0.3277 0.3660 -0.0208 -0.0138 -0.0109 575 THR A O   
34  C CB  . THR A 9  ? 0.4907 0.4283 0.4506 -0.0211 -0.0235 -0.0001 575 THR A CB  
35  O OG1 . THR A 9  ? 0.5579 0.4834 0.4970 -0.0240 -0.0170 -0.0042 575 THR A OG1 
36  C CG2 . THR A 9  ? 0.4854 0.4239 0.4462 -0.0194 -0.0228 0.0060  575 THR A CG2 
37  N N   . GLY A 10 ? 0.3132 0.2659 0.3103 -0.0201 -0.0258 -0.0058 576 GLY A N   
38  C CA  . GLY A 10 ? 0.3084 0.2606 0.3127 -0.0223 -0.0264 -0.0094 576 GLY A CA  
39  C C   . GLY A 10 ? 0.3565 0.3122 0.3725 -0.0197 -0.0190 -0.0082 576 GLY A C   
40  O O   . GLY A 10 ? 0.3532 0.3089 0.3780 -0.0215 -0.0186 -0.0096 576 GLY A O   
41  N N   . THR A 11 ? 0.3069 0.2647 0.3230 -0.0159 -0.0138 -0.0055 577 THR A N   
42  C CA  . THR A 11 ? 0.2889 0.2491 0.3129 -0.0135 -0.0096 -0.0031 577 THR A CA  
43  C C   . THR A 11 ? 0.2982 0.2638 0.3304 -0.0146 -0.0109 -0.0016 577 THR A C   
44  O O   . THR A 11 ? 0.2823 0.2532 0.3180 -0.0147 -0.0137 -0.0013 577 THR A O   
45  C CB  . THR A 11 ? 0.3373 0.3008 0.3619 -0.0099 -0.0072 -0.0005 577 THR A CB  
46  O OG1 . THR A 11 ? 0.3196 0.2787 0.3402 -0.0091 -0.0035 -0.0023 577 THR A OG1 
47  C CG2 . THR A 11 ? 0.3179 0.2824 0.3474 -0.0075 -0.0058 0.0031  577 THR A CG2 
48  N N   . LYS A 12 ? 0.2643 0.2271 0.3003 -0.0154 -0.0074 -0.0007 578 LYS A N   
49  C CA  . LYS A 12 ? 0.2457 0.2116 0.2885 -0.0170 -0.0050 0.0005  578 LYS A CA  
50  C C   . LYS A 12 ? 0.2757 0.2422 0.3120 -0.0146 -0.0023 0.0040  578 LYS A C   
51  O O   . LYS A 12 ? 0.2895 0.2513 0.3200 -0.0129 -0.0009 0.0076  578 LYS A O   
52  C CB  . LYS A 12 ? 0.2681 0.2280 0.3157 -0.0200 -0.0010 0.0005  578 LYS A CB  
53  C CG  . LYS A 12 ? 0.3474 0.3091 0.4022 -0.0225 0.0047  0.0017  578 LYS A CG  
54  C CD  . LYS A 12 ? 0.4532 0.4095 0.5173 -0.0268 0.0082  0.0008  578 LYS A CD  
55  C CE  . LYS A 12 ? 0.3740 0.3309 0.4461 -0.0299 0.0170  0.0023  578 LYS A CE  
56  N NZ  . LYS A 12 ? 0.4186 0.3672 0.4744 -0.0284 0.0240  0.0086  578 LYS A NZ  
57  N N   . VAL A 13 ? 0.2271 0.1988 0.2649 -0.0147 -0.0019 0.0030  579 VAL A N   
58  C CA  . VAL A 13 ? 0.2267 0.1984 0.2555 -0.0135 -0.0006 0.0046  579 VAL A CA  
59  C C   . VAL A 13 ? 0.2732 0.2443 0.3013 -0.0159 0.0060  0.0032  579 VAL A C   
60  O O   . VAL A 13 ? 0.2733 0.2458 0.3129 -0.0181 0.0103  0.0013  579 VAL A O   
61  C CB  . VAL A 13 ? 0.2585 0.2347 0.2873 -0.0117 -0.0052 0.0030  579 VAL A CB  
62  C CG1 . VAL A 13 ? 0.2434 0.2193 0.2727 -0.0098 -0.0085 0.0041  579 VAL A CG1 
63  C CG2 . VAL A 13 ? 0.2498 0.2300 0.2878 -0.0123 -0.0052 0.0000  579 VAL A CG2 
64  N N   . LYS A 14 ? 0.2509 0.2197 0.2661 -0.0161 0.0070  0.0033  580 LYS A N   
65  C CA  . LYS A 14 ? 0.2534 0.2198 0.2649 -0.0187 0.0153  -0.0001 580 LYS A CA  
66  C C   . LYS A 14 ? 0.2953 0.2649 0.3071 -0.0181 0.0128  -0.0046 580 LYS A C   
67  O O   . LYS A 14 ? 0.3002 0.2719 0.3085 -0.0165 0.0050  -0.0037 580 LYS A O   
68  C CB  . LYS A 14 ? 0.3120 0.2687 0.3024 -0.0211 0.0202  0.0033  580 LYS A CB  
69  C CG  . LYS A 14 ? 0.3506 0.3023 0.3436 -0.0225 0.0256  0.0079  580 LYS A CG  
70  C CD  . LYS A 14 ? 0.4092 0.3489 0.3781 -0.0243 0.0285  0.0141  580 LYS A CD  
71  C CE  . LYS A 14 ? 0.5709 0.5044 0.5454 -0.0262 0.0354  0.0188  580 LYS A CE  
72  N NZ  . LYS A 14 ? 0.7137 0.6326 0.6634 -0.0294 0.0432  0.0252  580 LYS A NZ  
73  N N   . VAL A 15 ? 0.2521 0.2223 0.2724 -0.0191 0.0202  -0.0099 581 VAL A N   
74  C CA  . VAL A 15 ? 0.2431 0.2148 0.2674 -0.0185 0.0189  -0.0147 581 VAL A CA  
75  C C   . VAL A 15 ? 0.3102 0.2752 0.3252 -0.0215 0.0296  -0.0212 581 VAL A C   
76  O O   . VAL A 15 ? 0.3031 0.2663 0.3251 -0.0227 0.0406  -0.0233 581 VAL A O   
77  C CB  . VAL A 15 ? 0.2620 0.2402 0.3109 -0.0157 0.0163  -0.0149 581 VAL A CB  
78  C CG1 . VAL A 15 ? 0.2475 0.2250 0.3017 -0.0147 0.0156  -0.0188 581 VAL A CG1 
79  C CG2 . VAL A 15 ? 0.2550 0.2371 0.3073 -0.0139 0.0070  -0.0096 581 VAL A CG2 
80  N N   . LYS A 16 ? 0.3242 0.2851 0.3249 -0.0231 0.0270  -0.0252 582 LYS A N   
81  C CA  . LYS A 16 ? 0.3585 0.3105 0.3463 -0.0269 0.0372  -0.0336 582 LYS A CA  
82  C C   . LYS A 16 ? 0.4413 0.3955 0.4552 -0.0249 0.0454  -0.0395 582 LYS A C   
83  O O   . LYS A 16 ? 0.3974 0.3575 0.4300 -0.0216 0.0380  -0.0378 582 LYS A O   
84  C CB  . LYS A 16 ? 0.3956 0.3431 0.3629 -0.0298 0.0290  -0.0371 582 LYS A CB  
85  C CG  . LYS A 16 ? 0.4737 0.4188 0.4169 -0.0314 0.0197  -0.0309 582 LYS A CG  
86  C CD  . LYS A 16 ? 0.6315 0.5733 0.5568 -0.0349 0.0094  -0.0348 582 LYS A CD  
87  C CE  . LYS A 16 ? 0.7632 0.7063 0.6744 -0.0345 -0.0044 -0.0263 582 LYS A CE  
88  N N   . TYR A 17 ? 0.4427 0.3915 0.4597 -0.0266 0.0611  -0.0454 583 TYR A N   
89  C CA  . TYR A 17 ? 0.4658 0.4167 0.5128 -0.0238 0.0694  -0.0508 583 TYR A CA  
90  C C   . TYR A 17 ? 0.5463 0.4854 0.5832 -0.0274 0.0863  -0.0622 583 TYR A C   
91  O O   . TYR A 17 ? 0.5443 0.4764 0.5648 -0.0313 0.0992  -0.0647 583 TYR A O   
92  C CB  . TYR A 17 ? 0.5012 0.4617 0.5791 -0.0204 0.0723  -0.0460 583 TYR A CB  
93  C CG  . TYR A 17 ? 0.5682 0.5324 0.6826 -0.0163 0.0783  -0.0498 583 TYR A CG  
94  C CD1 . TYR A 17 ? 0.5938 0.5637 0.7283 -0.0115 0.0657  -0.0455 583 TYR A CD1 
95  C CD2 . TYR A 17 ? 0.5994 0.5604 0.7287 -0.0172 0.0972  -0.0573 583 TYR A CD2 
96  C CE1 . TYR A 17 ? 0.6204 0.5928 0.7898 -0.0070 0.0696  -0.0474 583 TYR A CE1 
97  C CE2 . TYR A 17 ? 0.6136 0.5786 0.7819 -0.0124 0.1027  -0.0606 583 TYR A CE2 
98  C CZ  . TYR A 17 ? 0.7273 0.6980 0.9159 -0.0070 0.0875  -0.0550 583 TYR A CZ  
99  O OH  . TYR A 17 ? 0.7752 0.7491 1.0037 -0.0014 0.0912  -0.0564 583 TYR A OH  
100 N N   . GLY A 18 ? 0.5267 0.4621 0.5737 -0.0264 0.0878  -0.0692 584 GLY A N   
101 C CA  . GLY A 18 ? 0.5529 0.4750 0.5906 -0.0301 0.1047  -0.0823 584 GLY A CA  
102 C C   . GLY A 18 ? 0.6229 0.5335 0.6182 -0.0369 0.0998  -0.0880 584 GLY A C   
103 O O   . GLY A 18 ? 0.6069 0.5221 0.5874 -0.0375 0.0825  -0.0809 584 GLY A O   
104 N N   . ARG A 19 ? 0.6190 0.5144 0.5955 -0.0421 0.1146  -0.1011 585 ARG A N   
105 C CA  . ARG A 19 ? 0.6337 0.5165 0.5682 -0.0497 0.1087  -0.1083 585 ARG A CA  
106 C C   . ARG A 19 ? 0.6803 0.5454 0.5767 -0.0570 0.1262  -0.1174 585 ARG A C   
107 O O   . ARG A 19 ? 0.6671 0.5287 0.5759 -0.0560 0.1474  -0.1211 585 ARG A O   
108 C CB  . ARG A 19 ? 0.6495 0.5276 0.5956 -0.0505 0.1061  -0.1183 585 ARG A CB  
109 N N   . GLY A 20 ? 0.6564 0.5101 0.5072 -0.0645 0.1171  -0.1210 586 GLY A N   
110 C CA  . GLY A 20 ? 0.6927 0.5255 0.4951 -0.0732 0.1306  -0.1300 586 GLY A CA  
111 C C   . GLY A 20 ? 0.7438 0.5733 0.5327 -0.0736 0.1442  -0.1222 586 GLY A C   
112 O O   . GLY A 20 ? 0.7334 0.5753 0.5320 -0.0694 0.1331  -0.1071 586 GLY A O   
113 N N   . LYS A 21 ? 0.7188 0.5302 0.4867 -0.0790 0.1702  -0.1332 587 LYS A N   
114 C CA  . LYS A 21 ? 0.7371 0.5404 0.4890 -0.0816 0.1899  -0.1286 587 LYS A CA  
115 C C   . LYS A 21 ? 0.7615 0.5841 0.5661 -0.0735 0.1959  -0.1179 587 LYS A C   
116 O O   . LYS A 21 ? 0.7736 0.5941 0.5678 -0.0750 0.2035  -0.1088 587 LYS A O   
117 C CB  . LYS A 21 ? 0.8061 0.5867 0.5348 -0.0886 0.2211  -0.1458 587 LYS A CB  
118 C CG  . LYS A 21 ? 0.9257 0.6819 0.5892 -0.0991 0.2175  -0.1567 587 LYS A CG  
119 C CD  . LYS A 21 ? 0.9601 0.6908 0.5940 -0.1071 0.2515  -0.1736 587 LYS A CD  
120 C CE  . LYS A 21 ? 1.0054 0.7100 0.5689 -0.1187 0.2461  -0.1852 587 LYS A CE  
121 N NZ  . LYS A 21 ? 1.1632 0.8388 0.6845 -0.1280 0.2809  -0.1993 587 LYS A NZ  
122 N N   . THR A 22 ? 0.6641 0.5042 0.5240 -0.0655 0.1922  -0.1188 588 THR A N   
123 C CA  . THR A 22 ? 0.6331 0.4912 0.5445 -0.0584 0.1965  -0.1106 588 THR A CA  
124 C C   . THR A 22 ? 0.6418 0.5195 0.5754 -0.0521 0.1693  -0.0962 588 THR A C   
125 O O   . THR A 22 ? 0.6126 0.5056 0.5880 -0.0466 0.1691  -0.0896 588 THR A O   
126 C CB  . THR A 22 ? 0.7680 0.6299 0.7272 -0.0540 0.2145  -0.1212 588 THR A CB  
127 O OG1 . THR A 22 ? 0.7827 0.6457 0.7525 -0.0511 0.2024  -0.1270 588 THR A OG1 
128 C CG2 . THR A 22 ? 0.8050 0.6485 0.7497 -0.0600 0.2475  -0.1349 588 THR A CG2 
129 N N   . GLN A 23 ? 0.5729 0.4499 0.4784 -0.0533 0.1470  -0.0916 589 GLN A N   
130 C CA  . GLN A 23 ? 0.5180 0.4113 0.4405 -0.0479 0.1238  -0.0789 589 GLN A CA  
131 C C   . GLN A 23 ? 0.5430 0.4409 0.4671 -0.0474 0.1250  -0.0675 589 GLN A C   
132 O O   . GLN A 23 ? 0.5568 0.4418 0.4483 -0.0528 0.1349  -0.0660 589 GLN A O   
133 C CB  . GLN A 23 ? 0.5392 0.4302 0.4319 -0.0502 0.1026  -0.0766 589 GLN A CB  
134 C CG  . GLN A 23 ? 0.6594 0.5672 0.5765 -0.0441 0.0819  -0.0662 589 GLN A CG  
135 C CD  . GLN A 23 ? 0.8887 0.7969 0.7861 -0.0458 0.0623  -0.0643 589 GLN A CD  
136 O OE1 . GLN A 23 ? 0.7926 0.6997 0.6676 -0.0471 0.0516  -0.0564 589 GLN A OE1 
137 N NE2 . GLN A 23 ? 0.7975 0.7080 0.7079 -0.0455 0.0567  -0.0708 589 GLN A NE2 
138 N N   . LYS A 24 ? 0.4562 0.3704 0.4168 -0.0415 0.1156  -0.0597 590 LYS A N   
139 C CA  . LYS A 24 ? 0.4431 0.3623 0.4105 -0.0409 0.1151  -0.0497 590 LYS A CA  
140 C C   . LYS A 24 ? 0.4452 0.3757 0.4206 -0.0366 0.0927  -0.0403 590 LYS A C   
141 O O   . LYS A 24 ? 0.4206 0.3568 0.4040 -0.0335 0.0806  -0.0418 590 LYS A O   
142 C CB  . LYS A 24 ? 0.4853 0.4132 0.4953 -0.0390 0.1292  -0.0517 590 LYS A CB  
143 N N   . ILE A 25 ? 0.3934 0.3253 0.3659 -0.0366 0.0888  -0.0312 591 ILE A N   
144 C CA  . ILE A 25 ? 0.3762 0.3170 0.3569 -0.0327 0.0706  -0.0233 591 ILE A CA  
145 C C   . ILE A 25 ? 0.3876 0.3383 0.4020 -0.0310 0.0730  -0.0207 591 ILE A C   
146 O O   . ILE A 25 ? 0.3653 0.3125 0.3837 -0.0342 0.0858  -0.0200 591 ILE A O   
147 C CB  . ILE A 25 ? 0.4427 0.3755 0.3928 -0.0342 0.0628  -0.0150 591 ILE A CB  
148 C CG1 . ILE A 25 ? 0.4946 0.4171 0.4088 -0.0371 0.0586  -0.0173 591 ILE A CG1 
149 C CG2 . ILE A 25 ? 0.4217 0.3632 0.3842 -0.0299 0.0475  -0.0082 591 ILE A CG2 
150 C CD1 . ILE A 25 ? 0.5627 0.4902 0.4796 -0.0358 0.0486  -0.0235 591 ILE A CD1 
151 N N   . TYR A 26 ? 0.3266 0.2884 0.3642 -0.0268 0.0610  -0.0198 592 TYR A N   
152 C CA  . TYR A 26 ? 0.3000 0.2712 0.3678 -0.0257 0.0590  -0.0178 592 TYR A CA  
153 C C   . TYR A 26 ? 0.3052 0.2795 0.3699 -0.0239 0.0442  -0.0120 592 TYR A C   
154 O O   . TYR A 26 ? 0.2765 0.2503 0.3283 -0.0216 0.0345  -0.0106 592 TYR A O   
155 C CB  . TYR A 26 ? 0.3127 0.2929 0.4111 -0.0225 0.0577  -0.0220 592 TYR A CB  
156 C CG  . TYR A 26 ? 0.3965 0.3746 0.5080 -0.0238 0.0751  -0.0288 592 TYR A CG  
157 C CD1 . TYR A 26 ? 0.4393 0.4197 0.5704 -0.0267 0.0882  -0.0299 592 TYR A CD1 
158 C CD2 . TYR A 26 ? 0.4310 0.4041 0.5363 -0.0229 0.0804  -0.0350 592 TYR A CD2 
159 C CE1 . TYR A 26 ? 0.4889 0.4667 0.6335 -0.0280 0.1075  -0.0370 592 TYR A CE1 
160 C CE2 . TYR A 26 ? 0.4711 0.4406 0.5884 -0.0241 0.0991  -0.0428 592 TYR A CE2 
161 C CZ  . TYR A 26 ? 0.5948 0.5669 0.7323 -0.0265 0.1133  -0.0436 592 TYR A CZ  
162 O OH  . TYR A 26 ? 0.6333 0.6017 0.7851 -0.0279 0.1346  -0.0519 592 TYR A OH  
163 N N   . GLU A 27 ? 0.2544 0.2312 0.3323 -0.0252 0.0435  -0.0095 593 GLU A N   
164 C CA  . GLU A 27 ? 0.2271 0.2050 0.3024 -0.0240 0.0315  -0.0056 593 GLU A CA  
165 C C   . GLU A 27 ? 0.2650 0.2516 0.3581 -0.0216 0.0206  -0.0072 593 GLU A C   
166 O O   . GLU A 27 ? 0.2355 0.2291 0.3527 -0.0216 0.0215  -0.0096 593 GLU A O   
167 C CB  . GLU A 27 ? 0.2388 0.2137 0.3198 -0.0276 0.0355  -0.0034 593 GLU A CB  
168 C CG  . GLU A 27 ? 0.3017 0.2653 0.3624 -0.0301 0.0465  -0.0001 593 GLU A CG  
169 C CD  . GLU A 27 ? 0.4025 0.3606 0.4678 -0.0335 0.0499  0.0034  593 GLU A CD  
170 O OE1 . GLU A 27 ? 0.4674 0.4212 0.5238 -0.0319 0.0420  0.0070  593 GLU A OE1 
171 O OE2 . GLU A 27 ? 0.2995 0.2583 0.3817 -0.0377 0.0606  0.0019  593 GLU A OE2 
172 N N   . ALA A 28 ? 0.2203 0.2061 0.3019 -0.0194 0.0106  -0.0051 594 ALA A N   
173 C CA  . ALA A 28 ? 0.2003 0.1908 0.2903 -0.0173 0.0004  -0.0052 594 ALA A CA  
174 C C   . ALA A 28 ? 0.2353 0.2225 0.3123 -0.0170 -0.0074 -0.0033 594 ALA A C   
175 O O   . ALA A 28 ? 0.2218 0.2038 0.2853 -0.0170 -0.0050 -0.0020 594 ALA A O   
176 C CB  . ALA A 28 ? 0.1939 0.1849 0.2819 -0.0146 0.0007  -0.0060 594 ALA A CB  
177 N N   . SER A 29 ? 0.2227 0.2116 0.3031 -0.0165 -0.0165 -0.0029 595 SER A N   
178 C CA  . SER A 29 ? 0.2155 0.1991 0.2797 -0.0165 -0.0214 -0.0020 595 SER A CA  
179 C C   . SER A 29 ? 0.2577 0.2404 0.3146 -0.0140 -0.0238 0.0000  595 SER A C   
180 O O   . SER A 29 ? 0.2370 0.2229 0.3036 -0.0124 -0.0252 0.0010  595 SER A O   
181 C CB  . SER A 29 ? 0.2494 0.2319 0.3156 -0.0193 -0.0301 -0.0033 595 SER A CB  
182 O OG  . SER A 29 ? 0.3016 0.2883 0.3771 -0.0185 -0.0386 -0.0015 595 SER A OG  
183 N N   . ILE A 30 ? 0.2362 0.2139 0.2782 -0.0137 -0.0233 0.0006  596 ILE A N   
184 C CA  . ILE A 30 ? 0.2304 0.2057 0.2651 -0.0123 -0.0242 0.0029  596 ILE A CA  
185 C C   . ILE A 30 ? 0.2780 0.2486 0.3050 -0.0139 -0.0319 0.0044  596 ILE A C   
186 O O   . ILE A 30 ? 0.2671 0.2324 0.2831 -0.0163 -0.0334 0.0023  596 ILE A O   
187 C CB  . ILE A 30 ? 0.2643 0.2366 0.2896 -0.0117 -0.0187 0.0025  596 ILE A CB  
188 C CG1 . ILE A 30 ? 0.2630 0.2395 0.2938 -0.0104 -0.0145 0.0019  596 ILE A CG1 
189 C CG2 . ILE A 30 ? 0.2547 0.2238 0.2739 -0.0115 -0.0178 0.0048  596 ILE A CG2 
190 C CD1 . ILE A 30 ? 0.2903 0.2706 0.3267 -0.0098 -0.0139 0.0018  596 ILE A CD1 
191 N N   . LYS A 31 ? 0.2535 0.2245 0.2850 -0.0128 -0.0373 0.0080  597 LYS A N   
192 C CA  . LYS A 31 ? 0.2593 0.2245 0.2805 -0.0142 -0.0473 0.0113  597 LYS A CA  
193 C C   . LYS A 31 ? 0.3384 0.2937 0.3394 -0.0146 -0.0450 0.0151  597 LYS A C   
194 O O   . LYS A 31 ? 0.3259 0.2721 0.3068 -0.0172 -0.0503 0.0168  597 LYS A O   
195 C CB  . LYS A 31 ? 0.2760 0.2463 0.3164 -0.0122 -0.0564 0.0151  597 LYS A CB  
196 C CG  . LYS A 31 ? 0.3536 0.3324 0.4141 -0.0132 -0.0607 0.0118  597 LYS A CG  
197 C CD  . LYS A 31 ? 0.4161 0.3910 0.4646 -0.0174 -0.0715 0.0106  597 LYS A CD  
198 C CE  . LYS A 31 ? 0.5424 0.5256 0.6123 -0.0198 -0.0758 0.0066  597 LYS A CE  
199 N NZ  . LYS A 31 ? 0.4544 0.4312 0.5073 -0.0252 -0.0843 0.0033  597 LYS A NZ  
200 N N   . SER A 32 ? 0.2637 0.2198 0.2694 -0.0128 -0.0372 0.0164  598 SER A N   
201 C CA  . SER A 32 ? 0.2661 0.2133 0.2575 -0.0136 -0.0330 0.0205  598 SER A CA  
202 C C   . SER A 32 ? 0.3186 0.2704 0.3216 -0.0125 -0.0236 0.0187  598 SER A C   
203 O O   . SER A 32 ? 0.2936 0.2538 0.3125 -0.0110 -0.0225 0.0151  598 SER A O   
204 C CB  . SER A 32 ? 0.2975 0.2384 0.2864 -0.0127 -0.0416 0.0283  598 SER A CB  
205 O OG  . SER A 32 ? 0.3719 0.3004 0.3399 -0.0149 -0.0374 0.0333  598 SER A OG  
206 N N   . THR A 33 ? 0.2809 0.2262 0.2751 -0.0141 -0.0165 0.0209  599 THR A N   
207 C CA  . THR A 33 ? 0.2623 0.2120 0.2691 -0.0141 -0.0085 0.0190  599 THR A CA  
208 C C   . THR A 33 ? 0.3028 0.2442 0.3076 -0.0154 -0.0054 0.0246  599 THR A C   
209 O O   . THR A 33 ? 0.3310 0.2609 0.3177 -0.0169 -0.0060 0.0304  599 THR A O   
210 C CB  . THR A 33 ? 0.3735 0.3248 0.3779 -0.0153 0.0000  0.0153  599 THR A CB  
211 O OG1 . THR A 33 ? 0.3863 0.3259 0.3710 -0.0178 0.0055  0.0180  599 THR A OG1 
212 C CG2 . THR A 33 ? 0.2967 0.2540 0.3034 -0.0138 -0.0022 0.0106  599 THR A CG2 
213 N N   . GLU A 34 ? 0.2519 0.1976 0.2736 -0.0156 -0.0022 0.0229  600 GLU A N   
214 C CA  . GLU A 34 ? 0.2506 0.1882 0.2749 -0.0175 0.0026  0.0274  600 GLU A CA  
215 C C   . GLU A 34 ? 0.2937 0.2376 0.3331 -0.0201 0.0103  0.0225  600 GLU A C   
216 O O   . GLU A 34 ? 0.2842 0.2393 0.3343 -0.0195 0.0083  0.0161  600 GLU A O   
217 C CB  . GLU A 34 ? 0.2703 0.2052 0.3056 -0.0154 -0.0030 0.0298  600 GLU A CB  
218 C CG  . GLU A 34 ? 0.3511 0.2740 0.3741 -0.0139 -0.0091 0.0395  600 GLU A CG  
219 C CD  . GLU A 34 ? 0.4810 0.3892 0.4931 -0.0166 -0.0030 0.0478  600 GLU A CD  
220 O OE1 . GLU A 34 ? 0.3590 0.2564 0.3665 -0.0148 -0.0091 0.0569  600 GLU A OE1 
221 O OE2 . GLU A 34 ? 0.3730 0.2805 0.3834 -0.0205 0.0079  0.0459  600 GLU A OE2 
222 N N   . ILE A 35 ? 0.2938 0.2305 0.3346 -0.0234 0.0186  0.0260  601 ILE A N   
223 C CA  . ILE A 35 ? 0.2825 0.2259 0.3434 -0.0268 0.0252  0.0214  601 ILE A CA  
224 C C   . ILE A 35 ? 0.3185 0.2536 0.3877 -0.0288 0.0263  0.0243  601 ILE A C   
225 O O   . ILE A 35 ? 0.3026 0.2233 0.3594 -0.0292 0.0292  0.0329  601 ILE A O   
226 C CB  . ILE A 35 ? 0.3305 0.2734 0.3920 -0.0299 0.0374  0.0220  601 ILE A CB  
227 C CG1 . ILE A 35 ? 0.3306 0.2790 0.3839 -0.0274 0.0378  0.0190  601 ILE A CG1 
228 C CG2 . ILE A 35 ? 0.3026 0.2544 0.3927 -0.0340 0.0426  0.0173  601 ILE A CG2 
229 C CD1 . ILE A 35 ? 0.3858 0.3488 0.4524 -0.0245 0.0289  0.0127  601 ILE A CD1 
230 N N   . ASP A 36 ? 0.2770 0.2192 0.3653 -0.0303 0.0237  0.0173  602 ASP A N   
231 C CA  . ASP A 36 ? 0.2789 0.2124 0.3782 -0.0327 0.0257  0.0180  602 ASP A CA  
232 C C   . ASP A 36 ? 0.2909 0.2330 0.4123 -0.0376 0.0263  0.0086  602 ASP A C   
233 O O   . ASP A 36 ? 0.2698 0.2225 0.3950 -0.0370 0.0191  0.0005  602 ASP A O   
234 C CB  . ASP A 36 ? 0.3034 0.2321 0.3998 -0.0282 0.0185  0.0186  602 ASP A CB  
235 C CG  . ASP A 36 ? 0.4483 0.3640 0.5551 -0.0296 0.0217  0.0214  602 ASP A CG  
236 O OD1 . ASP A 36 ? 0.4102 0.3279 0.5330 -0.0324 0.0224  0.0127  602 ASP A OD1 
237 O OD2 . ASP A 36 ? 0.5744 0.4766 0.6722 -0.0283 0.0236  0.0325  602 ASP A OD2 
238 N N   . ASP A 37 ? 0.2676 0.2041 0.4024 -0.0431 0.0346  0.0099  603 ASP A N   
239 C CA  . ASP A 37 ? 0.2708 0.2147 0.4298 -0.0494 0.0346  0.0009  603 ASP A CA  
240 C C   . ASP A 37 ? 0.3087 0.2712 0.4767 -0.0500 0.0282  -0.0064 603 ASP A C   
241 O O   . ASP A 37 ? 0.2813 0.2515 0.4597 -0.0528 0.0199  -0.0156 603 ASP A O   
242 C CB  . ASP A 37 ? 0.2957 0.2328 0.4600 -0.0503 0.0300  -0.0055 603 ASP A CB  
243 C CG  . ASP A 37 ? 0.4536 0.3916 0.6412 -0.0585 0.0313  -0.0140 603 ASP A CG  
244 O OD1 . ASP A 37 ? 0.5020 0.4380 0.7043 -0.0637 0.0400  -0.0107 603 ASP A OD1 
245 O OD2 . ASP A 37 ? 0.5290 0.4685 0.7198 -0.0604 0.0244  -0.0247 603 ASP A OD2 
246 N N   . GLY A 38 ? 0.2553 0.2237 0.4195 -0.0477 0.0322  -0.0021 604 GLY A N   
247 C CA  . GLY A 38 ? 0.2400 0.2253 0.4167 -0.0472 0.0266  -0.0071 604 GLY A CA  
248 C C   . GLY A 38 ? 0.2706 0.2622 0.4325 -0.0419 0.0150  -0.0095 604 GLY A C   
249 O O   . GLY A 38 ? 0.2603 0.2647 0.4322 -0.0415 0.0076  -0.0132 604 GLY A O   
250 N N   . GLU A 39 ? 0.2270 0.2097 0.3671 -0.0380 0.0131  -0.0070 605 GLU A N   
251 C CA  . GLU A 39 ? 0.2296 0.2163 0.3554 -0.0336 0.0043  -0.0090 605 GLU A CA  
252 C C   . GLU A 39 ? 0.2788 0.2592 0.3859 -0.0287 0.0071  -0.0027 605 GLU A C   
253 O O   . GLU A 39 ? 0.2835 0.2536 0.3839 -0.0286 0.0130  0.0031  605 GLU A O   
254 C CB  . GLU A 39 ? 0.2649 0.2473 0.3862 -0.0347 -0.0010 -0.0148 605 GLU A CB  
255 C CG  . GLU A 39 ? 0.4308 0.4188 0.5643 -0.0403 -0.0072 -0.0236 605 GLU A CG  
256 C CD  . GLU A 39 ? 0.7881 0.7711 0.9094 -0.0410 -0.0118 -0.0308 605 GLU A CD  
257 O OE1 . GLU A 39 ? 0.8269 0.8100 0.9322 -0.0369 -0.0140 -0.0298 605 GLU A OE1 
258 O OE2 . GLU A 39 ? 0.7472 0.7248 0.8754 -0.0460 -0.0116 -0.0378 605 GLU A OE2 
259 N N   . VAL A 40 ? 0.2393 0.2247 0.3369 -0.0250 0.0018  -0.0032 606 VAL A N   
260 C CA  . VAL A 40 ? 0.2379 0.2182 0.3190 -0.0213 0.0025  0.0012  606 VAL A CA  
261 C C   . VAL A 40 ? 0.2641 0.2417 0.3383 -0.0194 -0.0023 -0.0001 606 VAL A C   
262 O O   . VAL A 40 ? 0.2681 0.2496 0.3442 -0.0200 -0.0063 -0.0053 606 VAL A O   
263 C CB  . VAL A 40 ? 0.2884 0.2747 0.3668 -0.0187 0.0017  0.0013  606 VAL A CB  
264 C CG1 . VAL A 40 ? 0.2661 0.2462 0.3279 -0.0161 0.0025  0.0046  606 VAL A CG1 
265 C CG2 . VAL A 40 ? 0.2924 0.2834 0.3847 -0.0200 0.0077  0.0014  606 VAL A CG2 
266 N N   . LEU A 41 ? 0.2194 0.1897 0.2852 -0.0174 -0.0021 0.0044  607 LEU A N   
267 C CA  . LEU A 41 ? 0.2142 0.1833 0.2787 -0.0150 -0.0058 0.0035  607 LEU A CA  
268 C C   . LEU A 41 ? 0.2801 0.2491 0.3346 -0.0126 -0.0085 0.0069  607 LEU A C   
269 O O   . LEU A 41 ? 0.2645 0.2299 0.3100 -0.0130 -0.0073 0.0108  607 LEU A O   
270 C CB  . LEU A 41 ? 0.2263 0.1872 0.2972 -0.0144 -0.0052 0.0061  607 LEU A CB  
271 C CG  . LEU A 41 ? 0.3021 0.2612 0.3843 -0.0175 -0.0019 0.0009  607 LEU A CG  
272 C CD1 . LEU A 41 ? 0.2959 0.2497 0.3813 -0.0204 0.0025  0.0051  607 LEU A CD1 
273 C CD2 . LEU A 41 ? 0.3309 0.2845 0.4224 -0.0156 -0.0013 -0.0013 607 LEU A CD2 
274 N N   . TYR A 42 ? 0.2286 0.2006 0.2844 -0.0110 -0.0114 0.0047  608 TYR A N   
275 C CA  . TYR A 42 ? 0.2226 0.1952 0.2719 -0.0097 -0.0146 0.0069  608 TYR A CA  
276 C C   . TYR A 42 ? 0.2473 0.2196 0.3049 -0.0078 -0.0183 0.0081  608 TYR A C   
277 O O   . TYR A 42 ? 0.2429 0.2173 0.3113 -0.0071 -0.0159 0.0045  608 TYR A O   
278 C CB  . TYR A 42 ? 0.2361 0.2141 0.2829 -0.0099 -0.0137 0.0033  608 TYR A CB  
279 C CG  . TYR A 42 ? 0.2372 0.2172 0.2810 -0.0106 -0.0116 0.0026  608 TYR A CG  
280 C CD1 . TYR A 42 ? 0.2537 0.2317 0.2914 -0.0105 -0.0100 0.0043  608 TYR A CD1 
281 C CD2 . TYR A 42 ? 0.2563 0.2399 0.3049 -0.0118 -0.0112 -0.0005 608 TYR A CD2 
282 C CE1 . TYR A 42 ? 0.2781 0.2590 0.3193 -0.0105 -0.0071 0.0036  608 TYR A CE1 
283 C CE2 . TYR A 42 ? 0.2709 0.2583 0.3224 -0.0121 -0.0112 -0.0006 608 TYR A CE2 
284 C CZ  . TYR A 42 ? 0.3051 0.2918 0.3552 -0.0110 -0.0086 0.0017  608 TYR A CZ  
285 O OH  . TYR A 42 ? 0.3250 0.3163 0.3839 -0.0105 -0.0075 0.0016  608 TYR A OH  
286 N N   . LEU A 43 ? 0.2100 0.1795 0.2629 -0.0073 -0.0242 0.0126  609 LEU A N   
287 C CA  . LEU A 43 ? 0.2073 0.1790 0.2733 -0.0054 -0.0301 0.0141  609 LEU A CA  
288 C C   . LEU A 43 ? 0.2624 0.2403 0.3303 -0.0064 -0.0299 0.0100  609 LEU A C   
289 O O   . LEU A 43 ? 0.2662 0.2427 0.3211 -0.0082 -0.0312 0.0098  609 LEU A O   
290 C CB  . LEU A 43 ? 0.2237 0.1893 0.2824 -0.0049 -0.0398 0.0215  609 LEU A CB  
291 C CG  . LEU A 43 ? 0.2695 0.2390 0.3446 -0.0029 -0.0497 0.0240  609 LEU A CG  
292 C CD1 . LEU A 43 ? 0.2715 0.2434 0.3732 0.0011  -0.0474 0.0241  609 LEU A CD1 
293 C CD2 . LEU A 43 ? 0.2928 0.2544 0.3531 -0.0034 -0.0620 0.0319  609 LEU A CD2 
294 N N   . VAL A 44 ? 0.2220 0.2053 0.3061 -0.0056 -0.0263 0.0064  610 VAL A N   
295 C CA  . VAL A 44 ? 0.2010 0.1888 0.2877 -0.0072 -0.0238 0.0030  610 VAL A CA  
296 C C   . VAL A 44 ? 0.2393 0.2325 0.3471 -0.0065 -0.0282 0.0034  610 VAL A C   
297 O O   . VAL A 44 ? 0.2310 0.2258 0.3569 -0.0039 -0.0293 0.0045  610 VAL A O   
298 C CB  . VAL A 44 ? 0.2336 0.2222 0.3178 -0.0082 -0.0136 -0.0017 610 VAL A CB  
299 C CG1 . VAL A 44 ? 0.2303 0.2155 0.2971 -0.0090 -0.0124 -0.0018 610 VAL A CG1 
300 C CG2 . VAL A 44 ? 0.2227 0.2117 0.3212 -0.0070 -0.0072 -0.0052 610 VAL A CG2 
301 N N   . HIS A 45 ? 0.1848 0.1807 0.2939 -0.0091 -0.0305 0.0023  611 HIS A N   
302 C CA  . HIS A 45 ? 0.1917 0.1947 0.3257 -0.0096 -0.0347 0.0017  611 HIS A CA  
303 C C   . HIS A 45 ? 0.2434 0.2493 0.3850 -0.0120 -0.0226 -0.0029 611 HIS A C   
304 O O   . HIS A 45 ? 0.2307 0.2329 0.3567 -0.0147 -0.0199 -0.0038 611 HIS A O   
305 C CB  . HIS A 45 ? 0.1981 0.2007 0.3273 -0.0123 -0.0479 0.0035  611 HIS A CB  
306 C CG  . HIS A 45 ? 0.2348 0.2465 0.3923 -0.0142 -0.0518 0.0015  611 HIS A CG  
307 N ND1 . HIS A 45 ? 0.2429 0.2628 0.4317 -0.0112 -0.0559 0.0032  611 HIS A ND1 
308 C CD2 . HIS A 45 ? 0.2401 0.2539 0.4027 -0.0188 -0.0501 -0.0023 611 HIS A CD2 
309 C CE1 . HIS A 45 ? 0.2399 0.2681 0.4534 -0.0144 -0.0573 0.0001  611 HIS A CE1 
310 N NE2 . HIS A 45 ? 0.2378 0.2622 0.4356 -0.0195 -0.0540 -0.0032 611 HIS A NE2 
311 N N   . TYR A 46 ? 0.2154 0.2261 0.3802 -0.0110 -0.0142 -0.0055 612 TYR A N   
312 C CA  . TYR A 46 ? 0.2064 0.2176 0.3756 -0.0141 -0.0003 -0.0095 612 TYR A CA  
313 C C   . TYR A 46 ? 0.2364 0.2537 0.4249 -0.0175 -0.0036 -0.0098 612 TYR A C   
314 O O   . TYR A 46 ? 0.2370 0.2629 0.4550 -0.0166 -0.0105 -0.0096 612 TYR A O   
315 C CB  . TYR A 46 ? 0.2177 0.2299 0.4028 -0.0124 0.0129  -0.0134 612 TYR A CB  
316 C CG  . TYR A 46 ? 0.2129 0.2178 0.3781 -0.0103 0.0163  -0.0146 612 TYR A CG  
317 C CD1 . TYR A 46 ? 0.2466 0.2436 0.3833 -0.0128 0.0241  -0.0164 612 TYR A CD1 
318 C CD2 . TYR A 46 ? 0.2146 0.2198 0.3898 -0.0062 0.0108  -0.0133 612 TYR A CD2 
319 C CE1 . TYR A 46 ? 0.2454 0.2365 0.3658 -0.0119 0.0256  -0.0185 612 TYR A CE1 
320 C CE2 . TYR A 46 ? 0.2447 0.2425 0.4035 -0.0053 0.0142  -0.0153 612 TYR A CE2 
321 C CZ  . TYR A 46 ? 0.3070 0.2986 0.4391 -0.0085 0.0211  -0.0185 612 TYR A CZ  
322 O OH  . TYR A 46 ? 0.2756 0.2609 0.3947 -0.0086 0.0232  -0.0215 612 TYR A OH  
323 N N   . TYR A 47 ? 0.1859 0.1986 0.3600 -0.0215 -0.0006 -0.0101 613 TYR A N   
324 C CA  . TYR A 47 ? 0.1729 0.1902 0.3661 -0.0260 -0.0042 -0.0114 613 TYR A CA  
325 C C   . TYR A 47 ? 0.2273 0.2540 0.4579 -0.0275 0.0044  -0.0141 613 TYR A C   
326 O O   . TYR A 47 ? 0.2158 0.2401 0.4473 -0.0273 0.0212  -0.0158 613 TYR A O   
327 C CB  . TYR A 47 ? 0.1742 0.1829 0.3489 -0.0300 0.0021  -0.0114 613 TYR A CB  
328 C CG  . TYR A 47 ? 0.1907 0.1907 0.3344 -0.0287 -0.0045 -0.0094 613 TYR A CG  
329 C CD1 . TYR A 47 ? 0.2157 0.2152 0.3543 -0.0293 -0.0185 -0.0098 613 TYR A CD1 
330 C CD2 . TYR A 47 ? 0.2031 0.1946 0.3228 -0.0271 0.0035  -0.0072 613 TYR A CD2 
331 C CE1 . TYR A 47 ? 0.2227 0.2135 0.3346 -0.0282 -0.0213 -0.0089 613 TYR A CE1 
332 C CE2 . TYR A 47 ? 0.1953 0.1802 0.2931 -0.0256 -0.0015 -0.0056 613 TYR A CE2 
333 C CZ  . TYR A 47 ? 0.2312 0.2156 0.3261 -0.0261 -0.0124 -0.0069 613 TYR A CZ  
334 O OH  . TYR A 47 ? 0.2399 0.2170 0.3153 -0.0246 -0.0138 -0.0061 613 TYR A OH  
335 N N   . GLY A 48 ? 0.2227 0.2597 0.4836 -0.0290 -0.0073 -0.0148 614 GLY A N   
336 C CA  . GLY A 48 ? 0.2315 0.2803 0.5373 -0.0305 -0.0006 -0.0175 614 GLY A CA  
337 C C   . GLY A 48 ? 0.3073 0.3630 0.6379 -0.0245 0.0024  -0.0176 614 GLY A C   
338 O O   . GLY A 48 ? 0.2970 0.3627 0.6686 -0.0248 0.0113  -0.0204 614 GLY A O   
339 N N   . TRP A 49 ? 0.2806 0.3306 0.5890 -0.0190 -0.0034 -0.0147 615 TRP A N   
340 C CA  A TRP A 49 ? 0.2760 0.3298 0.6064 -0.0128 -0.0015 -0.0145 615 TRP A CA  
341 C CA  B TRP A 49 ? 0.2922 0.3456 0.6214 -0.0127 -0.0014 -0.0144 615 TRP A CA  
342 C C   . TRP A 49 ? 0.3203 0.3788 0.6609 -0.0088 -0.0251 -0.0085 615 TRP A C   
343 O O   . TRP A 49 ? 0.2982 0.3519 0.6116 -0.0105 -0.0407 -0.0050 615 TRP A O   
344 C CB  A TRP A 49 ? 0.2598 0.3019 0.5597 -0.0102 0.0108  -0.0159 615 TRP A CB  
345 C CB  B TRP A 49 ? 0.2905 0.3316 0.5860 -0.0100 0.0084  -0.0151 615 TRP A CB  
346 C CG  A TRP A 49 ? 0.2808 0.3172 0.5725 -0.0137 0.0342  -0.0214 615 TRP A CG  
347 C CG  B TRP A 49 ? 0.3225 0.3567 0.6059 -0.0125 0.0317  -0.0207 615 TRP A CG  
348 C CD1 A TRP A 49 ? 0.3227 0.3507 0.5833 -0.0186 0.0415  -0.0217 615 TRP A CD1 
349 C CD1 B TRP A 49 ? 0.3681 0.4004 0.6473 -0.0182 0.0447  -0.0231 615 TRP A CD1 
350 C CD2 A TRP A 49 ? 0.2915 0.3287 0.6060 -0.0129 0.0540  -0.0273 615 TRP A CD2 
351 C CD2 B TRP A 49 ? 0.3357 0.3604 0.6004 -0.0105 0.0433  -0.0241 615 TRP A CD2 
352 N NE1 A TRP A 49 ? 0.3346 0.3571 0.5927 -0.0212 0.0635  -0.0264 615 TRP A NE1 
353 N NE1 B TRP A 49 ? 0.3814 0.4034 0.6397 -0.0195 0.0637  -0.0271 615 TRP A NE1 
354 C CE2 A TRP A 49 ? 0.3555 0.3831 0.6453 -0.0181 0.0728  -0.0307 615 TRP A CE2 
355 C CE2 B TRP A 49 ? 0.4029 0.4204 0.6510 -0.0152 0.0624  -0.0285 615 TRP A CE2 
356 C CE3 A TRP A 49 ? 0.3139 0.3572 0.6665 -0.0078 0.0584  -0.0299 615 TRP A CE3 
357 C CE3 B TRP A 49 ? 0.3549 0.3754 0.6144 -0.0058 0.0391  -0.0238 615 TRP A CE3 
358 C CZ2 A TRP A 49 ? 0.3625 0.3856 0.6600 -0.0195 0.0967  -0.0375 615 TRP A CZ2 
359 C CZ2 B TRP A 49 ? 0.4095 0.4158 0.6347 -0.0155 0.0763  -0.0336 615 TRP A CZ2 
360 C CZ3 A TRP A 49 ? 0.3463 0.3863 0.7115 -0.0086 0.0831  -0.0375 615 TRP A CZ3 
361 C CZ3 B TRP A 49 ? 0.3865 0.3969 0.6272 -0.0063 0.0536  -0.0296 615 TRP A CZ3 
362 C CH2 A TRP A 49 ? 0.3684 0.3978 0.7042 -0.0148 0.1026  -0.0416 615 TRP A CH2 
363 C CH2 B TRP A 49 ? 0.4082 0.4117 0.6307 -0.0113 0.0712  -0.0348 615 TRP A CH2 
364 N N   . ASN A 50 ? 0.2854 0.3519 0.6640 -0.0034 -0.0273 -0.0073 616 ASN A N   
365 C CA  . ASN A 50 ? 0.2850 0.3550 0.6757 0.0012  -0.0502 0.0001  616 ASN A CA  
366 C C   . ASN A 50 ? 0.3575 0.4129 0.7031 0.0036  -0.0558 0.0049  616 ASN A C   
367 O O   . ASN A 50 ? 0.3305 0.3770 0.6556 0.0044  -0.0399 0.0018  616 ASN A O   
368 C CB  . ASN A 50 ? 0.3034 0.3824 0.7455 0.0080  -0.0468 0.0006  616 ASN A CB  
369 C CG  . ASN A 50 ? 0.5517 0.6368 1.0167 0.0130  -0.0730 0.0098  616 ASN A CG  
370 O OD1 . ASN A 50 ? 0.4452 0.5203 0.8874 0.0171  -0.0837 0.0170  616 ASN A OD1 
371 N ND2 . ASN A 50 ? 0.4621 0.5632 0.9728 0.0124  -0.0843 0.0103  616 ASN A ND2 
372 N N   . VAL A 51 ? 0.3349 0.3875 0.6643 0.0035  -0.0781 0.0121  617 VAL A N   
373 C CA  A VAL A 51 ? 0.3471 0.3860 0.6356 0.0048  -0.0843 0.0177  617 VAL A CA  
374 C CA  B VAL A 51 ? 0.3476 0.3865 0.6364 0.0048  -0.0843 0.0176  617 VAL A CA  
375 C C   . VAL A 51 ? 0.3999 0.4334 0.6972 0.0115  -0.0773 0.0206  617 VAL A C   
376 O O   . VAL A 51 ? 0.3867 0.4083 0.6526 0.0118  -0.0736 0.0224  617 VAL A O   
377 C CB  A VAL A 51 ? 0.4178 0.4539 0.6905 0.0030  -0.1094 0.0249  617 VAL A CB  
378 C CB  B VAL A 51 ? 0.4191 0.4552 0.6916 0.0029  -0.1092 0.0249  617 VAL A CB  
379 C CG1 A VAL A 51 ? 0.4290 0.4494 0.6601 0.0040  -0.1139 0.0315  617 VAL A CG1 
380 C CG1 B VAL A 51 ? 0.4271 0.4689 0.7322 0.0083  -0.1278 0.0332  617 VAL A CG1 
381 C CG2 A VAL A 51 ? 0.4159 0.4545 0.6765 -0.0046 -0.1137 0.0196  617 VAL A CG2 
382 C CG2 B VAL A 51 ? 0.4274 0.4476 0.6497 0.0015  -0.1106 0.0285  617 VAL A CG2 
383 N N   . ARG A 52 ? 0.3674 0.4092 0.7104 0.0165  -0.0734 0.0199  618 ARG A N   
384 C CA  . ARG A 52 ? 0.3667 0.4021 0.7217 0.0228  -0.0648 0.0212  618 ARG A CA  
385 C C   . ARG A 52 ? 0.3820 0.4087 0.7125 0.0203  -0.0422 0.0123  618 ARG A C   
386 O O   . ARG A 52 ? 0.3797 0.3970 0.7064 0.0235  -0.0356 0.0123  618 ARG A O   
387 C CB  . ARG A 52 ? 0.3446 0.3907 0.7577 0.0290  -0.0631 0.0208  618 ARG A CB  
388 C CG  . ARG A 52 ? 0.4573 0.5099 0.8950 0.0274  -0.0383 0.0088  618 ARG A CG  
389 C CD  . ARG A 52 ? 0.5961 0.6587 1.0949 0.0342  -0.0343 0.0081  618 ARG A CD  
390 N NE  . ARG A 52 ? 0.6980 0.7781 1.2353 0.0336  -0.0486 0.0110  618 ARG A NE  
391 C CZ  . ARG A 52 ? 0.8667 0.9587 1.4328 0.0298  -0.0352 0.0029  618 ARG A CZ  
392 N NH1 . ARG A 52 ? 0.6655 0.7740 1.2695 0.0288  -0.0507 0.0057  618 ARG A NH1 
393 N NH2 . ARG A 52 ? 0.6977 0.7845 1.2548 0.0265  -0.0064 -0.0078 618 ARG A NH2 
394 N N   . TYR A 53 ? 0.3013 0.3301 0.6147 0.0143  -0.0315 0.0051  619 TYR A N   
395 C CA  . TYR A 53 ? 0.2814 0.3021 0.5692 0.0114  -0.0130 -0.0025 619 TYR A CA  
396 C C   . TYR A 53 ? 0.2773 0.2895 0.5207 0.0079  -0.0176 -0.0003 619 TYR A C   
397 O O   . TYR A 53 ? 0.2493 0.2550 0.4712 0.0056  -0.0056 -0.0056 619 TYR A O   
398 C CB  . TYR A 53 ? 0.3055 0.3313 0.6017 0.0073  0.0035  -0.0107 619 TYR A CB  
399 C CG  . TYR A 53 ? 0.3481 0.3818 0.6913 0.0105  0.0134  -0.0146 619 TYR A CG  
400 C CD1 . TYR A 53 ? 0.3854 0.4134 0.7415 0.0138  0.0286  -0.0203 619 TYR A CD1 
401 C CD2 . TYR A 53 ? 0.3581 0.4052 0.7355 0.0097  0.0084  -0.0135 619 TYR A CD2 
402 C CE1 . TYR A 53 ? 0.4279 0.4629 0.8306 0.0171  0.0402  -0.0247 619 TYR A CE1 
403 C CE2 . TYR A 53 ? 0.3775 0.4336 0.8044 0.0127  0.0189  -0.0174 619 TYR A CE2 
404 C CZ  . TYR A 53 ? 0.5126 0.5623 0.9523 0.0169  0.0356  -0.0230 619 TYR A CZ  
405 O OH  . TYR A 53 ? 0.5481 0.6063 1.0397 0.0203  0.0484  -0.0276 619 TYR A OH  
406 N N   . ASP A 54 ? 0.2136 0.2253 0.4432 0.0074  -0.0346 0.0071  620 ASP A N   
407 C CA  . ASP A 54 ? 0.2184 0.2218 0.4095 0.0045  -0.0375 0.0092  620 ASP A CA  
408 C C   . ASP A 54 ? 0.2923 0.2870 0.4751 0.0066  -0.0317 0.0095  620 ASP A C   
409 O O   . ASP A 54 ? 0.2797 0.2727 0.4833 0.0109  -0.0333 0.0123  620 ASP A O   
410 C CB  . ASP A 54 ? 0.2425 0.2439 0.4209 0.0039  -0.0552 0.0168  620 ASP A CB  
411 C CG  . ASP A 54 ? 0.3354 0.3428 0.5134 -0.0002 -0.0617 0.0149  620 ASP A CG  
412 O OD1 . ASP A 54 ? 0.3092 0.3246 0.5075 -0.0015 -0.0542 0.0096  620 ASP A OD1 
413 O OD2 . ASP A 54 ? 0.3898 0.3922 0.5451 -0.0028 -0.0723 0.0180  620 ASP A OD2 
414 N N   . GLU A 55 ? 0.2553 0.2449 0.4130 0.0036  -0.0243 0.0060  621 GLU A N   
415 C CA  . GLU A 55 ? 0.2720 0.2541 0.4252 0.0044  -0.0185 0.0047  621 GLU A CA  
416 C C   . GLU A 55 ? 0.2608 0.2380 0.3869 0.0011  -0.0181 0.0051  621 GLU A C   
417 O O   . GLU A 55 ? 0.2510 0.2309 0.3617 -0.0016 -0.0184 0.0039  621 GLU A O   
418 C CB  . GLU A 55 ? 0.3017 0.2834 0.4671 0.0044  -0.0046 -0.0044 621 GLU A CB  
419 C CG  . GLU A 55 ? 0.3515 0.3348 0.5002 0.0001  0.0041  -0.0113 621 GLU A CG  
420 C CD  . GLU A 55 ? 0.4321 0.4105 0.5808 -0.0015 0.0177  -0.0208 621 GLU A CD  
421 O OE1 . GLU A 55 ? 0.4577 0.4291 0.6022 -0.0020 0.0200  -0.0238 621 GLU A OE1 
422 O OE2 . GLU A 55 ? 0.3824 0.3628 0.5337 -0.0031 0.0270  -0.0257 621 GLU A OE2 
423 N N   . TRP A 56 ? 0.2153 0.1852 0.3391 0.0014  -0.0168 0.0066  622 TRP A N   
424 C CA  . TRP A 56 ? 0.2143 0.1806 0.3191 -0.0019 -0.0149 0.0063  622 TRP A CA  
425 C C   . TRP A 56 ? 0.2623 0.2297 0.3652 -0.0045 -0.0067 -0.0029 622 TRP A C   
426 O O   . TRP A 56 ? 0.2638 0.2286 0.3788 -0.0039 -0.0009 -0.0083 622 TRP A O   
427 C CB  . TRP A 56 ? 0.2103 0.1675 0.3155 -0.0013 -0.0166 0.0125  622 TRP A CB  
428 C CG  . TRP A 56 ? 0.2363 0.1896 0.3329 -0.0001 -0.0256 0.0225  622 TRP A CG  
429 C CD1 . TRP A 56 ? 0.2795 0.2298 0.3865 0.0037  -0.0341 0.0299  622 TRP A CD1 
430 C CD2 . TRP A 56 ? 0.2384 0.1895 0.3124 -0.0029 -0.0276 0.0260  622 TRP A CD2 
431 N NE1 . TRP A 56 ? 0.2809 0.2262 0.3685 0.0027  -0.0425 0.0380  622 TRP A NE1 
432 C CE2 . TRP A 56 ? 0.2842 0.2292 0.3507 -0.0015 -0.0373 0.0350  622 TRP A CE2 
433 C CE3 . TRP A 56 ? 0.2496 0.2025 0.3100 -0.0063 -0.0220 0.0224  622 TRP A CE3 
434 C CZ2 . TRP A 56 ? 0.2871 0.2259 0.3284 -0.0043 -0.0396 0.0392  622 TRP A CZ2 
435 C CZ3 . TRP A 56 ? 0.2670 0.2155 0.3081 -0.0081 -0.0233 0.0263  622 TRP A CZ3 
436 C CH2 . TRP A 56 ? 0.2810 0.2216 0.3105 -0.0075 -0.0310 0.0342  622 TRP A CH2 
437 N N   . VAL A 57 ? 0.2219 0.1927 0.3098 -0.0073 -0.0064 -0.0051 623 VAL A N   
438 C CA  . VAL A 57 ? 0.2260 0.1972 0.3074 -0.0103 -0.0017 -0.0128 623 VAL A CA  
439 C C   . VAL A 57 ? 0.2618 0.2338 0.3345 -0.0132 -0.0040 -0.0128 623 VAL A C   
440 O O   . VAL A 57 ? 0.2421 0.2159 0.3106 -0.0128 -0.0070 -0.0075 623 VAL A O   
441 C CB  . VAL A 57 ? 0.2606 0.2357 0.3348 -0.0109 0.0007  -0.0154 623 VAL A CB  
442 C CG1 . VAL A 57 ? 0.2581 0.2348 0.3469 -0.0084 0.0039  -0.0153 623 VAL A CG1 
443 C CG2 . VAL A 57 ? 0.2440 0.2230 0.3070 -0.0112 -0.0040 -0.0111 623 VAL A CG2 
444 N N   . LYS A 58 ? 0.2511 0.2213 0.3212 -0.0165 -0.0022 -0.0196 624 LYS A N   
445 C CA  . LYS A 58 ? 0.2536 0.2268 0.3201 -0.0197 -0.0057 -0.0207 624 LYS A CA  
446 C C   . LYS A 58 ? 0.3233 0.3024 0.3789 -0.0194 -0.0096 -0.0190 624 LYS A C   
447 O O   . LYS A 58 ? 0.2804 0.2593 0.3279 -0.0184 -0.0084 -0.0195 624 LYS A O   
448 C CB  . LYS A 58 ? 0.2993 0.2686 0.3657 -0.0244 -0.0049 -0.0298 624 LYS A CB  
449 C CG  . LYS A 58 ? 0.5513 0.5135 0.6314 -0.0253 -0.0010 -0.0313 624 LYS A CG  
450 N N   . ALA A 59 ? 0.3156 0.2996 0.3736 -0.0202 -0.0135 -0.0166 625 ALA A N   
451 C CA  . ALA A 59 ? 0.3193 0.3085 0.3718 -0.0190 -0.0177 -0.0138 625 ALA A CA  
452 C C   . ALA A 59 ? 0.3738 0.3624 0.4129 -0.0204 -0.0214 -0.0168 625 ALA A C   
453 O O   . ALA A 59 ? 0.3650 0.3538 0.3962 -0.0184 -0.0222 -0.0130 625 ALA A O   
454 C CB  . ALA A 59 ? 0.3298 0.3250 0.3939 -0.0198 -0.0203 -0.0123 625 ALA A CB  
455 N N   . ASP A 60 ? 0.3475 0.3329 0.3814 -0.0245 -0.0230 -0.0236 626 ASP A N   
456 C CA  . ASP A 60 ? 0.3667 0.3486 0.3812 -0.0272 -0.0265 -0.0268 626 ASP A CA  
457 C C   . ASP A 60 ? 0.3950 0.3700 0.3962 -0.0262 -0.0184 -0.0270 626 ASP A C   
458 O O   . ASP A 60 ? 0.3988 0.3688 0.3798 -0.0283 -0.0194 -0.0278 626 ASP A O   
459 C CB  . ASP A 60 ? 0.4222 0.4006 0.4317 -0.0331 -0.0303 -0.0357 626 ASP A CB  
460 C CG  . ASP A 60 ? 0.6234 0.5945 0.6382 -0.0350 -0.0213 -0.0432 626 ASP A CG  
461 O OD1 . ASP A 60 ? 0.6019 0.5705 0.6230 -0.0314 -0.0123 -0.0413 626 ASP A OD1 
462 O OD2 . ASP A 60 ? 0.7618 0.7296 0.7767 -0.0402 -0.0238 -0.0513 626 ASP A OD2 
463 N N   . ARG A 61 ? 0.3441 0.3187 0.3565 -0.0233 -0.0106 -0.0258 627 ARG A N   
464 C CA  . ARG A 61 ? 0.3287 0.2993 0.3363 -0.0225 -0.0022 -0.0260 627 ARG A CA  
465 C C   . ARG A 61 ? 0.3197 0.2933 0.3266 -0.0197 -0.0033 -0.0186 627 ARG A C   
466 O O   . ARG A 61 ? 0.3168 0.2873 0.3195 -0.0200 0.0034  -0.0182 627 ARG A O   
467 C CB  . ARG A 61 ? 0.3095 0.2789 0.3341 -0.0208 0.0053  -0.0289 627 ARG A CB  
468 C CG  . ARG A 61 ? 0.3949 0.3572 0.4176 -0.0240 0.0107  -0.0383 627 ARG A CG  
469 C CD  . ARG A 61 ? 0.4083 0.3689 0.4523 -0.0212 0.0177  -0.0402 627 ARG A CD  
470 N NE  . ARG A 61 ? 0.3736 0.3356 0.4262 -0.0187 0.0250  -0.0387 627 ARG A NE  
471 C CZ  . ARG A 61 ? 0.5197 0.4836 0.5963 -0.0147 0.0281  -0.0372 627 ARG A CZ  
472 N NH1 . ARG A 61 ? 0.3198 0.2822 0.4108 -0.0127 0.0251  -0.0362 627 ARG A NH1 
473 N NH2 . ARG A 61 ? 0.3854 0.3526 0.4734 -0.0131 0.0339  -0.0363 627 ARG A NH2 
474 N N   . ILE A 62 ? 0.2708 0.2496 0.2836 -0.0176 -0.0099 -0.0134 628 ILE A N   
475 C CA  . ILE A 62 ? 0.2574 0.2374 0.2706 -0.0151 -0.0107 -0.0073 628 ILE A CA  
476 C C   . ILE A 62 ? 0.3077 0.2854 0.3072 -0.0154 -0.0150 -0.0036 628 ILE A C   
477 O O   . ILE A 62 ? 0.2786 0.2583 0.2750 -0.0159 -0.0225 -0.0034 628 ILE A O   
478 C CB  . ILE A 62 ? 0.2703 0.2549 0.2957 -0.0126 -0.0135 -0.0042 628 ILE A CB  
479 C CG1 . ILE A 62 ? 0.2631 0.2478 0.2986 -0.0123 -0.0114 -0.0056 628 ILE A CG1 
480 C CG2 . ILE A 62 ? 0.2496 0.2330 0.2745 -0.0106 -0.0130 0.0000  628 ILE A CG2 
481 C CD1 . ILE A 62 ? 0.2905 0.2739 0.3305 -0.0117 -0.0082 -0.0055 628 ILE A CD1 
482 N N   . ILE A 63 ? 0.2579 0.2311 0.2512 -0.0151 -0.0109 -0.0002 629 ILE A N   
483 C CA  . ILE A 63 ? 0.2748 0.2435 0.2556 -0.0146 -0.0146 0.0058  629 ILE A CA  
484 C C   . ILE A 63 ? 0.2969 0.2671 0.2901 -0.0113 -0.0145 0.0101  629 ILE A C   
485 O O   . ILE A 63 ? 0.2711 0.2392 0.2689 -0.0118 -0.0083 0.0099  629 ILE A O   
486 C CB  . ILE A 63 ? 0.3321 0.2910 0.2933 -0.0177 -0.0081 0.0067  629 ILE A CB  
487 C CG1 . ILE A 63 ? 0.3508 0.3059 0.2971 -0.0218 -0.0060 0.0001  629 ILE A CG1 
488 C CG2 . ILE A 63 ? 0.3542 0.3062 0.3015 -0.0167 -0.0132 0.0156  629 ILE A CG2 
489 C CD1 . ILE A 63 ? 0.4450 0.3910 0.3787 -0.0255 0.0076  -0.0027 629 ILE A CD1 
490 N N   . TRP A 64 ? 0.2622 0.2364 0.2635 -0.0082 -0.0212 0.0130  630 TRP A N   
491 C CA  . TRP A 64 ? 0.2516 0.2254 0.2640 -0.0051 -0.0194 0.0154  630 TRP A CA  
492 C C   . TRP A 64 ? 0.2987 0.2645 0.3055 -0.0039 -0.0187 0.0216  630 TRP A C   
493 O O   . TRP A 64 ? 0.2893 0.2512 0.2850 -0.0037 -0.0234 0.0266  630 TRP A O   
494 C CB  . TRP A 64 ? 0.2378 0.2180 0.2641 -0.0022 -0.0236 0.0155  630 TRP A CB  
495 C CG  . TRP A 64 ? 0.2495 0.2357 0.2821 -0.0039 -0.0227 0.0104  630 TRP A CG  
496 C CD1 . TRP A 64 ? 0.2906 0.2817 0.3248 -0.0056 -0.0274 0.0083  630 TRP A CD1 
497 C CD2 . TRP A 64 ? 0.2375 0.2233 0.2738 -0.0047 -0.0173 0.0073  630 TRP A CD2 
498 N NE1 . TRP A 64 ? 0.2779 0.2713 0.3182 -0.0071 -0.0237 0.0044  630 TRP A NE1 
499 C CE2 . TRP A 64 ? 0.2889 0.2790 0.3297 -0.0062 -0.0180 0.0046  630 TRP A CE2 
500 C CE3 . TRP A 64 ? 0.2608 0.2423 0.2961 -0.0046 -0.0129 0.0066  630 TRP A CE3 
501 C CZ2 . TRP A 64 ? 0.2786 0.2675 0.3210 -0.0073 -0.0142 0.0028  630 TRP A CZ2 
502 C CZ3 . TRP A 64 ? 0.2713 0.2523 0.3065 -0.0059 -0.0108 0.0042  630 TRP A CZ3 
503 C CH2 . TRP A 64 ? 0.2739 0.2582 0.3122 -0.0070 -0.0113 0.0032  630 TRP A CH2 
504 N N   . PRO A 65 ? 0.2598 0.2218 0.2739 -0.0032 -0.0136 0.0214  631 PRO A N   
505 C CA  . PRO A 65 ? 0.2695 0.2219 0.2808 -0.0021 -0.0118 0.0274  631 PRO A CA  
506 C C   . PRO A 65 ? 0.3163 0.2678 0.3358 0.0032  -0.0173 0.0331  631 PRO A C   
507 O O   . PRO A 65 ? 0.2914 0.2511 0.3195 0.0057  -0.0229 0.0322  631 PRO A O   
508 C CB  . PRO A 65 ? 0.2848 0.2342 0.3035 -0.0042 -0.0050 0.0230  631 PRO A CB  
509 C CG  . PRO A 65 ? 0.3079 0.2644 0.3344 -0.0036 -0.0059 0.0170  631 PRO A CG  
510 C CD  . PRO A 65 ? 0.2566 0.2210 0.2792 -0.0042 -0.0096 0.0157  631 PRO A CD  
511 N N   . LEU A 66 ? 0.3029 0.2443 0.3230 0.0052  -0.0157 0.0393  632 LEU A N   
512 C CA  . LEU A 66 ? 0.3105 0.2498 0.3425 0.0115  -0.0211 0.0460  632 LEU A CA  
513 C C   . LEU A 66 ? 0.3619 0.3041 0.4146 0.0147  -0.0165 0.0403  632 LEU A C   
514 O O   . LEU A 66 ? 0.3474 0.2931 0.4169 0.0203  -0.0202 0.0432  632 LEU A O   
515 C CB  . LEU A 66 ? 0.3417 0.2663 0.3674 0.0127  -0.0200 0.0555  632 LEU A CB  
516 C CG  . LEU A 66 ? 0.4335 0.3513 0.4347 0.0098  -0.0240 0.0633  632 LEU A CG  
517 C CD1 . LEU A 66 ? 0.4754 0.3760 0.4707 0.0106  -0.0204 0.0736  632 LEU A CD1 
518 C CD2 . LEU A 66 ? 0.4910 0.4152 0.4865 0.0123  -0.0382 0.0683  632 LEU A CD2 
519 N N   . ASP A 67 ? 0.3564 0.2959 0.4085 0.0112  -0.0080 0.0326  633 ASP A N   
520 C CA  . ASP A 67 ? 0.3784 0.3172 0.4429 0.0126  -0.0017 0.0257  633 ASP A CA  
521 C C   . ASP A 67 ? 0.4486 0.3901 0.5046 0.0072  0.0022  0.0168  633 ASP A C   
522 O O   . ASP A 67 ? 0.3972 0.3403 0.4429 0.0028  0.0005  0.0161  633 ASP A O   
523 C CB  . ASP A 67 ? 0.4247 0.3503 0.4970 0.0148  0.0043  0.0266  633 ASP A CB  
524 C CG  . ASP A 67 ? 0.5733 0.4893 0.6349 0.0098  0.0071  0.0271  633 ASP A CG  
525 O OD1 . ASP A 67 ? 0.5576 0.4735 0.6134 0.0041  0.0105  0.0190  633 ASP A OD1 
526 O OD2 . ASP A 67 ? 0.6884 0.5965 0.7484 0.0112  0.0056  0.0359  633 ASP A OD2 
527 N N   . LYS A 68 ? 0.4638 0.4046 0.5244 0.0075  0.0077  0.0102  634 LYS A N   
528 C CA  . LYS A 68 ? 0.4900 0.4314 0.5398 0.0026  0.0098  0.0029  634 LYS A CA  
529 C C   . LYS A 68 ? 0.5807 0.5142 0.6217 -0.0025 0.0106  -0.0013 634 LYS A C   
530 O O   . LYS A 68 ? 0.5863 0.5231 0.6189 -0.0067 0.0072  -0.0041 634 LYS A O   
531 C CB  . LYS A 68 ? 0.5280 0.4679 0.5807 0.0037  0.0169  -0.0024 634 LYS A CB  
532 C CG  . LYS A 68 ? 0.5078 0.4523 0.5494 0.0002  0.0161  -0.0053 634 LYS A CG  
533 C CD  . LYS A 68 ? 0.5317 0.4717 0.5729 0.0004  0.0260  -0.0103 634 LYS A CD  
534 C CE  . LYS A 68 ? 0.5320 0.4719 0.5569 -0.0040 0.0258  -0.0122 634 LYS A CE  
535 N NZ  . LYS A 68 ? 0.5629 0.4933 0.5788 -0.0057 0.0375  -0.0178 634 LYS A NZ  
536 N N   . GLY A 69 ? 0.5520 0.4752 0.5978 -0.0021 0.0144  -0.0015 635 GLY A N   
537 C CA  . GLY A 69 ? 0.8238 0.7390 0.8655 -0.0077 0.0152  -0.0063 635 GLY A CA  
# 
